data_7RCJ
#
_entry.id   7RCJ
#
_cell.length_a   122.246
_cell.length_b   81.667
_cell.length_c   126.555
_cell.angle_alpha   90.000
_cell.angle_beta   112.990
_cell.angle_gamma   90.000
#
_symmetry.space_group_name_H-M   'P 1 2 1'
#
loop_
_entity.id
_entity.type
_entity.pdbx_description
1 polymer 'High-affinity zinc uptake system protein ZnuA'
2 non-polymer 'ZINC ION'
3 non-polymer 6-tungstotellurate(VI)
#
_entity_poly.entity_id   1
_entity_poly.type   'polypeptide(L)'
_entity_poly.pdbx_seq_one_letter_code
;MISRIMLHKNTLLFAALSAALWGGATQAANAAVVASLKPLGFIASAIADGVTDTQVLLPDGASEHDYSLRPSDVKRLQGA
DLVVWIGPEMEAFMEKSVKNIPDGKQVTIAQLADVKPLLMKGADDDHDHGHEHGEKGDAHHHHGDYNMHLWLSPEIARAS
AVAIHEKLVELMPQSRAKLDANLKDFEAQLAATDKQVGNELAPLKGKGYFVFHDAYGYYEKHYGLTPLGHFTVNPEIQPG
AQRLHEIRTQLVEQKATCVFAEPQFRPAVVEAVARGTSVRMGTLDPLGTNIKLGKTSYSAFLNQLANQYASCLKGD
;
_entity_poly.pdbx_strand_id   A,B,C,D,E,F
#
# COMPACT_ATOMS: atom_id res chain seq x y z
N ALA A 32 -23.15 -14.94 38.51
CA ALA A 32 -22.46 -14.63 37.23
C ALA A 32 -21.39 -13.56 37.43
N VAL A 33 -20.41 -13.55 36.55
CA VAL A 33 -19.47 -12.46 36.46
C VAL A 33 -20.05 -11.45 35.49
N VAL A 34 -20.26 -10.24 35.97
CA VAL A 34 -20.86 -9.20 35.14
C VAL A 34 -19.77 -8.19 34.80
N ALA A 35 -19.38 -8.21 33.53
CA ALA A 35 -18.44 -7.25 32.96
C ALA A 35 -19.16 -6.06 32.35
N SER A 36 -18.55 -4.89 32.43
CA SER A 36 -19.14 -3.71 31.90
C SER A 36 -19.03 -3.68 30.37
N LEU A 37 -17.83 -3.91 29.82
CA LEU A 37 -17.61 -3.85 28.36
C LEU A 37 -17.27 -5.22 27.83
N LYS A 38 -17.51 -5.43 26.55
CA LYS A 38 -17.41 -6.76 26.01
C LYS A 38 -15.99 -7.34 26.09
N PRO A 39 -14.95 -6.51 26.00
CA PRO A 39 -13.67 -7.22 26.03
C PRO A 39 -13.26 -7.55 27.45
N LEU A 40 -13.81 -6.84 28.41
CA LEU A 40 -13.69 -7.26 29.83
C LEU A 40 -14.46 -8.55 30.05
N GLY A 41 -15.58 -8.70 29.35
CA GLY A 41 -16.21 -10.00 29.28
C GLY A 41 -15.24 -11.06 28.77
N PHE A 42 -14.63 -10.81 27.62
CA PHE A 42 -13.76 -11.79 26.99
C PHE A 42 -12.76 -12.37 27.97
N ILE A 43 -12.29 -11.49 28.86
CA ILE A 43 -11.29 -11.87 29.85
C ILE A 43 -11.96 -12.71 30.93
N ALA A 44 -12.96 -12.13 31.56
CA ALA A 44 -13.67 -12.85 32.58
C ALA A 44 -14.19 -14.17 32.03
N SER A 45 -14.64 -14.21 30.79
CA SER A 45 -15.20 -15.48 30.26
C SER A 45 -14.17 -16.59 30.22
N ALA A 46 -12.89 -16.20 30.13
CA ALA A 46 -11.80 -17.17 30.10
C ALA A 46 -11.49 -17.74 31.47
N ILE A 47 -11.59 -16.89 32.48
CA ILE A 47 -11.21 -17.23 33.85
C ILE A 47 -12.33 -17.99 34.50
N ALA A 48 -13.56 -17.52 34.29
CA ALA A 48 -14.73 -18.14 34.91
C ALA A 48 -15.41 -19.13 33.96
N ASP A 49 -14.68 -19.62 32.97
CA ASP A 49 -15.19 -20.65 32.10
C ASP A 49 -15.45 -21.89 32.94
N GLY A 50 -16.59 -22.50 32.74
CA GLY A 50 -16.95 -23.70 33.48
C GLY A 50 -17.27 -23.51 34.96
N VAL A 51 -17.39 -22.28 35.43
CA VAL A 51 -17.54 -22.03 36.85
C VAL A 51 -18.78 -21.19 37.06
N THR A 52 -18.90 -20.18 36.21
CA THR A 52 -20.10 -19.37 36.19
C THR A 52 -20.07 -18.70 34.84
N ASP A 53 -21.22 -18.21 34.42
CA ASP A 53 -21.29 -17.52 33.15
C ASP A 53 -20.89 -16.06 33.32
N THR A 54 -20.51 -15.47 32.20
CA THR A 54 -20.08 -14.11 32.15
C THR A 54 -21.16 -13.29 31.47
N GLN A 55 -21.31 -12.05 31.89
CA GLN A 55 -22.34 -11.17 31.32
C GLN A 55 -21.84 -9.77 31.09
N VAL A 56 -22.07 -9.30 29.88
CA VAL A 56 -21.65 -7.98 29.47
C VAL A 56 -22.83 -7.03 29.57
N LEU A 57 -22.62 -5.87 30.14
CA LEU A 57 -23.69 -4.89 30.30
C LEU A 57 -23.90 -4.07 29.01
N LEU A 58 -22.82 -3.43 28.55
CA LEU A 58 -22.87 -2.58 27.36
C LEU A 58 -23.08 -3.41 26.09
N PRO A 59 -24.26 -3.27 25.47
CA PRO A 59 -24.68 -4.12 24.36
C PRO A 59 -23.91 -3.87 23.09
N ASP A 60 -23.91 -4.86 22.21
CA ASP A 60 -23.10 -4.78 20.98
C ASP A 60 -23.49 -3.60 20.12
N GLY A 61 -22.52 -2.80 19.73
CA GLY A 61 -22.79 -1.67 18.87
C GLY A 61 -23.12 -0.39 19.60
N ALA A 62 -23.25 -0.44 20.93
CA ALA A 62 -23.26 0.78 21.72
C ALA A 62 -21.85 1.19 21.96
N SER A 63 -21.66 2.45 22.34
CA SER A 63 -20.33 2.97 22.68
C SER A 63 -20.18 3.14 24.16
N GLU A 64 -19.02 2.74 24.66
CA GLU A 64 -18.53 3.10 25.99
C GLU A 64 -18.82 4.55 26.44
N HIS A 65 -18.66 5.55 25.57
CA HIS A 65 -19.11 6.90 25.88
C HIS A 65 -20.49 6.93 25.28
N ASP A 66 -21.54 7.13 26.09
CA ASP A 66 -22.96 7.09 25.63
C ASP A 66 -23.65 5.75 25.85
N TYR A 67 -23.73 5.34 27.11
CA TYR A 67 -24.70 4.34 27.60
C TYR A 67 -25.23 4.82 28.97
N SER A 68 -26.33 4.20 29.40
CA SER A 68 -26.80 4.34 30.76
C SER A 68 -27.55 3.07 31.06
N LEU A 69 -27.49 2.67 32.34
CA LEU A 69 -27.91 1.33 32.72
C LEU A 69 -29.42 1.14 32.73
N ARG A 70 -29.86 0.13 31.98
CA ARG A 70 -31.23 -0.32 32.09
C ARG A 70 -31.52 -0.69 33.53
N PRO A 71 -32.75 -0.53 33.97
CA PRO A 71 -33.19 -1.19 35.20
C PRO A 71 -32.71 -2.62 35.32
N SER A 72 -32.93 -3.42 34.27
CA SER A 72 -32.56 -4.84 34.28
C SER A 72 -31.06 -5.08 34.30
N ASP A 73 -30.29 -4.08 33.86
CA ASP A 73 -28.81 -4.13 33.93
C ASP A 73 -28.34 -3.89 35.35
N VAL A 74 -29.08 -3.10 36.10
CA VAL A 74 -28.73 -2.90 37.48
C VAL A 74 -29.07 -4.14 38.30
N LYS A 75 -30.15 -4.82 37.95
CA LYS A 75 -30.45 -6.10 38.61
C LYS A 75 -29.25 -6.97 38.46
N ARG A 76 -28.76 -7.11 37.22
CA ARG A 76 -27.61 -7.98 36.94
C ARG A 76 -26.42 -7.62 37.78
N LEU A 77 -26.19 -6.34 38.01
CA LEU A 77 -25.13 -5.89 38.93
C LEU A 77 -25.34 -6.23 40.42
N GLN A 78 -26.58 -6.00 40.89
CA GLN A 78 -26.92 -6.24 42.29
C GLN A 78 -26.72 -7.71 42.64
N GLY A 79 -27.03 -8.61 41.70
CA GLY A 79 -26.90 -10.04 41.94
C GLY A 79 -25.76 -10.70 41.19
N ALA A 80 -24.72 -9.94 40.88
CA ALA A 80 -23.54 -10.51 40.27
C ALA A 80 -22.71 -11.07 41.39
N ASP A 81 -22.02 -12.20 41.12
CA ASP A 81 -20.99 -12.76 42.00
C ASP A 81 -19.80 -11.82 42.05
N LEU A 82 -19.32 -11.47 40.87
CA LEU A 82 -18.22 -10.53 40.70
C LEU A 82 -18.50 -9.53 39.59
N VAL A 83 -18.21 -8.27 39.86
CA VAL A 83 -18.35 -7.19 38.88
C VAL A 83 -16.98 -6.76 38.39
N VAL A 84 -16.81 -6.63 37.09
CA VAL A 84 -15.56 -6.19 36.54
C VAL A 84 -15.81 -4.96 35.71
N TRP A 85 -15.08 -3.91 36.01
CA TRP A 85 -15.10 -2.70 35.21
C TRP A 85 -13.78 -1.97 35.38
N ILE A 86 -13.62 -0.90 34.63
CA ILE A 86 -12.38 -0.18 34.63
C ILE A 86 -12.30 0.77 35.81
N GLY A 87 -13.25 1.67 35.90
CA GLY A 87 -13.15 2.72 36.88
C GLY A 87 -13.91 3.94 36.45
N PRO A 88 -14.11 4.87 37.37
CA PRO A 88 -15.11 5.91 37.18
C PRO A 88 -14.72 6.89 36.08
N GLU A 89 -13.44 6.98 35.75
CA GLU A 89 -13.03 7.87 34.68
C GLU A 89 -13.35 7.26 33.31
N MET A 90 -13.77 6.00 33.26
CA MET A 90 -14.19 5.37 32.02
C MET A 90 -15.70 5.13 32.08
N GLU A 91 -16.14 3.97 32.56
CA GLU A 91 -17.57 3.64 32.59
C GLU A 91 -18.33 4.54 33.59
N ALA A 92 -18.44 5.80 33.25
CA ALA A 92 -19.10 6.77 34.11
C ALA A 92 -20.43 6.21 34.57
N PHE A 93 -21.20 5.75 33.60
CA PHE A 93 -22.56 5.32 33.78
C PHE A 93 -22.80 4.28 34.85
N MET A 94 -21.73 3.69 35.37
CA MET A 94 -21.92 2.73 36.43
C MET A 94 -21.13 2.96 37.71
N GLU A 95 -20.53 4.12 37.87
CA GLU A 95 -19.97 4.49 39.13
C GLU A 95 -21.11 4.41 40.10
N LYS A 96 -22.18 5.07 39.70
CA LYS A 96 -23.46 5.03 40.35
C LYS A 96 -23.72 3.77 41.17
N SER A 97 -23.96 2.67 40.46
CA SER A 97 -24.51 1.44 41.05
C SER A 97 -23.46 0.60 41.77
N VAL A 98 -22.21 0.92 41.51
CA VAL A 98 -21.09 0.13 42.00
C VAL A 98 -20.68 0.55 43.42
N LYS A 99 -21.18 1.67 43.91
CA LYS A 99 -20.87 2.05 45.28
C LYS A 99 -21.50 1.12 46.32
N ASN A 100 -22.64 0.51 46.00
CA ASN A 100 -23.29 -0.46 46.91
C ASN A 100 -22.52 -1.77 47.00
N ILE A 101 -21.83 -2.13 45.93
CA ILE A 101 -21.08 -3.38 45.87
C ILE A 101 -19.80 -3.24 46.68
N PRO A 102 -19.54 -4.22 47.54
CA PRO A 102 -18.31 -4.21 48.34
C PRO A 102 -17.09 -4.75 47.59
N ASP A 103 -15.90 -4.42 48.11
CA ASP A 103 -14.62 -4.65 47.42
C ASP A 103 -14.30 -6.08 47.02
N GLY A 104 -14.82 -7.04 47.75
CA GLY A 104 -14.52 -8.45 47.47
C GLY A 104 -15.32 -8.96 46.30
N LYS A 105 -16.41 -8.24 46.01
CA LYS A 105 -17.35 -8.58 44.93
C LYS A 105 -17.13 -7.75 43.66
N GLN A 106 -16.02 -7.02 43.58
CA GLN A 106 -15.71 -6.27 42.36
C GLN A 106 -14.22 -6.06 42.06
N VAL A 107 -13.90 -5.81 40.79
CA VAL A 107 -12.55 -5.61 40.33
C VAL A 107 -12.55 -4.34 39.52
N THR A 108 -11.81 -3.34 40.00
CA THR A 108 -11.81 -2.03 39.37
C THR A 108 -10.45 -1.80 38.79
N ILE A 109 -10.34 -2.03 37.49
CA ILE A 109 -9.02 -2.22 36.83
C ILE A 109 -8.10 -0.97 36.76
N ALA A 110 -8.67 0.25 36.68
CA ALA A 110 -7.87 1.45 36.68
C ALA A 110 -7.14 1.68 38.01
N GLN A 111 -7.70 1.13 39.09
CA GLN A 111 -7.10 1.25 40.43
C GLN A 111 -6.58 -0.09 40.90
N LEU A 112 -5.78 -0.74 40.08
CA LEU A 112 -5.16 -1.97 40.52
C LEU A 112 -3.71 -1.67 40.80
N ALA A 113 -3.10 -2.52 41.62
CA ALA A 113 -1.71 -2.39 41.98
C ALA A 113 -0.80 -2.28 40.74
N ASP A 114 -0.88 -3.27 39.84
CA ASP A 114 0.05 -3.38 38.71
C ASP A 114 -0.33 -2.54 37.50
N VAL A 115 -1.46 -1.86 37.53
CA VAL A 115 -2.00 -1.19 36.33
C VAL A 115 -1.77 0.31 36.44
N LYS A 116 -2.22 0.85 37.57
CA LYS A 116 -1.95 2.23 37.97
C LYS A 116 -0.59 2.69 37.42
N PRO A 117 0.52 2.01 37.78
CA PRO A 117 1.82 2.50 37.32
C PRO A 117 1.95 2.71 35.82
N LEU A 118 1.18 2.02 34.98
CA LEU A 118 1.35 2.17 33.53
C LEU A 118 0.17 2.80 32.77
N LEU A 119 -0.56 3.67 33.45
CA LEU A 119 -1.60 4.52 32.82
C LEU A 119 -1.00 5.63 32.01
N MET A 120 -1.52 5.87 30.81
CA MET A 120 -0.99 6.93 29.92
C MET A 120 -1.79 8.23 29.99
N LYS A 121 -1.31 9.29 29.34
CA LYS A 121 -1.96 10.61 29.37
C LYS A 121 -2.82 10.83 28.14
N GLY A 122 -3.86 11.65 28.28
CA GLY A 122 -4.86 11.88 27.21
C GLY A 122 -4.61 13.13 26.36
N ALA A 123 -4.09 12.94 25.15
CA ALA A 123 -3.49 14.05 24.37
C ALA A 123 -4.51 14.97 23.68
N ASP A 145 -4.94 13.41 34.11
CA ASP A 145 -6.08 12.90 33.36
C ASP A 145 -5.65 11.88 32.31
N TYR A 146 -5.95 10.61 32.57
CA TYR A 146 -5.34 9.52 31.85
C TYR A 146 -6.28 8.86 30.86
N ASN A 147 -5.72 8.37 29.74
CA ASN A 147 -6.44 7.48 28.79
C ASN A 147 -6.89 6.20 29.51
N MET A 148 -8.14 5.78 29.30
CA MET A 148 -8.69 4.66 30.07
C MET A 148 -9.06 3.49 29.19
N HIS A 149 -8.61 3.50 27.94
CA HIS A 149 -8.93 2.43 27.01
C HIS A 149 -7.93 1.31 27.20
N LEU A 150 -8.04 0.72 28.38
CA LEU A 150 -7.05 -0.19 28.94
C LEU A 150 -7.21 -1.60 28.43
N TRP A 151 -8.45 -1.95 28.14
CA TRP A 151 -8.77 -3.33 27.76
C TRP A 151 -8.04 -3.75 26.47
N LEU A 152 -7.32 -2.81 25.85
CA LEU A 152 -6.45 -3.15 24.72
C LEU A 152 -4.94 -3.27 25.05
N SER A 153 -4.59 -3.23 26.34
CA SER A 153 -3.23 -3.40 26.81
C SER A 153 -3.03 -4.81 27.27
N PRO A 154 -2.17 -5.58 26.61
CA PRO A 154 -2.08 -7.00 27.01
C PRO A 154 -1.55 -7.13 28.43
N GLU A 155 -0.64 -6.24 28.80
CA GLU A 155 -0.07 -6.24 30.12
C GLU A 155 -1.20 -6.03 31.11
N ILE A 156 -2.11 -5.12 30.79
CA ILE A 156 -3.20 -4.77 31.71
C ILE A 156 -4.24 -5.89 31.76
N ALA A 157 -4.55 -6.45 30.62
CA ALA A 157 -5.43 -7.60 30.57
C ALA A 157 -4.92 -8.68 31.53
N ARG A 158 -3.62 -8.97 31.44
CA ARG A 158 -2.95 -9.98 32.30
C ARG A 158 -3.26 -9.69 33.76
N ALA A 159 -2.90 -8.49 34.20
CA ALA A 159 -3.17 -8.00 35.56
C ALA A 159 -4.62 -8.12 36.00
N SER A 160 -5.53 -7.88 35.07
CA SER A 160 -6.96 -7.99 35.29
C SER A 160 -7.40 -9.44 35.50
N ALA A 161 -6.89 -10.34 34.67
CA ALA A 161 -7.24 -11.77 34.75
C ALA A 161 -6.86 -12.35 36.09
N VAL A 162 -5.63 -12.06 36.46
CA VAL A 162 -5.10 -12.31 37.79
C VAL A 162 -6.08 -11.88 38.88
N ALA A 163 -6.47 -10.61 38.85
CA ALA A 163 -7.26 -10.05 39.95
C ALA A 163 -8.65 -10.64 40.01
N ILE A 164 -9.21 -10.92 38.83
CA ILE A 164 -10.49 -11.61 38.69
C ILE A 164 -10.36 -12.98 39.36
N HIS A 165 -9.40 -13.75 38.88
CA HIS A 165 -9.12 -15.07 39.44
C HIS A 165 -9.02 -15.05 40.98
N GLU A 166 -8.21 -14.13 41.49
CA GLU A 166 -8.08 -14.01 42.91
C GLU A 166 -9.43 -13.91 43.57
N LYS A 167 -10.26 -13.01 43.08
CA LYS A 167 -11.53 -12.73 43.75
C LYS A 167 -12.50 -13.88 43.62
N LEU A 168 -12.35 -14.66 42.56
CA LEU A 168 -13.24 -15.80 42.34
C LEU A 168 -12.88 -16.95 43.26
N VAL A 169 -11.60 -17.25 43.34
CA VAL A 169 -11.10 -18.20 44.31
C VAL A 169 -11.69 -17.90 45.70
N GLU A 170 -11.67 -16.63 46.08
CA GLU A 170 -12.22 -16.17 47.37
C GLU A 170 -13.68 -16.53 47.50
N LEU A 171 -14.45 -16.14 46.49
CA LEU A 171 -15.89 -16.28 46.51
C LEU A 171 -16.35 -17.68 46.21
N MET A 172 -15.63 -18.39 45.37
CA MET A 172 -16.01 -19.74 44.94
C MET A 172 -14.87 -20.75 45.17
N PRO A 173 -14.58 -21.05 46.46
CA PRO A 173 -13.36 -21.72 46.86
C PRO A 173 -13.38 -23.18 46.46
N GLN A 174 -14.56 -23.74 46.27
CA GLN A 174 -14.66 -25.12 45.82
C GLN A 174 -14.38 -25.29 44.31
N SER A 175 -14.14 -24.20 43.58
CA SER A 175 -13.76 -24.30 42.18
C SER A 175 -12.27 -23.96 41.89
N ARG A 176 -11.49 -23.65 42.93
CA ARG A 176 -10.05 -23.36 42.81
C ARG A 176 -9.35 -24.19 41.76
N ALA A 177 -9.72 -25.47 41.69
CA ALA A 177 -9.11 -26.39 40.77
C ALA A 177 -9.11 -25.81 39.37
N LYS A 178 -10.32 -25.64 38.89
CA LYS A 178 -10.66 -25.21 37.54
C LYS A 178 -10.17 -23.79 37.29
N LEU A 179 -10.51 -22.89 38.21
CA LEU A 179 -10.04 -21.51 38.13
C LEU A 179 -8.51 -21.38 37.88
N ASP A 180 -7.71 -21.96 38.76
CA ASP A 180 -6.27 -21.97 38.59
C ASP A 180 -5.90 -22.41 37.18
N ALA A 181 -6.56 -23.46 36.71
CA ALA A 181 -6.28 -24.04 35.41
C ALA A 181 -6.74 -23.18 34.22
N ASN A 182 -7.89 -22.51 34.38
CA ASN A 182 -8.40 -21.56 33.38
C ASN A 182 -7.46 -20.37 33.16
N LEU A 183 -6.89 -19.93 34.27
CA LEU A 183 -5.98 -18.79 34.29
C LEU A 183 -4.68 -19.15 33.62
N LYS A 184 -4.10 -20.27 34.01
CA LYS A 184 -2.90 -20.76 33.37
C LYS A 184 -3.06 -20.73 31.85
N ASP A 185 -4.20 -21.24 31.35
CA ASP A 185 -4.46 -21.34 29.89
C ASP A 185 -4.55 -20.00 29.27
N PHE A 186 -5.26 -19.11 29.94
CA PHE A 186 -5.33 -17.73 29.51
C PHE A 186 -3.94 -17.13 29.34
N GLU A 187 -3.17 -17.10 30.42
CA GLU A 187 -1.81 -16.58 30.36
C GLU A 187 -1.03 -17.16 29.18
N ALA A 188 -1.26 -18.44 28.87
CA ALA A 188 -0.59 -19.10 27.74
C ALA A 188 -1.08 -18.61 26.39
N GLN A 189 -2.41 -18.62 26.16
CA GLN A 189 -2.96 -18.11 24.89
C GLN A 189 -2.45 -16.70 24.72
N LEU A 190 -2.71 -15.88 25.75
CA LEU A 190 -2.40 -14.45 25.74
C LEU A 190 -0.96 -14.19 25.34
N ALA A 191 -0.05 -14.88 26.00
CA ALA A 191 1.37 -14.81 25.65
C ALA A 191 1.63 -15.18 24.22
N ALA A 192 1.12 -16.34 23.80
CA ALA A 192 1.37 -16.78 22.44
C ALA A 192 0.70 -15.87 21.39
N THR A 193 -0.37 -15.17 21.75
CA THR A 193 -1.03 -14.25 20.83
C THR A 193 -0.13 -13.01 20.73
N ASP A 194 0.24 -12.44 21.88
CA ASP A 194 1.12 -11.27 21.92
C ASP A 194 2.37 -11.41 21.04
N LYS A 195 2.77 -12.65 20.81
CA LYS A 195 3.85 -12.95 19.92
C LYS A 195 3.38 -12.81 18.48
N GLN A 196 2.27 -13.44 18.11
CA GLN A 196 1.82 -13.48 16.71
C GLN A 196 1.37 -12.14 16.20
N VAL A 197 0.68 -11.41 17.08
CA VAL A 197 0.29 -10.05 16.76
C VAL A 197 1.56 -9.28 16.48
N GLY A 198 2.43 -9.21 17.48
CA GLY A 198 3.70 -8.49 17.39
C GLY A 198 4.32 -8.61 16.01
N ASN A 199 4.39 -9.85 15.53
CA ASN A 199 4.97 -10.13 14.21
C ASN A 199 4.15 -9.54 13.06
N GLU A 200 2.82 -9.74 13.13
CA GLU A 200 1.90 -9.22 12.12
C GLU A 200 1.98 -7.69 12.02
N LEU A 201 2.05 -7.01 13.16
CA LEU A 201 2.05 -5.56 13.18
C LEU A 201 3.41 -4.96 13.00
N ALA A 202 4.46 -5.71 13.32
CA ALA A 202 5.81 -5.19 13.21
C ALA A 202 6.11 -4.45 11.86
N PRO A 203 5.79 -5.05 10.69
CA PRO A 203 6.03 -4.32 9.42
C PRO A 203 5.18 -3.07 9.14
N LEU A 204 4.33 -2.66 10.08
CA LEU A 204 3.48 -1.50 9.89
C LEU A 204 4.00 -0.36 10.71
N LYS A 205 5.14 -0.60 11.39
CA LYS A 205 5.82 0.47 12.12
C LYS A 205 6.19 1.43 11.05
N GLY A 206 5.92 2.70 11.29
CA GLY A 206 6.24 3.76 10.33
C GLY A 206 5.06 4.26 9.51
N LYS A 207 4.34 3.33 8.89
CA LYS A 207 3.08 3.64 8.21
C LYS A 207 2.16 4.42 9.16
N GLY A 208 1.78 5.62 8.70
CA GLY A 208 0.94 6.54 9.45
C GLY A 208 -0.48 6.46 8.93
N TYR A 209 -1.42 6.63 9.86
CA TYR A 209 -2.83 6.43 9.59
C TYR A 209 -3.59 7.32 10.54
N PHE A 210 -4.91 7.39 10.39
CA PHE A 210 -5.76 8.19 11.31
C PHE A 210 -6.91 7.33 11.81
N VAL A 211 -7.28 7.52 13.07
CA VAL A 211 -8.37 6.75 13.65
C VAL A 211 -9.46 7.71 14.04
N PHE A 212 -10.68 7.21 13.99
CA PHE A 212 -11.81 7.93 14.51
C PHE A 212 -11.68 7.66 15.98
N HIS A 213 -11.68 8.67 16.86
CA HIS A 213 -11.82 8.37 18.33
C HIS A 213 -10.55 7.70 18.96
N ASP A 214 -10.05 8.26 20.06
CA ASP A 214 -8.77 7.84 20.64
C ASP A 214 -8.88 6.70 21.67
N ALA A 215 -8.80 5.46 21.21
CA ALA A 215 -8.99 4.25 22.05
C ALA A 215 -7.77 3.32 22.12
N TYR A 216 -6.85 3.53 21.19
CA TYR A 216 -5.91 2.49 20.82
C TYR A 216 -4.50 2.80 21.36
N GLY A 217 -4.38 3.80 22.24
CA GLY A 217 -3.08 4.24 22.68
C GLY A 217 -2.30 3.07 23.21
N TYR A 218 -2.93 2.35 24.10
CA TYR A 218 -2.25 1.29 24.83
C TYR A 218 -1.76 0.18 23.90
N TYR A 219 -2.67 -0.29 23.06
CA TYR A 219 -2.37 -1.26 22.02
C TYR A 219 -1.32 -0.76 21.07
N GLU A 220 -1.52 0.44 20.54
CA GLU A 220 -0.62 1.00 19.54
C GLU A 220 0.78 1.17 20.12
N LYS A 221 0.89 1.64 21.36
CA LYS A 221 2.20 1.91 21.90
C LYS A 221 2.95 0.62 22.10
N HIS A 222 2.23 -0.35 22.62
CA HIS A 222 2.78 -1.68 22.91
C HIS A 222 3.30 -2.40 21.66
N TYR A 223 2.60 -2.36 20.54
CA TYR A 223 3.06 -3.05 19.32
C TYR A 223 3.84 -2.14 18.41
N GLY A 224 4.05 -0.90 18.88
CA GLY A 224 4.83 0.13 18.17
C GLY A 224 4.21 0.64 16.87
N LEU A 225 2.91 0.89 16.88
CA LEU A 225 2.27 1.47 15.73
C LEU A 225 2.47 2.98 15.76
N THR A 226 2.16 3.62 14.63
CA THR A 226 2.65 4.97 14.29
C THR A 226 1.52 5.87 13.85
N PRO A 227 0.55 6.07 14.74
CA PRO A 227 -0.65 6.78 14.34
C PRO A 227 -0.36 8.28 14.12
N LEU A 228 -0.78 8.84 13.00
CA LEU A 228 -0.69 10.30 12.77
C LEU A 228 -1.63 11.09 13.68
N GLY A 229 -2.70 10.45 14.16
CA GLY A 229 -3.58 11.09 15.12
C GLY A 229 -5.00 10.62 14.95
N HIS A 230 -5.88 11.27 15.73
CA HIS A 230 -7.29 10.87 15.80
C HIS A 230 -8.26 11.96 15.31
N PHE A 231 -9.47 11.54 14.88
CA PHE A 231 -10.52 12.49 14.48
C PHE A 231 -11.16 13.12 15.67
N THR A 232 -11.62 12.29 16.61
CA THR A 232 -12.07 12.79 17.89
C THR A 232 -11.38 12.15 19.07
N VAL A 233 -11.84 12.50 20.26
CA VAL A 233 -11.47 11.82 21.49
C VAL A 233 -12.75 11.23 22.05
N ASN A 234 -13.65 12.08 22.53
CA ASN A 234 -15.02 11.65 22.73
C ASN A 234 -15.67 11.71 21.38
N PRO A 235 -16.29 10.62 20.96
CA PRO A 235 -16.90 10.63 19.65
C PRO A 235 -18.38 11.01 19.67
N GLU A 236 -18.86 11.58 20.78
CA GLU A 236 -20.12 12.33 20.72
C GLU A 236 -19.87 13.77 20.21
N ILE A 237 -18.61 14.20 20.15
CA ILE A 237 -18.20 15.45 19.49
C ILE A 237 -17.93 15.12 18.03
N GLN A 238 -17.99 16.11 17.13
CA GLN A 238 -18.19 15.82 15.69
C GLN A 238 -17.03 15.35 14.77
N PRO A 239 -15.89 16.04 14.77
CA PRO A 239 -15.56 17.18 15.58
C PRO A 239 -15.83 18.44 14.82
N GLY A 240 -15.63 18.41 13.50
CA GLY A 240 -15.40 19.62 12.70
C GLY A 240 -14.22 20.39 13.28
N ALA A 241 -13.88 21.54 12.70
CA ALA A 241 -14.17 21.90 11.33
C ALA A 241 -12.79 22.17 10.77
N GLN A 242 -11.99 22.84 11.58
CA GLN A 242 -10.54 22.90 11.46
C GLN A 242 -9.87 21.55 11.63
N ARG A 243 -10.37 20.75 12.57
CA ARG A 243 -9.90 19.37 12.77
C ARG A 243 -9.92 18.64 11.46
N LEU A 244 -11.09 18.64 10.82
CA LEU A 244 -11.27 17.98 9.56
C LEU A 244 -10.38 18.57 8.44
N HIS A 245 -10.07 19.86 8.51
CA HIS A 245 -9.15 20.44 7.55
C HIS A 245 -7.74 19.89 7.75
N GLU A 246 -7.25 19.91 8.98
CA GLU A 246 -5.85 19.51 9.23
C GLU A 246 -5.57 18.09 8.80
N ILE A 247 -6.61 17.25 8.90
CA ILE A 247 -6.55 15.88 8.45
C ILE A 247 -6.49 15.88 6.93
N ARG A 248 -7.46 16.53 6.30
CA ARG A 248 -7.55 16.56 4.84
C ARG A 248 -6.15 16.88 4.27
N THR A 249 -5.57 18.00 4.68
CA THR A 249 -4.30 18.48 4.10
C THR A 249 -3.24 17.40 4.24
N GLN A 250 -3.17 16.83 5.44
CA GLN A 250 -2.26 15.71 5.72
C GLN A 250 -2.46 14.51 4.76
N LEU A 251 -3.70 14.19 4.39
CA LEU A 251 -3.96 13.05 3.52
C LEU A 251 -3.61 13.30 2.06
N VAL A 252 -3.93 14.51 1.58
CA VAL A 252 -3.61 14.88 0.20
C VAL A 252 -2.14 15.19 -0.02
N GLU A 253 -1.43 15.56 1.05
CA GLU A 253 0.03 15.74 1.02
C GLU A 253 0.72 14.39 1.26
N GLN A 254 0.37 13.40 0.42
CA GLN A 254 0.59 11.97 0.67
C GLN A 254 0.51 11.63 2.18
N LYS A 255 1.62 11.33 2.82
CA LYS A 255 1.73 11.43 4.31
C LYS A 255 0.96 10.38 5.17
N ALA A 256 -0.17 9.86 4.67
CA ALA A 256 -0.98 8.88 5.40
C ALA A 256 -1.34 7.76 4.48
N THR A 257 -1.26 6.52 4.99
CA THR A 257 -1.57 5.31 4.21
C THR A 257 -3.02 4.89 4.39
N CYS A 258 -3.47 4.83 5.63
CA CYS A 258 -4.84 4.44 5.90
C CYS A 258 -5.65 5.40 6.79
N VAL A 259 -6.98 5.31 6.69
CA VAL A 259 -7.84 5.95 7.68
C VAL A 259 -8.90 4.95 8.13
N PHE A 260 -9.21 5.01 9.42
CA PHE A 260 -9.96 3.96 10.12
C PHE A 260 -11.25 4.49 10.72
N ALA A 261 -12.34 3.91 10.24
CA ALA A 261 -13.65 4.13 10.77
C ALA A 261 -13.90 3.30 12.02
N GLU A 262 -15.13 3.37 12.51
CA GLU A 262 -15.56 2.44 13.53
C GLU A 262 -17.01 2.05 13.31
N PRO A 263 -17.34 0.83 13.70
CA PRO A 263 -18.64 0.36 13.42
C PRO A 263 -19.70 0.95 14.33
N GLN A 264 -19.34 1.48 15.49
CA GLN A 264 -20.37 2.06 16.35
C GLN A 264 -20.56 3.55 16.11
N PHE A 265 -20.12 4.02 14.93
CA PHE A 265 -20.26 5.43 14.54
C PHE A 265 -20.25 5.57 13.03
N ARG A 266 -21.01 6.52 12.51
CA ARG A 266 -21.16 6.66 11.06
C ARG A 266 -19.85 7.01 10.39
N PRO A 267 -19.42 6.16 9.45
CA PRO A 267 -18.17 6.39 8.73
C PRO A 267 -18.27 7.64 7.89
N ALA A 268 -19.52 7.99 7.53
CA ALA A 268 -19.89 9.26 6.90
C ALA A 268 -18.75 10.26 6.83
N VAL A 269 -18.27 10.71 7.99
CA VAL A 269 -17.27 11.80 8.09
C VAL A 269 -15.87 11.46 7.57
N VAL A 270 -15.55 10.18 7.59
CA VAL A 270 -14.25 9.68 7.21
C VAL A 270 -14.14 9.47 5.70
N GLU A 271 -15.10 8.80 5.04
CA GLU A 271 -15.28 9.02 3.58
C GLU A 271 -15.47 10.53 3.59
N ALA A 272 -15.13 11.24 2.53
CA ALA A 272 -14.87 12.68 2.65
C ALA A 272 -13.48 12.69 3.20
N VAL A 273 -12.92 13.85 3.49
CA VAL A 273 -11.51 13.98 3.89
C VAL A 273 -10.61 12.82 3.41
N ALA A 274 -10.87 12.27 2.23
CA ALA A 274 -10.25 11.01 1.80
C ALA A 274 -10.67 10.72 0.40
N ARG A 275 -11.97 10.82 0.11
CA ARG A 275 -12.40 10.70 -1.28
C ARG A 275 -11.61 11.65 -2.17
N GLY A 276 -11.13 11.09 -3.29
CA GLY A 276 -10.20 11.83 -4.17
C GLY A 276 -8.76 11.42 -3.98
N THR A 277 -8.40 11.08 -2.75
CA THR A 277 -7.01 10.84 -2.32
C THR A 277 -6.60 9.37 -2.42
N SER A 278 -5.30 9.11 -2.29
CA SER A 278 -4.75 7.75 -2.46
C SER A 278 -4.69 7.03 -1.11
N VAL A 279 -5.39 7.59 -0.12
CA VAL A 279 -5.55 6.92 1.15
C VAL A 279 -6.51 5.74 1.03
N ARG A 280 -6.12 4.60 1.62
CA ARG A 280 -6.96 3.42 1.73
C ARG A 280 -7.84 3.59 2.96
N MET A 281 -8.93 2.82 3.02
CA MET A 281 -9.82 2.94 4.18
C MET A 281 -10.18 1.61 4.83
N GLY A 282 -10.25 1.61 6.17
CA GLY A 282 -10.57 0.43 6.94
C GLY A 282 -11.44 0.76 8.14
N THR A 283 -11.52 -0.20 9.06
CA THR A 283 -12.32 -0.09 10.28
C THR A 283 -11.63 -0.74 11.47
N LEU A 284 -11.82 -0.19 12.66
CA LEU A 284 -11.31 -0.78 13.89
C LEU A 284 -12.49 -0.90 14.84
N ASP A 285 -12.62 -2.05 15.51
CA ASP A 285 -13.70 -2.27 16.46
C ASP A 285 -13.04 -2.54 17.78
N PRO A 286 -13.03 -1.53 18.63
CA PRO A 286 -12.43 -1.59 19.94
C PRO A 286 -13.29 -2.26 20.99
N LEU A 287 -14.49 -2.73 20.62
CA LEU A 287 -15.29 -3.53 21.53
C LEU A 287 -15.50 -4.96 21.02
N GLY A 288 -14.82 -5.33 19.94
CA GLY A 288 -14.93 -6.68 19.38
C GLY A 288 -16.37 -7.14 19.36
N THR A 289 -17.26 -6.24 18.96
CA THR A 289 -18.71 -6.46 19.10
C THR A 289 -19.18 -7.77 18.48
N ASN A 290 -18.41 -8.29 17.53
CA ASN A 290 -18.81 -9.47 16.75
C ASN A 290 -18.07 -10.72 17.14
N ILE A 291 -17.64 -10.79 18.40
CA ILE A 291 -16.86 -11.92 18.92
C ILE A 291 -17.58 -12.46 20.12
N LYS A 292 -17.73 -13.78 20.18
CA LYS A 292 -18.54 -14.42 21.22
C LYS A 292 -17.70 -14.63 22.45
N LEU A 293 -18.28 -14.36 23.62
CA LEU A 293 -17.62 -14.68 24.89
C LEU A 293 -17.16 -16.13 24.93
N GLY A 294 -16.03 -16.39 25.58
CA GLY A 294 -15.42 -17.72 25.51
C GLY A 294 -13.99 -17.66 25.99
N LYS A 295 -13.32 -18.80 26.03
CA LYS A 295 -12.01 -18.82 26.63
C LYS A 295 -11.07 -18.03 25.73
N THR A 296 -11.15 -18.40 24.46
CA THR A 296 -10.24 -17.87 23.46
C THR A 296 -10.71 -16.55 22.85
N SER A 297 -11.67 -15.89 23.51
CA SER A 297 -12.29 -14.70 22.95
C SER A 297 -11.37 -13.51 23.04
N TYR A 298 -10.69 -13.35 24.18
CA TYR A 298 -9.84 -12.16 24.30
C TYR A 298 -8.63 -12.24 23.37
N SER A 299 -8.00 -13.40 23.27
CA SER A 299 -6.93 -13.59 22.30
C SER A 299 -7.42 -13.34 20.87
N ALA A 300 -8.65 -13.74 20.57
CA ALA A 300 -9.27 -13.45 19.27
C ALA A 300 -9.45 -11.95 19.00
N PHE A 301 -9.92 -11.24 20.02
CA PHE A 301 -10.05 -9.79 19.97
C PHE A 301 -8.76 -9.19 19.47
N LEU A 302 -7.64 -9.46 20.12
CA LEU A 302 -6.37 -8.81 19.75
C LEU A 302 -5.98 -9.15 18.34
N ASN A 303 -6.19 -10.42 17.98
CA ASN A 303 -5.86 -10.88 16.63
C ASN A 303 -6.68 -10.20 15.58
N GLN A 304 -7.93 -9.92 15.95
CA GLN A 304 -8.89 -9.37 15.01
C GLN A 304 -8.44 -7.96 14.74
N LEU A 305 -8.37 -7.21 15.81
CA LEU A 305 -7.84 -5.89 15.79
C LEU A 305 -6.55 -5.74 15.01
N ALA A 306 -5.61 -6.66 15.25
CA ALA A 306 -4.33 -6.64 14.49
C ALA A 306 -4.62 -6.78 13.03
N ASN A 307 -5.42 -7.78 12.69
CA ASN A 307 -5.84 -7.94 11.32
C ASN A 307 -6.58 -6.71 10.73
N GLN A 308 -7.36 -6.01 11.55
CA GLN A 308 -8.10 -4.83 11.09
C GLN A 308 -7.14 -3.77 10.63
N TYR A 309 -6.22 -3.40 11.53
CA TYR A 309 -5.10 -2.46 11.24
C TYR A 309 -4.29 -2.89 10.00
N ALA A 310 -3.82 -4.13 10.04
CA ALA A 310 -2.92 -4.65 9.05
C ALA A 310 -3.56 -4.83 7.67
N SER A 311 -4.85 -5.17 7.63
CA SER A 311 -5.46 -5.53 6.37
C SER A 311 -5.50 -4.34 5.43
N CYS A 312 -5.51 -3.16 6.05
CA CYS A 312 -5.46 -1.87 5.39
C CYS A 312 -4.00 -1.45 5.17
N LEU A 313 -3.19 -1.55 6.21
CA LEU A 313 -1.83 -0.96 6.21
C LEU A 313 -0.73 -1.74 5.49
N LYS A 314 -0.85 -3.05 5.35
CA LYS A 314 0.08 -3.88 4.56
C LYS A 314 0.59 -3.24 3.25
N GLY A 315 1.85 -3.46 2.89
CA GLY A 315 2.43 -2.91 1.64
C GLY A 315 3.95 -2.82 1.66
N ALA B 32 -40.79 -7.89 -22.94
CA ALA B 32 -39.61 -7.51 -22.14
C ALA B 32 -38.32 -7.78 -22.90
N VAL B 33 -37.27 -7.05 -22.53
CA VAL B 33 -35.94 -7.34 -23.01
C VAL B 33 -35.34 -8.32 -22.02
N VAL B 34 -34.96 -9.51 -22.49
CA VAL B 34 -34.41 -10.55 -21.62
C VAL B 34 -32.92 -10.70 -21.86
N ALA B 35 -32.15 -10.20 -20.89
CA ALA B 35 -30.68 -10.26 -20.93
C ALA B 35 -30.21 -11.49 -20.21
N SER B 36 -29.10 -12.04 -20.69
CA SER B 36 -28.57 -13.28 -20.12
C SER B 36 -27.87 -12.97 -18.81
N LEU B 37 -26.98 -11.98 -18.81
CA LEU B 37 -26.20 -11.65 -17.61
C LEU B 37 -26.57 -10.29 -17.12
N LYS B 38 -26.33 -10.05 -15.85
CA LYS B 38 -26.83 -8.83 -15.25
C LYS B 38 -26.24 -7.55 -15.83
N PRO B 39 -24.97 -7.58 -16.28
CA PRO B 39 -24.54 -6.26 -16.82
C PRO B 39 -25.05 -6.01 -18.23
N LEU B 40 -25.42 -7.07 -18.94
CA LEU B 40 -26.14 -6.91 -20.18
C LEU B 40 -27.51 -6.37 -19.89
N GLY B 41 -28.08 -6.80 -18.78
CA GLY B 41 -29.27 -6.13 -18.30
C GLY B 41 -29.01 -4.64 -18.15
N PHE B 42 -27.96 -4.26 -17.41
CA PHE B 42 -27.71 -2.85 -17.09
C PHE B 42 -27.76 -1.96 -18.32
N ILE B 43 -27.28 -2.53 -19.42
CA ILE B 43 -27.24 -1.85 -20.70
C ILE B 43 -28.65 -1.76 -21.28
N ALA B 44 -29.24 -2.91 -21.52
CA ALA B 44 -30.60 -2.93 -22.03
C ALA B 44 -31.52 -2.10 -21.15
N SER B 45 -31.35 -2.12 -19.82
CA SER B 45 -32.26 -1.36 -18.95
C SER B 45 -32.20 0.14 -19.27
N ALA B 46 -31.06 0.60 -19.80
CA ALA B 46 -30.86 2.02 -20.09
C ALA B 46 -31.51 2.43 -21.38
N ILE B 47 -31.48 1.52 -22.34
CA ILE B 47 -32.01 1.77 -23.67
C ILE B 47 -33.52 1.61 -23.67
N ALA B 48 -34.02 0.56 -23.03
CA ALA B 48 -35.46 0.25 -23.00
C ALA B 48 -36.12 0.82 -21.77
N ASP B 49 -35.49 1.80 -21.14
CA ASP B 49 -36.09 2.47 -20.02
C ASP B 49 -37.35 3.18 -20.50
N GLY B 50 -38.43 3.03 -19.76
CA GLY B 50 -39.70 3.64 -20.12
C GLY B 50 -40.37 3.06 -21.36
N VAL B 51 -39.90 1.93 -21.87
CA VAL B 51 -40.46 1.35 -23.11
C VAL B 51 -40.88 -0.10 -22.89
N THR B 52 -40.04 -0.83 -22.18
CA THR B 52 -40.38 -2.17 -21.72
C THR B 52 -39.41 -2.45 -20.57
N ASP B 53 -39.73 -3.44 -19.75
CA ASP B 53 -38.86 -3.80 -18.65
C ASP B 53 -37.79 -4.75 -19.14
N THR B 54 -36.72 -4.80 -18.37
CA THR B 54 -35.57 -5.62 -18.69
C THR B 54 -35.52 -6.79 -17.70
N GLN B 55 -35.03 -7.93 -18.17
CA GLN B 55 -35.00 -9.14 -17.35
C GLN B 55 -33.72 -9.91 -17.53
N VAL B 56 -33.10 -10.25 -16.40
CA VAL B 56 -31.86 -10.97 -16.38
C VAL B 56 -32.14 -12.42 -16.07
N LEU B 57 -31.54 -13.33 -16.83
CA LEU B 57 -31.76 -14.76 -16.62
C LEU B 57 -30.91 -15.34 -15.50
N LEU B 58 -29.60 -15.14 -15.62
CA LEU B 58 -28.63 -15.61 -14.65
C LEU B 58 -28.77 -14.85 -13.31
N PRO B 59 -29.24 -15.56 -12.28
CA PRO B 59 -29.56 -14.95 -10.99
C PRO B 59 -28.34 -14.49 -10.19
N ASP B 60 -28.58 -13.54 -9.27
CA ASP B 60 -27.47 -12.91 -8.55
C ASP B 60 -26.69 -13.93 -7.78
N GLY B 61 -25.38 -13.93 -7.97
CA GLY B 61 -24.53 -14.81 -7.21
C GLY B 61 -24.29 -16.15 -7.89
N ALA B 62 -24.94 -16.41 -9.01
CA ALA B 62 -24.54 -17.52 -9.87
C ALA B 62 -23.41 -17.03 -10.75
N SER B 63 -22.69 -17.98 -11.33
CA SER B 63 -21.60 -17.67 -12.27
C SER B 63 -22.00 -18.00 -13.69
N GLU B 64 -21.67 -17.09 -14.59
CA GLU B 64 -21.71 -17.30 -16.02
C GLU B 64 -21.28 -18.72 -16.44
N HIS B 65 -20.24 -19.28 -15.83
CA HIS B 65 -19.82 -20.66 -16.19
C HIS B 65 -20.38 -21.87 -15.46
N ASP B 66 -21.54 -21.77 -14.86
CA ASP B 66 -22.16 -22.91 -14.17
C ASP B 66 -23.56 -22.41 -13.90
N TYR B 67 -24.36 -22.38 -14.96
CA TYR B 67 -25.81 -22.23 -14.86
C TYR B 67 -26.41 -23.17 -15.92
N SER B 68 -27.70 -23.42 -15.77
CA SER B 68 -28.52 -24.03 -16.81
C SER B 68 -29.94 -23.53 -16.61
N LEU B 69 -30.65 -23.38 -17.71
CA LEU B 69 -31.89 -22.62 -17.69
C LEU B 69 -33.00 -23.39 -16.99
N ARG B 70 -33.62 -22.73 -16.03
CA ARG B 70 -34.88 -23.18 -15.48
C ARG B 70 -35.90 -23.31 -16.63
N PRO B 71 -36.82 -24.26 -16.52
CA PRO B 71 -38.03 -24.19 -17.32
C PRO B 71 -38.60 -22.78 -17.45
N SER B 72 -38.79 -22.10 -16.31
CA SER B 72 -39.40 -20.77 -16.29
C SER B 72 -38.53 -19.71 -16.95
N ASP B 73 -37.24 -19.97 -17.04
CA ASP B 73 -36.31 -19.07 -17.71
C ASP B 73 -36.49 -19.20 -19.20
N VAL B 74 -36.82 -20.40 -19.64
CA VAL B 74 -36.99 -20.60 -21.06
C VAL B 74 -38.30 -19.95 -21.48
N LYS B 75 -39.30 -19.98 -20.61
CA LYS B 75 -40.52 -19.26 -20.89
C LYS B 75 -40.18 -17.80 -21.15
N ARG B 76 -39.42 -17.20 -20.24
CA ARG B 76 -39.04 -15.80 -20.41
C ARG B 76 -38.36 -15.54 -21.74
N LEU B 77 -37.53 -16.49 -22.20
CA LEU B 77 -36.92 -16.35 -23.53
C LEU B 77 -37.87 -16.47 -24.72
N GLN B 78 -38.77 -17.43 -24.63
CA GLN B 78 -39.72 -17.69 -25.70
C GLN B 78 -40.61 -16.45 -25.92
N GLY B 79 -40.95 -15.76 -24.84
CA GLY B 79 -41.84 -14.60 -24.93
C GLY B 79 -41.16 -13.26 -24.70
N ALA B 80 -39.86 -13.19 -24.98
CA ALA B 80 -39.15 -11.95 -24.85
C ALA B 80 -39.37 -11.22 -26.16
N ASP B 81 -39.46 -9.88 -26.08
CA ASP B 81 -39.46 -9.02 -27.25
C ASP B 81 -38.10 -9.10 -27.92
N LEU B 82 -37.07 -8.87 -27.09
CA LEU B 82 -35.70 -8.88 -27.54
C LEU B 82 -34.82 -9.64 -26.55
N VAL B 83 -33.98 -10.53 -27.09
CA VAL B 83 -33.04 -11.29 -26.28
C VAL B 83 -31.63 -10.75 -26.50
N VAL B 84 -30.90 -10.52 -25.41
CA VAL B 84 -29.54 -10.01 -25.51
C VAL B 84 -28.63 -10.98 -24.82
N TRP B 85 -27.62 -11.42 -25.56
CA TRP B 85 -26.59 -12.25 -25.00
C TRP B 85 -25.34 -12.10 -25.82
N ILE B 86 -24.27 -12.71 -25.34
CA ILE B 86 -22.96 -12.54 -25.97
C ILE B 86 -22.80 -13.44 -27.15
N GLY B 87 -22.95 -14.74 -26.93
CA GLY B 87 -22.68 -15.68 -27.98
C GLY B 87 -22.30 -17.01 -27.42
N PRO B 88 -22.25 -18.04 -28.29
CA PRO B 88 -22.22 -19.40 -27.80
C PRO B 88 -20.90 -19.75 -27.13
N GLU B 89 -19.85 -18.99 -27.41
CA GLU B 89 -18.57 -19.22 -26.74
C GLU B 89 -18.60 -18.70 -25.28
N MET B 90 -19.64 -17.97 -24.90
CA MET B 90 -19.82 -17.51 -23.51
C MET B 90 -21.01 -18.23 -22.90
N GLU B 91 -22.21 -17.68 -23.00
CA GLU B 91 -23.39 -18.28 -22.34
C GLU B 91 -23.80 -19.59 -22.98
N ALA B 92 -22.97 -20.60 -22.76
CA ALA B 92 -23.16 -21.90 -23.39
C ALA B 92 -24.58 -22.37 -23.16
N PHE B 93 -24.97 -22.28 -21.90
CA PHE B 93 -26.26 -22.76 -21.45
C PHE B 93 -27.50 -22.27 -22.19
N MET B 94 -27.34 -21.25 -23.04
CA MET B 94 -28.50 -20.79 -23.79
C MET B 94 -28.35 -20.73 -25.28
N GLU B 95 -27.29 -21.25 -25.82
CA GLU B 95 -27.28 -21.46 -27.24
C GLU B 95 -28.56 -22.20 -27.47
N LYS B 96 -28.61 -23.36 -26.85
CA LYS B 96 -29.77 -24.20 -26.88
C LYS B 96 -31.06 -23.49 -27.34
N SER B 97 -31.61 -22.65 -26.47
CA SER B 97 -32.97 -22.12 -26.62
C SER B 97 -33.05 -20.96 -27.62
N VAL B 98 -31.90 -20.42 -27.96
CA VAL B 98 -31.81 -19.24 -28.79
C VAL B 98 -31.88 -19.58 -30.28
N LYS B 99 -31.76 -20.85 -30.63
CA LYS B 99 -31.86 -21.21 -32.04
C LYS B 99 -33.26 -21.03 -32.59
N ASN B 100 -34.27 -21.15 -31.74
CA ASN B 100 -35.67 -20.92 -32.15
C ASN B 100 -35.97 -19.46 -32.40
N ILE B 101 -35.26 -18.59 -31.69
CA ILE B 101 -35.47 -17.14 -31.82
C ILE B 101 -34.84 -16.62 -33.12
N PRO B 102 -35.60 -15.82 -33.88
CA PRO B 102 -35.09 -15.27 -35.12
C PRO B 102 -34.27 -14.02 -34.89
N ASP B 103 -33.46 -13.67 -35.88
CA ASP B 103 -32.44 -12.62 -35.79
C ASP B 103 -32.93 -11.23 -35.43
N GLY B 104 -34.17 -10.90 -35.77
CA GLY B 104 -34.71 -9.55 -35.49
C GLY B 104 -35.11 -9.40 -34.04
N LYS B 105 -35.31 -10.56 -33.38
CA LYS B 105 -35.68 -10.66 -31.97
C LYS B 105 -34.50 -10.97 -31.02
N GLN B 106 -33.27 -10.88 -31.52
CA GLN B 106 -32.11 -11.06 -30.65
C GLN B 106 -30.85 -10.28 -31.06
N VAL B 107 -29.98 -10.05 -30.09
CA VAL B 107 -28.72 -9.35 -30.29
C VAL B 107 -27.61 -10.22 -29.72
N THR B 108 -26.70 -10.67 -30.59
CA THR B 108 -25.64 -11.59 -30.21
C THR B 108 -24.30 -10.91 -30.30
N ILE B 109 -23.80 -10.43 -29.16
CA ILE B 109 -22.80 -9.37 -29.12
C ILE B 109 -21.41 -9.77 -29.60
N ALA B 110 -21.05 -11.04 -29.47
CA ALA B 110 -19.76 -11.51 -29.95
C ALA B 110 -19.69 -11.51 -31.47
N GLN B 111 -20.84 -11.62 -32.11
CA GLN B 111 -20.92 -11.58 -33.56
C GLN B 111 -21.57 -10.29 -34.05
N LEU B 112 -21.07 -9.15 -33.59
CA LEU B 112 -21.57 -7.90 -34.10
C LEU B 112 -20.53 -7.29 -35.02
N ALA B 113 -21.00 -6.41 -35.89
CA ALA B 113 -20.14 -5.72 -36.82
C ALA B 113 -18.96 -5.05 -36.14
N ASP B 114 -19.22 -4.16 -35.19
CA ASP B 114 -18.17 -3.32 -34.56
C ASP B 114 -17.41 -3.98 -33.41
N VAL B 115 -17.81 -5.19 -33.03
CA VAL B 115 -17.25 -5.84 -31.85
C VAL B 115 -16.20 -6.85 -32.31
N LYS B 116 -16.65 -7.73 -33.20
CA LYS B 116 -15.80 -8.76 -33.81
C LYS B 116 -14.35 -8.21 -33.95
N PRO B 117 -14.17 -7.10 -34.66
CA PRO B 117 -12.80 -6.58 -34.83
C PRO B 117 -11.96 -6.37 -33.58
N LEU B 118 -12.54 -6.15 -32.42
CA LEU B 118 -11.72 -5.94 -31.23
C LEU B 118 -11.83 -7.03 -30.12
N LEU B 119 -12.10 -8.27 -30.52
CA LEU B 119 -12.05 -9.42 -29.61
C LEU B 119 -10.62 -9.74 -29.25
N MET B 120 -10.32 -10.04 -27.98
CA MET B 120 -8.97 -10.44 -27.56
C MET B 120 -8.76 -11.97 -27.45
N LYS B 121 -7.52 -12.40 -27.22
CA LYS B 121 -7.18 -13.83 -27.17
C LYS B 121 -7.11 -14.30 -25.75
N GLY B 122 -7.33 -15.59 -25.54
CA GLY B 122 -7.38 -16.17 -24.19
C GLY B 122 -6.04 -16.72 -23.65
N ALA B 123 -6.18 -17.26 -22.44
CA ALA B 123 -5.14 -17.99 -21.69
C ALA B 123 -4.96 -19.51 -21.99
N ASP B 124 -4.08 -20.15 -21.20
CA ASP B 124 -3.63 -21.58 -21.28
C ASP B 124 -4.46 -22.60 -22.10
N ASP B 145 -9.67 -18.55 -30.58
CA ASP B 145 -10.30 -18.75 -29.29
C ASP B 145 -10.14 -17.53 -28.40
N TYR B 146 -11.22 -16.76 -28.33
CA TYR B 146 -11.18 -15.40 -27.80
C TYR B 146 -11.84 -15.26 -26.43
N ASN B 147 -11.29 -14.37 -25.60
CA ASN B 147 -11.90 -13.98 -24.33
C ASN B 147 -13.27 -13.38 -24.61
N MET B 148 -14.28 -13.76 -23.83
CA MET B 148 -15.65 -13.35 -24.09
C MET B 148 -16.27 -12.50 -22.99
N HIS B 149 -15.45 -12.03 -22.07
CA HIS B 149 -15.95 -11.21 -20.96
C HIS B 149 -16.00 -9.77 -21.42
N LEU B 150 -16.90 -9.58 -22.36
CA LEU B 150 -16.99 -8.38 -23.17
C LEU B 150 -17.72 -7.26 -22.46
N TRP B 151 -18.69 -7.66 -21.64
CA TRP B 151 -19.57 -6.72 -20.96
C TRP B 151 -18.80 -5.75 -20.09
N LEU B 152 -17.48 -5.94 -19.95
CA LEU B 152 -16.60 -4.98 -19.26
C LEU B 152 -15.76 -4.10 -20.19
N SER B 153 -16.04 -4.14 -21.49
CA SER B 153 -15.42 -3.25 -22.47
C SER B 153 -16.33 -2.08 -22.78
N PRO B 154 -15.91 -0.84 -22.44
CA PRO B 154 -16.82 0.24 -22.70
C PRO B 154 -17.13 0.41 -24.16
N GLU B 155 -16.11 0.21 -25.00
CA GLU B 155 -16.30 0.32 -26.43
C GLU B 155 -17.32 -0.72 -26.90
N ILE B 156 -17.27 -1.91 -26.32
CA ILE B 156 -18.22 -2.96 -26.71
C ILE B 156 -19.62 -2.71 -26.16
N ALA B 157 -19.71 -2.25 -24.92
CA ALA B 157 -20.99 -1.87 -24.35
C ALA B 157 -21.69 -0.88 -25.29
N ARG B 158 -20.93 0.11 -25.75
CA ARG B 158 -21.43 1.14 -26.68
C ARG B 158 -22.08 0.45 -27.88
N ALA B 159 -21.29 -0.35 -28.59
CA ALA B 159 -21.74 -1.10 -29.76
C ALA B 159 -22.99 -1.94 -29.52
N SER B 160 -23.08 -2.51 -28.32
CA SER B 160 -24.22 -3.33 -27.90
C SER B 160 -25.46 -2.45 -27.71
N ALA B 161 -25.29 -1.29 -27.09
CA ALA B 161 -26.43 -0.38 -26.82
C ALA B 161 -27.05 0.07 -28.11
N VAL B 162 -26.17 0.48 -29.02
CA VAL B 162 -26.50 0.76 -30.42
C VAL B 162 -27.37 -0.34 -31.06
N ALA B 163 -26.89 -1.58 -31.00
CA ALA B 163 -27.55 -2.70 -31.69
C ALA B 163 -28.88 -3.08 -31.06
N ILE B 164 -28.94 -2.98 -29.73
CA ILE B 164 -30.19 -3.14 -28.99
C ILE B 164 -31.17 -2.07 -29.49
N HIS B 165 -30.76 -0.82 -29.40
CA HIS B 165 -31.59 0.29 -29.84
C HIS B 165 -32.13 0.10 -31.25
N GLU B 166 -31.26 -0.25 -32.17
CA GLU B 166 -31.68 -0.55 -33.52
C GLU B 166 -32.83 -1.55 -33.56
N LYS B 167 -32.67 -2.68 -32.88
CA LYS B 167 -33.66 -3.76 -32.92
C LYS B 167 -34.95 -3.37 -32.23
N LEU B 168 -34.89 -2.46 -31.28
CA LEU B 168 -36.07 -2.04 -30.56
C LEU B 168 -36.87 -1.06 -31.41
N VAL B 169 -36.19 -0.09 -32.00
CA VAL B 169 -36.83 0.80 -32.98
C VAL B 169 -37.60 0.01 -34.03
N GLU B 170 -36.99 -1.07 -34.52
CA GLU B 170 -37.64 -2.03 -35.45
C GLU B 170 -38.93 -2.61 -34.88
N LEU B 171 -38.82 -3.22 -33.71
CA LEU B 171 -39.90 -3.95 -33.10
C LEU B 171 -40.95 -3.03 -32.51
N MET B 172 -40.52 -1.87 -31.99
CA MET B 172 -41.39 -0.94 -31.25
C MET B 172 -41.27 0.48 -31.84
N PRO B 173 -41.73 0.65 -33.08
CA PRO B 173 -41.47 1.85 -33.86
C PRO B 173 -42.18 3.07 -33.33
N GLN B 174 -43.27 2.87 -32.60
CA GLN B 174 -43.99 4.02 -32.02
C GLN B 174 -43.27 4.59 -30.80
N SER B 175 -42.16 3.97 -30.39
CA SER B 175 -41.39 4.48 -29.24
C SER B 175 -40.05 5.10 -29.64
N ARG B 176 -39.76 5.12 -30.95
CA ARG B 176 -38.54 5.75 -31.49
C ARG B 176 -38.11 7.01 -30.76
N ALA B 177 -39.09 7.84 -30.41
CA ALA B 177 -38.85 9.08 -29.70
C ALA B 177 -37.94 8.88 -28.51
N LYS B 178 -38.48 8.11 -27.56
CA LYS B 178 -37.91 7.80 -26.28
C LYS B 178 -36.61 7.02 -26.46
N LEU B 179 -36.66 5.96 -27.27
CA LEU B 179 -35.49 5.11 -27.52
C LEU B 179 -34.26 5.90 -27.95
N ASP B 180 -34.42 6.69 -29.01
CA ASP B 180 -33.36 7.58 -29.48
C ASP B 180 -32.81 8.40 -28.31
N ALA B 181 -33.71 8.95 -27.51
CA ALA B 181 -33.35 9.79 -26.37
C ALA B 181 -32.68 9.04 -25.19
N ASN B 182 -33.11 7.82 -24.92
CA ASN B 182 -32.48 6.94 -23.91
C ASN B 182 -31.05 6.60 -24.26
N LEU B 183 -30.83 6.38 -25.57
CA LEU B 183 -29.54 5.99 -26.12
C LEU B 183 -28.59 7.14 -26.04
N LYS B 184 -29.01 8.30 -26.53
CA LYS B 184 -28.20 9.49 -26.38
C LYS B 184 -27.68 9.63 -24.94
N ASP B 185 -28.56 9.46 -23.95
CA ASP B 185 -28.22 9.67 -22.52
C ASP B 185 -27.21 8.68 -22.09
N PHE B 186 -27.44 7.44 -22.50
CA PHE B 186 -26.50 6.38 -22.22
C PHE B 186 -25.12 6.76 -22.73
N GLU B 187 -25.02 7.02 -24.02
CA GLU B 187 -23.75 7.40 -24.60
C GLU B 187 -23.08 8.52 -23.82
N ALA B 188 -23.87 9.46 -23.30
CA ALA B 188 -23.35 10.56 -22.49
C ALA B 188 -22.85 10.13 -21.11
N GLN B 189 -23.67 9.41 -20.34
CA GLN B 189 -23.22 8.86 -19.03
C GLN B 189 -21.98 8.05 -19.24
N LEU B 190 -22.08 7.07 -20.14
CA LEU B 190 -21.00 6.15 -20.44
C LEU B 190 -19.69 6.89 -20.72
N ALA B 191 -19.75 7.88 -21.62
CA ALA B 191 -18.58 8.73 -21.94
C ALA B 191 -18.00 9.47 -20.72
N ALA B 192 -18.87 10.11 -19.97
CA ALA B 192 -18.43 10.81 -18.78
C ALA B 192 -17.95 9.87 -17.67
N THR B 193 -18.43 8.63 -17.66
CA THR B 193 -17.95 7.65 -16.68
C THR B 193 -16.52 7.27 -17.11
N ASP B 194 -16.39 6.85 -18.35
CA ASP B 194 -15.08 6.43 -18.91
C ASP B 194 -13.96 7.41 -18.59
N LYS B 195 -14.35 8.66 -18.39
CA LYS B 195 -13.42 9.69 -17.99
C LYS B 195 -13.07 9.51 -16.52
N GLN B 196 -14.08 9.42 -15.66
CA GLN B 196 -13.84 9.42 -14.21
C GLN B 196 -13.13 8.17 -13.74
N VAL B 197 -13.53 7.03 -14.31
CA VAL B 197 -12.86 5.76 -14.03
C VAL B 197 -11.40 5.94 -14.41
N GLY B 198 -11.16 6.23 -15.68
CA GLY B 198 -9.81 6.44 -16.18
C GLY B 198 -8.91 7.11 -15.15
N ASN B 199 -9.40 8.21 -14.58
CA ASN B 199 -8.62 9.01 -13.63
C ASN B 199 -8.37 8.24 -12.36
N GLU B 200 -9.43 7.60 -11.84
CA GLU B 200 -9.34 6.83 -10.60
C GLU B 200 -8.34 5.72 -10.73
N LEU B 201 -8.37 5.04 -11.88
CA LEU B 201 -7.50 3.89 -12.11
C LEU B 201 -6.10 4.25 -12.61
N ALA B 202 -5.97 5.42 -13.20
CA ALA B 202 -4.68 5.82 -13.71
C ALA B 202 -3.49 5.60 -12.73
N PRO B 203 -3.62 6.03 -11.48
CA PRO B 203 -2.47 5.86 -10.57
C PRO B 203 -2.20 4.40 -10.12
N LEU B 204 -2.93 3.44 -10.67
CA LEU B 204 -2.73 2.07 -10.31
C LEU B 204 -2.05 1.32 -11.43
N LYS B 205 -1.69 2.07 -12.48
CA LYS B 205 -0.86 1.52 -13.54
C LYS B 205 0.38 1.14 -12.82
N GLY B 206 0.85 -0.07 -13.08
CA GLY B 206 2.12 -0.54 -12.56
C GLY B 206 1.91 -1.53 -11.44
N LYS B 207 1.12 -1.12 -10.47
CA LYS B 207 0.75 -1.99 -9.37
C LYS B 207 0.23 -3.29 -9.99
N GLY B 208 0.88 -4.39 -9.59
CA GLY B 208 0.52 -5.74 -9.99
C GLY B 208 -0.27 -6.46 -8.92
N TYR B 209 -1.21 -7.29 -9.37
CA TYR B 209 -2.22 -7.92 -8.50
C TYR B 209 -2.61 -9.21 -9.17
N PHE B 210 -3.40 -10.03 -8.49
CA PHE B 210 -3.86 -11.30 -9.06
C PHE B 210 -5.37 -11.37 -8.92
N VAL B 211 -6.03 -11.94 -9.92
CA VAL B 211 -7.48 -12.09 -9.88
C VAL B 211 -7.83 -13.54 -9.91
N PHE B 212 -8.96 -13.86 -9.29
CA PHE B 212 -9.52 -15.21 -9.36
C PHE B 212 -10.24 -15.16 -10.68
N HIS B 213 -9.99 -16.09 -11.62
CA HIS B 213 -10.84 -16.15 -12.83
C HIS B 213 -10.63 -14.96 -13.84
N ASP B 214 -10.40 -15.28 -15.11
CA ASP B 214 -9.96 -14.27 -16.11
C ASP B 214 -11.08 -13.58 -16.84
N ALA B 215 -11.57 -12.49 -16.27
CA ALA B 215 -12.79 -11.81 -16.77
C ALA B 215 -12.56 -10.39 -17.25
N TYR B 216 -11.42 -9.85 -16.85
CA TYR B 216 -11.28 -8.42 -16.77
C TYR B 216 -10.35 -7.91 -17.87
N GLY B 217 -10.01 -8.78 -18.81
CA GLY B 217 -9.03 -8.42 -19.81
C GLY B 217 -9.40 -7.08 -20.43
N TYR B 218 -10.65 -7.03 -20.89
CA TYR B 218 -11.11 -5.94 -21.71
C TYR B 218 -11.03 -4.63 -20.93
N TYR B 219 -11.59 -4.65 -19.73
CA TYR B 219 -11.59 -3.53 -18.82
C TYR B 219 -10.17 -3.16 -18.46
N GLU B 220 -9.36 -4.13 -18.07
CA GLU B 220 -8.00 -3.85 -17.60
C GLU B 220 -7.21 -3.22 -18.73
N LYS B 221 -7.34 -3.75 -19.95
CA LYS B 221 -6.48 -3.28 -21.03
C LYS B 221 -6.82 -1.86 -21.34
N HIS B 222 -8.12 -1.60 -21.34
CA HIS B 222 -8.66 -0.28 -21.69
C HIS B 222 -8.27 0.80 -20.71
N TYR B 223 -8.26 0.52 -19.41
CA TYR B 223 -7.82 1.52 -18.42
C TYR B 223 -6.33 1.41 -18.02
N GLY B 224 -5.63 0.49 -18.72
CA GLY B 224 -4.19 0.28 -18.55
C GLY B 224 -3.79 -0.29 -17.20
N LEU B 225 -4.56 -1.25 -16.68
CA LEU B 225 -4.19 -1.93 -15.45
C LEU B 225 -3.16 -3.01 -15.76
N THR B 226 -2.54 -3.54 -14.71
CA THR B 226 -1.28 -4.23 -14.81
C THR B 226 -1.33 -5.54 -14.05
N PRO B 227 -2.25 -6.40 -14.46
CA PRO B 227 -2.44 -7.62 -13.73
C PRO B 227 -1.28 -8.60 -13.86
N LEU B 228 -0.81 -9.16 -12.73
CA LEU B 228 0.22 -10.19 -12.76
C LEU B 228 -0.30 -11.52 -13.27
N GLY B 229 -1.61 -11.70 -13.19
CA GLY B 229 -2.23 -12.88 -13.80
C GLY B 229 -3.41 -13.35 -13.01
N HIS B 230 -3.96 -14.49 -13.42
CA HIS B 230 -5.19 -15.03 -12.82
C HIS B 230 -5.00 -16.40 -12.13
N PHE B 231 -5.88 -16.73 -11.19
CA PHE B 231 -5.86 -18.03 -10.53
C PHE B 231 -6.42 -19.10 -11.44
N THR B 232 -7.62 -18.87 -11.97
CA THR B 232 -8.18 -19.76 -12.98
C THR B 232 -8.58 -19.01 -14.24
N VAL B 233 -9.20 -19.75 -15.15
CA VAL B 233 -9.85 -19.18 -16.32
C VAL B 233 -11.32 -19.56 -16.25
N ASN B 234 -11.62 -20.84 -16.41
CA ASN B 234 -12.88 -21.38 -15.90
C ASN B 234 -12.71 -21.61 -14.42
N PRO B 235 -13.60 -21.01 -13.60
CA PRO B 235 -13.50 -21.18 -12.17
C PRO B 235 -14.28 -22.39 -11.62
N GLU B 236 -14.70 -23.31 -12.49
CA GLU B 236 -15.06 -24.66 -12.01
C GLU B 236 -13.82 -25.56 -11.90
N ILE B 237 -12.70 -25.12 -12.45
CA ILE B 237 -11.40 -25.75 -12.21
C ILE B 237 -10.82 -25.08 -10.95
N GLN B 238 -9.90 -25.75 -10.25
CA GLN B 238 -9.59 -25.43 -8.84
C GLN B 238 -8.71 -24.21 -8.45
N PRO B 239 -7.52 -24.08 -9.02
CA PRO B 239 -6.94 -24.90 -10.07
C PRO B 239 -6.05 -25.94 -9.47
N GLY B 240 -5.39 -25.59 -8.36
CA GLY B 240 -4.17 -26.27 -7.93
C GLY B 240 -3.15 -26.28 -9.07
N ALA B 241 -2.00 -26.87 -8.87
CA ALA B 241 -1.42 -27.09 -7.56
C ALA B 241 -0.10 -26.35 -7.69
N GLN B 242 0.50 -26.51 -8.86
CA GLN B 242 1.60 -25.71 -9.33
C GLN B 242 1.18 -24.30 -9.57
N ARG B 243 -0.03 -24.12 -10.07
CA ARG B 243 -0.62 -22.78 -10.25
C ARG B 243 -0.56 -22.00 -8.97
N LEU B 244 -1.09 -22.61 -7.92
CA LEU B 244 -1.06 -22.02 -6.60
C LEU B 244 0.37 -21.77 -6.05
N HIS B 245 1.33 -22.62 -6.43
CA HIS B 245 2.71 -22.39 -6.05
C HIS B 245 3.27 -21.13 -6.73
N GLU B 246 3.13 -21.03 -8.05
CA GLU B 246 3.73 -19.91 -8.82
C GLU B 246 3.22 -18.57 -8.38
N ILE B 247 1.98 -18.55 -7.90
CA ILE B 247 1.39 -17.37 -7.29
C ILE B 247 2.07 -17.12 -5.93
N ARG B 248 2.05 -18.12 -5.05
CA ARG B 248 2.62 -17.98 -3.70
C ARG B 248 3.97 -17.31 -3.82
N THR B 249 4.87 -17.90 -4.61
CA THR B 249 6.27 -17.44 -4.68
C THR B 249 6.28 -15.98 -5.09
N GLN B 250 5.52 -15.67 -6.12
CA GLN B 250 5.39 -14.29 -6.57
C GLN B 250 4.96 -13.32 -5.44
N LEU B 251 4.08 -13.75 -4.56
CA LEU B 251 3.56 -12.86 -3.53
C LEU B 251 4.55 -12.63 -2.43
N VAL B 252 5.25 -13.69 -2.02
CA VAL B 252 6.24 -13.60 -0.94
C VAL B 252 7.50 -12.91 -1.41
N GLU B 253 7.76 -12.95 -2.71
CA GLU B 253 8.89 -12.25 -3.30
C GLU B 253 8.43 -10.81 -3.64
N GLN B 254 7.93 -10.11 -2.60
CA GLN B 254 7.16 -8.87 -2.72
C GLN B 254 6.31 -8.89 -3.99
N LYS B 255 6.62 -8.08 -5.01
CA LYS B 255 6.14 -8.34 -6.39
C LYS B 255 4.63 -8.14 -6.71
N ALA B 256 3.75 -8.34 -5.73
CA ALA B 256 2.29 -8.12 -5.90
C ALA B 256 1.75 -7.30 -4.75
N THR B 257 0.86 -6.33 -5.06
CA THR B 257 0.28 -5.44 -4.04
C THR B 257 -1.03 -6.03 -3.55
N CYS B 258 -1.89 -6.45 -4.48
CA CYS B 258 -3.18 -7.00 -4.08
C CYS B 258 -3.51 -8.39 -4.64
N VAL B 259 -4.43 -9.06 -3.98
CA VAL B 259 -5.09 -10.25 -4.53
C VAL B 259 -6.62 -10.10 -4.45
N PHE B 260 -7.33 -10.57 -5.48
CA PHE B 260 -8.76 -10.30 -5.66
C PHE B 260 -9.57 -11.57 -5.74
N ALA B 261 -10.45 -11.69 -4.77
CA ALA B 261 -11.45 -12.74 -4.71
C ALA B 261 -12.63 -12.44 -5.63
N GLU B 262 -13.66 -13.29 -5.55
CA GLU B 262 -14.93 -12.95 -6.14
C GLU B 262 -16.05 -13.47 -5.28
N PRO B 263 -17.18 -12.77 -5.33
CA PRO B 263 -18.23 -13.09 -4.42
C PRO B 263 -18.97 -14.34 -4.85
N GLN B 264 -18.88 -14.74 -6.12
CA GLN B 264 -19.61 -15.95 -6.54
C GLN B 264 -18.75 -17.19 -6.46
N PHE B 265 -17.69 -17.11 -5.66
CA PHE B 265 -16.80 -18.24 -5.43
C PHE B 265 -16.10 -18.11 -4.08
N ARG B 266 -15.87 -19.23 -3.41
CA ARG B 266 -15.26 -19.20 -2.10
C ARG B 266 -13.86 -18.62 -2.11
N PRO B 267 -13.67 -17.55 -1.34
CA PRO B 267 -12.37 -16.88 -1.27
C PRO B 267 -11.34 -17.79 -0.65
N ALA B 268 -11.84 -18.73 0.15
CA ALA B 268 -11.07 -19.84 0.69
C ALA B 268 -9.65 -19.94 0.10
N VAL B 269 -9.54 -20.20 -1.21
CA VAL B 269 -8.23 -20.50 -1.87
C VAL B 269 -7.27 -19.33 -1.95
N VAL B 270 -7.84 -18.13 -1.93
CA VAL B 270 -7.11 -16.91 -2.07
C VAL B 270 -6.52 -16.44 -0.71
N GLU B 271 -7.30 -16.39 0.38
CA GLU B 271 -6.67 -16.42 1.72
C GLU B 271 -5.90 -17.73 1.57
N ALA B 272 -4.80 -17.90 2.27
CA ALA B 272 -3.82 -18.93 1.88
C ALA B 272 -3.09 -18.18 0.81
N VAL B 273 -2.11 -18.82 0.15
CA VAL B 273 -1.26 -18.13 -0.84
C VAL B 273 -1.17 -16.63 -0.63
N ALA B 274 -1.21 -16.17 0.62
CA ALA B 274 -1.34 -14.73 0.93
C ALA B 274 -1.21 -14.53 2.41
N ARG B 275 -1.91 -15.35 3.20
CA ARG B 275 -1.70 -15.30 4.63
C ARG B 275 -0.22 -15.44 4.96
N GLY B 276 0.25 -14.55 5.82
CA GLY B 276 1.68 -14.45 6.12
C GLY B 276 2.35 -13.30 5.42
N THR B 277 1.88 -13.02 4.21
CA THR B 277 2.52 -12.05 3.30
C THR B 277 1.98 -10.62 3.43
N SER B 278 2.66 -9.67 2.79
CA SER B 278 2.30 -8.25 2.87
C SER B 278 1.38 -7.84 1.73
N VAL B 279 0.81 -8.85 1.07
CA VAL B 279 -0.24 -8.62 0.10
C VAL B 279 -1.57 -8.26 0.77
N ARG B 280 -2.23 -7.23 0.24
CA ARG B 280 -3.54 -6.82 0.70
C ARG B 280 -4.55 -7.65 -0.07
N MET B 281 -5.79 -7.68 0.41
CA MET B 281 -6.81 -8.48 -0.26
C MET B 281 -8.10 -7.76 -0.50
N GLY B 282 -8.68 -8.01 -1.67
CA GLY B 282 -9.96 -7.40 -2.05
C GLY B 282 -10.86 -8.34 -2.83
N THR B 283 -11.88 -7.77 -3.50
CA THR B 283 -12.89 -8.53 -4.26
C THR B 283 -13.32 -7.78 -5.51
N LEU B 284 -13.59 -8.53 -6.58
CA LEU B 284 -14.09 -7.95 -7.85
C LEU B 284 -15.34 -8.70 -8.21
N ASP B 285 -16.39 -7.98 -8.58
CA ASP B 285 -17.66 -8.60 -8.91
C ASP B 285 -17.93 -8.21 -10.32
N PRO B 286 -17.68 -9.15 -11.21
CA PRO B 286 -17.83 -8.96 -12.63
C PRO B 286 -19.25 -9.13 -13.12
N LEU B 287 -20.19 -9.41 -12.23
CA LEU B 287 -21.60 -9.38 -12.60
C LEU B 287 -22.38 -8.27 -11.90
N GLY B 288 -21.68 -7.37 -11.18
CA GLY B 288 -22.33 -6.31 -10.43
C GLY B 288 -23.60 -6.81 -9.75
N THR B 289 -23.51 -7.97 -9.12
CA THR B 289 -24.69 -8.66 -8.56
C THR B 289 -25.52 -7.80 -7.62
N ASN B 290 -24.90 -6.79 -7.02
CA ASN B 290 -25.55 -5.96 -6.04
C ASN B 290 -25.93 -4.58 -6.55
N ILE B 291 -26.20 -4.48 -7.87
CA ILE B 291 -26.59 -3.21 -8.52
C ILE B 291 -27.93 -3.42 -9.20
N LYS B 292 -28.86 -2.47 -9.02
CA LYS B 292 -30.24 -2.63 -9.53
C LYS B 292 -30.31 -2.15 -10.98
N LEU B 293 -31.02 -2.91 -11.81
CA LEU B 293 -31.25 -2.49 -13.19
C LEU B 293 -31.81 -1.07 -13.24
N GLY B 294 -31.45 -0.31 -14.27
CA GLY B 294 -31.79 1.12 -14.31
C GLY B 294 -30.98 1.83 -15.38
N LYS B 295 -31.25 3.11 -15.59
CA LYS B 295 -30.59 3.78 -16.68
C LYS B 295 -29.09 3.87 -16.37
N THR B 296 -28.83 4.34 -15.16
CA THR B 296 -27.48 4.62 -14.71
C THR B 296 -26.76 3.40 -14.14
N SER B 297 -27.30 2.21 -14.37
CA SER B 297 -26.82 1.01 -13.73
C SER B 297 -25.51 0.60 -14.36
N TYR B 298 -25.40 0.68 -15.68
CA TYR B 298 -24.17 0.20 -16.28
C TYR B 298 -22.99 1.13 -15.96
N SER B 299 -23.23 2.42 -16.01
CA SER B 299 -22.19 3.37 -15.59
C SER B 299 -21.77 3.13 -14.11
N ALA B 300 -22.72 2.75 -13.28
CA ALA B 300 -22.46 2.40 -11.88
C ALA B 300 -21.59 1.17 -11.77
N PHE B 301 -21.90 0.16 -12.58
CA PHE B 301 -21.10 -1.06 -12.64
C PHE B 301 -19.63 -0.72 -12.83
N LEU B 302 -19.29 0.01 -13.89
CA LEU B 302 -17.87 0.36 -14.14
C LEU B 302 -17.22 1.12 -12.99
N ASN B 303 -17.97 2.08 -12.43
CA ASN B 303 -17.49 2.84 -11.29
C ASN B 303 -17.24 1.97 -10.07
N GLN B 304 -18.07 0.95 -9.92
CA GLN B 304 -18.02 0.11 -8.74
C GLN B 304 -16.74 -0.66 -8.88
N LEU B 305 -16.69 -1.42 -9.96
CA LEU B 305 -15.54 -2.18 -10.32
C LEU B 305 -14.24 -1.39 -10.18
N ALA B 306 -14.23 -0.14 -10.67
CA ALA B 306 -13.05 0.70 -10.52
C ALA B 306 -12.74 0.82 -9.03
N ASN B 307 -13.75 1.19 -8.25
CA ASN B 307 -13.56 1.33 -6.83
C ASN B 307 -13.10 0.04 -6.14
N GLN B 308 -13.56 -1.10 -6.64
CA GLN B 308 -13.17 -2.39 -6.09
C GLN B 308 -11.67 -2.58 -6.22
N TYR B 309 -11.18 -2.47 -7.46
CA TYR B 309 -9.73 -2.51 -7.79
C TYR B 309 -8.94 -1.50 -6.94
N ALA B 310 -9.40 -0.25 -6.99
CA ALA B 310 -8.67 0.87 -6.42
C ALA B 310 -8.67 0.87 -4.91
N SER B 311 -9.73 0.35 -4.30
CA SER B 311 -9.84 0.43 -2.84
C SER B 311 -8.79 -0.39 -2.14
N CYS B 312 -8.33 -1.41 -2.86
CA CYS B 312 -7.24 -2.29 -2.47
C CYS B 312 -5.89 -1.74 -2.94
N LEU B 313 -5.82 -1.34 -4.21
CA LEU B 313 -4.56 -0.99 -4.85
C LEU B 313 -3.96 0.41 -4.51
N LYS B 314 -4.78 1.39 -4.13
CA LYS B 314 -4.32 2.73 -3.72
C LYS B 314 -3.07 2.76 -2.84
N GLY B 315 -2.19 3.75 -3.00
CA GLY B 315 -0.96 3.83 -2.17
C GLY B 315 0.09 4.85 -2.63
N ALA C 32 42.69 -24.79 53.10
CA ALA C 32 42.15 -24.39 51.78
C ALA C 32 41.84 -22.91 51.73
N VAL C 33 41.84 -22.36 50.52
CA VAL C 33 41.35 -21.02 50.30
C VAL C 33 39.86 -21.14 50.03
N VAL C 34 39.04 -20.49 50.85
CA VAL C 34 37.60 -20.58 50.71
C VAL C 34 37.05 -19.26 50.17
N ALA C 35 36.66 -19.30 48.90
CA ALA C 35 36.07 -18.15 48.21
C ALA C 35 34.57 -18.19 48.35
N SER C 36 33.97 -17.01 48.42
CA SER C 36 32.53 -16.91 48.56
C SER C 36 31.80 -17.20 47.22
N LEU C 37 32.25 -16.56 46.13
CA LEU C 37 31.63 -16.73 44.81
C LEU C 37 32.59 -17.38 43.85
N LYS C 38 32.05 -18.00 42.82
CA LYS C 38 32.88 -18.82 41.99
C LYS C 38 33.93 -18.06 41.21
N PRO C 39 33.64 -16.83 40.80
CA PRO C 39 34.79 -16.15 40.12
C PRO C 39 35.90 -15.59 41.05
N LEU C 40 35.57 -15.38 42.32
CA LEU C 40 36.59 -15.21 43.34
C LEU C 40 37.39 -16.51 43.54
N GLY C 41 36.73 -17.65 43.44
CA GLY C 41 37.44 -18.90 43.36
C GLY C 41 38.44 -18.88 42.20
N PHE C 42 37.98 -18.55 40.99
CA PHE C 42 38.83 -18.59 39.79
C PHE C 42 40.15 -17.87 39.96
N ILE C 43 40.07 -16.77 40.73
CA ILE C 43 41.23 -15.96 41.06
C ILE C 43 42.10 -16.67 42.07
N ALA C 44 41.54 -16.94 43.22
CA ALA C 44 42.28 -17.69 44.24
C ALA C 44 42.83 -19.01 43.70
N SER C 45 42.10 -19.72 42.84
CA SER C 45 42.62 -20.98 42.31
C SER C 45 43.91 -20.79 41.50
N ALA C 46 44.10 -19.60 40.94
CA ALA C 46 45.31 -19.28 40.14
C ALA C 46 46.52 -18.97 40.99
N ILE C 47 46.28 -18.31 42.10
CA ILE C 47 47.32 -17.89 43.01
C ILE C 47 47.76 -19.03 43.91
N ALA C 48 46.80 -19.78 44.45
CA ALA C 48 47.09 -20.92 45.37
C ALA C 48 47.20 -22.24 44.62
N ASP C 49 47.44 -22.18 43.31
CA ASP C 49 47.60 -23.38 42.52
C ASP C 49 48.87 -24.07 43.02
N GLY C 50 48.79 -25.37 43.23
CA GLY C 50 49.92 -26.15 43.72
C GLY C 50 50.33 -25.85 45.14
N VAL C 51 49.52 -25.11 45.90
CA VAL C 51 49.88 -24.74 47.30
C VAL C 51 48.79 -25.14 48.30
N THR C 52 47.55 -24.92 47.92
CA THR C 52 46.40 -25.45 48.64
C THR C 52 45.25 -25.43 47.64
N ASP C 53 44.20 -26.17 47.93
CA ASP C 53 43.04 -26.19 47.04
C ASP C 53 42.14 -24.99 47.37
N THR C 54 41.33 -24.63 46.38
CA THR C 54 40.42 -23.53 46.50
C THR C 54 38.98 -24.09 46.61
N GLN C 55 38.13 -23.40 47.36
CA GLN C 55 36.77 -23.84 47.59
C GLN C 55 35.79 -22.70 47.52
N VAL C 56 34.73 -22.93 46.74
CA VAL C 56 33.67 -21.94 46.56
C VAL C 56 32.48 -22.30 47.45
N LEU C 57 31.91 -21.31 48.14
CA LEU C 57 30.76 -21.55 49.05
C LEU C 57 29.42 -21.56 48.33
N LEU C 58 29.16 -20.49 47.61
CA LEU C 58 27.94 -20.35 46.81
C LEU C 58 27.93 -21.33 45.62
N PRO C 59 27.03 -22.32 45.70
CA PRO C 59 26.98 -23.43 44.72
C PRO C 59 26.49 -23.03 43.33
N ASP C 60 26.85 -23.83 42.33
CA ASP C 60 26.60 -23.45 40.94
C ASP C 60 25.10 -23.28 40.72
N GLY C 61 24.72 -22.16 40.15
CA GLY C 61 23.33 -21.93 39.81
C GLY C 61 22.55 -21.27 40.93
N ALA C 62 23.16 -21.04 42.09
CA ALA C 62 22.55 -20.15 43.07
C ALA C 62 22.93 -18.75 42.72
N SER C 63 22.21 -17.79 43.31
CA SER C 63 22.54 -16.36 43.13
C SER C 63 23.16 -15.77 44.36
N GLU C 64 24.19 -14.96 44.11
CA GLU C 64 24.75 -14.06 45.08
C GLU C 64 23.74 -13.33 46.00
N HIS C 65 22.62 -12.87 45.48
CA HIS C 65 21.55 -12.36 46.34
C HIS C 65 20.63 -13.55 46.47
N ASP C 66 20.41 -14.05 47.67
CA ASP C 66 19.59 -15.29 47.91
C ASP C 66 20.43 -16.57 48.03
N TYR C 67 21.28 -16.57 49.04
CA TYR C 67 21.86 -17.78 49.63
C TYR C 67 21.87 -17.55 51.16
N SER C 68 22.08 -18.63 51.88
CA SER C 68 22.46 -18.58 53.29
C SER C 68 23.27 -19.83 53.58
N LEU C 69 24.21 -19.69 54.50
CA LEU C 69 25.24 -20.67 54.64
C LEU C 69 24.73 -21.93 55.30
N ARG C 70 24.99 -23.06 54.63
CA ARG C 70 24.83 -24.35 55.24
C ARG C 70 25.66 -24.40 56.51
N PRO C 71 25.23 -25.15 57.51
CA PRO C 71 26.14 -25.58 58.56
C PRO C 71 27.51 -26.01 58.04
N SER C 72 27.54 -26.91 57.06
CA SER C 72 28.81 -27.44 56.51
C SER C 72 29.64 -26.39 55.79
N ASP C 73 28.99 -25.33 55.33
CA ASP C 73 29.68 -24.22 54.69
C ASP C 73 30.38 -23.39 55.74
N VAL C 74 29.79 -23.33 56.92
CA VAL C 74 30.41 -22.55 57.98
C VAL C 74 31.60 -23.32 58.52
N LYS C 75 31.52 -24.65 58.54
CA LYS C 75 32.69 -25.44 58.86
C LYS C 75 33.83 -25.04 57.93
N ARG C 76 33.58 -25.08 56.62
CA ARG C 76 34.61 -24.74 55.66
C ARG C 76 35.23 -23.39 55.94
N LEU C 77 34.43 -22.41 56.35
CA LEU C 77 34.96 -21.09 56.73
C LEU C 77 35.84 -21.09 57.99
N GLN C 78 35.37 -21.80 59.01
CA GLN C 78 36.06 -21.83 60.29
C GLN C 78 37.45 -22.42 60.12
N GLY C 79 37.56 -23.41 59.23
CA GLY C 79 38.84 -24.08 58.99
C GLY C 79 39.50 -23.75 57.67
N ALA C 80 39.21 -22.57 57.13
CA ALA C 80 39.87 -22.14 55.92
C ALA C 80 41.17 -21.52 56.35
N ASP C 81 42.21 -21.69 55.53
CA ASP C 81 43.47 -20.97 55.67
C ASP C 81 43.21 -19.49 55.41
N LEU C 82 42.58 -19.22 54.27
CA LEU C 82 42.30 -17.86 53.83
C LEU C 82 40.89 -17.80 53.26
N VAL C 83 40.16 -16.78 53.67
CA VAL C 83 38.79 -16.55 53.19
C VAL C 83 38.77 -15.33 52.29
N VAL C 84 38.12 -15.44 51.14
CA VAL C 84 38.10 -14.36 50.19
C VAL C 84 36.67 -14.06 49.90
N TRP C 85 36.33 -12.79 50.05
CA TRP C 85 35.02 -12.31 49.73
C TRP C 85 35.10 -10.84 49.43
N ILE C 86 33.99 -10.30 48.99
CA ILE C 86 33.94 -8.92 48.56
C ILE C 86 33.74 -8.01 49.78
N GLY C 87 32.68 -8.21 50.53
CA GLY C 87 32.36 -7.28 51.58
C GLY C 87 30.89 -7.26 51.89
N PRO C 88 30.51 -6.64 52.99
CA PRO C 88 29.19 -6.90 53.55
C PRO C 88 28.07 -6.31 52.70
N GLU C 89 28.41 -5.35 51.83
CA GLU C 89 27.41 -4.76 50.93
C GLU C 89 27.11 -5.72 49.78
N MET C 90 27.88 -6.79 49.64
CA MET C 90 27.62 -7.82 48.65
C MET C 90 27.20 -9.10 49.37
N GLU C 91 28.13 -10.00 49.69
CA GLU C 91 27.79 -11.30 50.29
C GLU C 91 27.23 -11.16 51.70
N ALA C 92 26.02 -10.63 51.77
CA ALA C 92 25.40 -10.34 53.04
C ALA C 92 25.48 -11.56 53.93
N PHE C 93 25.05 -12.68 53.34
CA PHE C 93 24.92 -13.95 54.06
C PHE C 93 26.13 -14.45 54.82
N MET C 94 27.27 -13.82 54.61
CA MET C 94 28.44 -14.25 55.35
C MET C 94 29.19 -13.19 56.13
N GLU C 95 28.64 -12.01 56.25
CA GLU C 95 29.21 -11.06 57.16
C GLU C 95 29.22 -11.84 58.44
N LYS C 96 28.04 -12.31 58.77
CA LYS C 96 27.84 -13.14 59.93
C LYS C 96 29.09 -13.85 60.42
N SER C 97 29.52 -14.86 59.67
CA SER C 97 30.50 -15.83 60.13
C SER C 97 31.94 -15.30 60.05
N VAL C 98 32.11 -14.23 59.31
CA VAL C 98 33.41 -13.69 59.00
C VAL C 98 33.92 -12.78 60.14
N LYS C 99 33.07 -12.41 61.07
CA LYS C 99 33.52 -11.57 62.17
C LYS C 99 34.45 -12.32 63.11
N ASN C 100 34.31 -13.65 63.21
CA ASN C 100 35.21 -14.47 64.03
C ASN C 100 36.60 -14.59 63.43
N ILE C 101 36.66 -14.53 62.09
CA ILE C 101 37.92 -14.66 61.39
C ILE C 101 38.73 -13.37 61.55
N PRO C 102 40.00 -13.50 61.94
CA PRO C 102 40.90 -12.35 61.99
C PRO C 102 41.45 -11.89 60.63
N ASP C 103 41.94 -10.65 60.59
CA ASP C 103 42.34 -9.96 59.34
C ASP C 103 43.42 -10.62 58.51
N GLY C 104 44.30 -11.39 59.13
CA GLY C 104 45.39 -12.04 58.42
C GLY C 104 44.93 -13.28 57.68
N LYS C 105 43.78 -13.81 58.13
CA LYS C 105 43.11 -14.98 57.55
C LYS C 105 41.94 -14.66 56.58
N GLN C 106 41.81 -13.40 56.16
CA GLN C 106 40.81 -13.06 55.16
C GLN C 106 41.13 -11.84 54.29
N VAL C 107 40.49 -11.78 53.13
CA VAL C 107 40.69 -10.71 52.16
C VAL C 107 39.33 -10.19 51.77
N THR C 108 39.09 -8.93 52.10
CA THR C 108 37.80 -8.33 51.89
C THR C 108 37.91 -7.29 50.82
N ILE C 109 37.55 -7.66 49.61
CA ILE C 109 37.92 -6.91 48.42
C ILE C 109 37.34 -5.50 48.27
N ALA C 110 36.14 -5.26 48.80
CA ALA C 110 35.51 -3.93 48.68
C ALA C 110 36.23 -2.91 49.52
N GLN C 111 36.90 -3.38 50.57
CA GLN C 111 37.70 -2.52 51.44
C GLN C 111 39.20 -2.73 51.25
N LEU C 112 39.67 -2.69 50.02
CA LEU C 112 41.08 -2.83 49.79
C LEU C 112 41.62 -1.48 49.45
N ALA C 113 42.92 -1.32 49.65
CA ALA C 113 43.60 -0.09 49.34
C ALA C 113 43.33 0.34 47.90
N ASP C 114 43.63 -0.52 46.93
CA ASP C 114 43.61 -0.13 45.49
C ASP C 114 42.25 -0.24 44.81
N VAL C 115 41.26 -0.75 45.54
CA VAL C 115 39.94 -1.05 44.97
C VAL C 115 38.97 0.06 45.31
N LYS C 116 38.88 0.33 46.61
CA LYS C 116 38.11 1.45 47.16
C LYS C 116 38.10 2.63 46.16
N PRO C 117 39.28 3.16 45.76
CA PRO C 117 39.27 4.30 44.85
C PRO C 117 38.51 4.15 43.55
N LEU C 118 38.32 2.94 43.04
CA LEU C 118 37.56 2.79 41.78
C LEU C 118 36.18 2.03 41.87
N LEU C 119 35.52 2.14 43.01
CA LEU C 119 34.13 1.70 43.16
C LEU C 119 33.17 2.62 42.44
N MET C 120 32.19 2.05 41.72
CA MET C 120 31.15 2.85 41.00
C MET C 120 29.83 3.02 41.79
N LYS C 121 28.93 3.85 41.29
CA LYS C 121 27.66 4.12 41.96
C LYS C 121 26.55 3.29 41.37
N GLY C 122 25.52 3.03 42.17
CA GLY C 122 24.42 2.11 41.78
C GLY C 122 23.20 2.79 41.19
N ALA C 123 23.04 2.74 39.86
CA ALA C 123 22.09 3.63 39.15
C ALA C 123 20.62 3.16 39.24
N ASP C 145 26.45 4.63 48.08
CA ASP C 145 25.98 3.27 47.85
C ASP C 145 26.48 2.77 46.49
N TYR C 146 27.44 1.86 46.54
CA TYR C 146 28.21 1.49 45.37
C TYR C 146 27.89 0.13 44.81
N ASN C 147 27.98 -0.01 43.50
CA ASN C 147 27.86 -1.32 42.83
C ASN C 147 28.97 -2.24 43.33
N MET C 148 28.66 -3.51 43.64
CA MET C 148 29.62 -4.42 44.25
C MET C 148 29.93 -5.64 43.40
N HIS C 149 29.52 -5.61 42.15
CA HIS C 149 29.80 -6.70 41.23
C HIS C 149 31.20 -6.47 40.63
N LEU C 150 32.15 -6.58 41.54
CA LEU C 150 33.53 -6.23 41.31
C LEU C 150 34.35 -7.29 40.60
N TRP C 151 34.01 -8.55 40.89
CA TRP C 151 34.73 -9.68 40.34
C TRP C 151 34.75 -9.67 38.79
N LEU C 152 34.03 -8.74 38.14
CA LEU C 152 34.10 -8.59 36.67
C LEU C 152 34.96 -7.40 36.24
N SER C 153 35.67 -6.77 37.18
CA SER C 153 36.62 -5.68 36.88
C SER C 153 38.01 -6.22 36.81
N PRO C 154 38.64 -6.15 35.63
CA PRO C 154 39.97 -6.76 35.56
C PRO C 154 41.00 -6.06 36.44
N GLU C 155 40.88 -4.75 36.54
CA GLU C 155 41.72 -3.98 37.44
C GLU C 155 41.52 -4.44 38.88
N ILE C 156 40.28 -4.70 39.27
CA ILE C 156 40.01 -5.16 40.64
C ILE C 156 40.46 -6.58 40.88
N ALA C 157 40.23 -7.45 39.91
CA ALA C 157 40.70 -8.82 40.01
C ALA C 157 42.20 -8.80 40.31
N ARG C 158 42.93 -8.00 39.56
CA ARG C 158 44.34 -7.89 39.86
C ARG C 158 44.40 -7.66 41.34
N ALA C 159 44.09 -6.44 41.71
CA ALA C 159 44.28 -6.01 43.09
C ALA C 159 43.98 -7.08 44.11
N SER C 160 42.98 -7.89 43.81
CA SER C 160 42.55 -9.00 44.67
C SER C 160 43.61 -10.10 44.67
N ALA C 161 44.16 -10.41 43.49
CA ALA C 161 45.12 -11.50 43.34
C ALA C 161 46.34 -11.18 44.15
N VAL C 162 46.79 -9.94 43.98
CA VAL C 162 47.85 -9.33 44.79
C VAL C 162 47.61 -9.56 46.29
N ALA C 163 46.44 -9.15 46.78
CA ALA C 163 46.18 -9.18 48.21
C ALA C 163 46.09 -10.60 48.76
N ILE C 164 45.52 -11.50 47.96
CA ILE C 164 45.47 -12.92 48.27
C ILE C 164 46.91 -13.40 48.42
N HIS C 165 47.70 -13.20 47.37
CA HIS C 165 49.10 -13.61 47.35
C HIS C 165 49.87 -13.12 48.59
N GLU C 166 49.73 -11.84 48.89
CA GLU C 166 50.33 -11.30 50.08
C GLU C 166 49.99 -12.14 51.30
N LYS C 167 48.70 -12.40 51.52
CA LYS C 167 48.24 -13.08 52.75
C LYS C 167 48.70 -14.52 52.77
N LEU C 168 48.90 -15.11 51.59
CA LEU C 168 49.30 -16.50 51.53
C LEU C 168 50.77 -16.63 51.82
N VAL C 169 51.58 -15.77 51.22
CA VAL C 169 52.98 -15.65 51.57
C VAL C 169 53.17 -15.55 53.09
N GLU C 170 52.35 -14.71 53.74
CA GLU C 170 52.32 -14.61 55.22
C GLU C 170 52.06 -15.94 55.90
N LEU C 171 50.97 -16.59 55.52
CA LEU C 171 50.49 -17.79 56.19
C LEU C 171 51.27 -19.03 55.80
N MET C 172 51.76 -19.07 54.55
CA MET C 172 52.45 -20.26 54.01
C MET C 172 53.81 -19.83 53.41
N PRO C 173 54.73 -19.39 54.29
CA PRO C 173 55.95 -18.74 53.86
C PRO C 173 56.90 -19.67 53.13
N GLN C 174 56.80 -20.97 53.38
CA GLN C 174 57.68 -21.95 52.72
C GLN C 174 57.25 -22.19 51.27
N SER C 175 56.15 -21.56 50.83
CA SER C 175 55.71 -21.71 49.44
C SER C 175 55.91 -20.43 48.60
N ARG C 176 56.47 -19.39 49.21
CA ARG C 176 56.78 -18.12 48.51
C ARG C 176 57.26 -18.28 47.08
N ALA C 177 58.09 -19.30 46.87
CA ALA C 177 58.62 -19.61 45.56
C ALA C 177 57.51 -19.66 44.51
N LYS C 178 56.64 -20.65 44.72
CA LYS C 178 55.53 -21.02 43.86
C LYS C 178 54.51 -19.91 43.77
N LEU C 179 54.09 -19.40 44.94
CA LEU C 179 53.16 -18.26 45.01
C LEU C 179 53.54 -17.04 44.12
N ASP C 180 54.74 -16.51 44.33
CA ASP C 180 55.28 -15.44 43.50
C ASP C 180 55.13 -15.80 42.02
N ALA C 181 55.48 -17.04 41.68
CA ALA C 181 55.43 -17.52 40.28
C ALA C 181 54.02 -17.74 39.72
N ASN C 182 53.09 -18.21 40.55
CA ASN C 182 51.68 -18.29 40.20
C ASN C 182 51.04 -16.96 39.89
N LEU C 183 51.44 -15.97 40.68
CA LEU C 183 50.94 -14.60 40.56
C LEU C 183 51.43 -13.95 39.29
N LYS C 184 52.73 -14.00 39.08
CA LYS C 184 53.29 -13.52 37.84
C LYS C 184 52.49 -14.04 36.64
N ASP C 185 52.18 -15.36 36.62
CA ASP C 185 51.49 -16.00 35.48
C ASP C 185 50.12 -15.45 35.32
N PHE C 186 49.45 -15.34 36.45
CA PHE C 186 48.13 -14.73 36.45
C PHE C 186 48.16 -13.35 35.80
N GLU C 187 48.97 -12.46 36.37
CA GLU C 187 49.07 -11.11 35.82
C GLU C 187 49.30 -11.13 34.32
N ALA C 188 50.08 -12.11 33.84
CA ALA C 188 50.34 -12.25 32.40
C ALA C 188 49.13 -12.72 31.61
N GLN C 189 48.50 -13.84 32.02
CA GLN C 189 47.27 -14.30 31.34
C GLN C 189 46.28 -13.15 31.32
N LEU C 190 46.00 -12.61 32.51
CA LEU C 190 45.00 -11.60 32.70
C LEU C 190 45.23 -10.44 31.75
N ALA C 191 46.45 -9.94 31.72
CA ALA C 191 46.82 -8.86 30.80
C ALA C 191 46.58 -9.22 29.33
N ALA C 192 47.04 -10.39 28.91
CA ALA C 192 46.83 -10.83 27.55
C ALA C 192 45.37 -11.15 27.22
N THR C 193 44.57 -11.50 28.22
CA THR C 193 43.13 -11.71 27.98
C THR C 193 42.48 -10.33 27.77
N ASP C 194 42.72 -9.42 28.70
CA ASP C 194 42.18 -8.06 28.62
C ASP C 194 42.36 -7.43 27.23
N LYS C 195 43.40 -7.89 26.53
CA LYS C 195 43.66 -7.44 25.19
C LYS C 195 42.68 -8.10 24.22
N GLN C 196 42.56 -9.44 24.26
CA GLN C 196 41.76 -10.21 23.26
C GLN C 196 40.27 -9.89 23.43
N VAL C 197 39.82 -9.77 24.69
CA VAL C 197 38.45 -9.36 24.97
C VAL C 197 38.21 -7.99 24.36
N GLY C 198 38.99 -7.01 24.79
CA GLY C 198 38.90 -5.65 24.27
C GLY C 198 38.63 -5.57 22.78
N ASN C 199 39.36 -6.34 22.01
CA ASN C 199 39.18 -6.40 20.56
C ASN C 199 37.87 -7.01 20.16
N GLU C 200 37.53 -8.16 20.76
CA GLU C 200 36.27 -8.83 20.46
C GLU C 200 35.08 -7.91 20.72
N LEU C 201 35.12 -7.19 21.85
CA LEU C 201 34.00 -6.33 22.28
C LEU C 201 34.02 -4.94 21.67
N ALA C 202 35.16 -4.48 21.22
CA ALA C 202 35.26 -3.17 20.57
C ALA C 202 34.18 -2.85 19.48
N PRO C 203 34.01 -3.71 18.48
CA PRO C 203 32.89 -3.47 17.54
C PRO C 203 31.40 -3.47 18.06
N LEU C 204 31.19 -3.66 19.35
CA LEU C 204 29.85 -3.76 19.88
C LEU C 204 29.56 -2.48 20.64
N LYS C 205 30.54 -1.57 20.60
CA LYS C 205 30.34 -0.25 21.16
C LYS C 205 29.20 0.29 20.31
N GLY C 206 28.20 0.87 20.97
CA GLY C 206 27.08 1.50 20.30
C GLY C 206 25.82 0.66 20.34
N LYS C 207 25.95 -0.60 19.93
CA LYS C 207 24.85 -1.58 20.07
C LYS C 207 24.36 -1.57 21.52
N GLY C 208 23.06 -1.27 21.64
CA GLY C 208 22.36 -1.23 22.92
C GLY C 208 21.56 -2.50 23.16
N TYR C 209 21.50 -2.89 24.43
CA TYR C 209 20.95 -4.18 24.83
C TYR C 209 20.41 -3.99 26.25
N PHE C 210 19.73 -5.01 26.78
CA PHE C 210 19.19 -4.94 28.13
C PHE C 210 19.61 -6.20 28.88
N VAL C 211 19.94 -6.04 30.16
CA VAL C 211 20.37 -7.18 30.98
C VAL C 211 19.38 -7.36 32.09
N PHE C 212 19.23 -8.61 32.49
CA PHE C 212 18.44 -8.95 33.65
C PHE C 212 19.41 -8.65 34.76
N HIS C 213 19.07 -7.83 35.76
CA HIS C 213 19.97 -7.73 36.94
C HIS C 213 21.31 -6.97 36.66
N ASP C 214 21.62 -5.97 37.49
CA ASP C 214 22.75 -5.04 37.23
C ASP C 214 24.08 -5.49 37.81
N ALA C 215 24.84 -6.28 37.05
CA ALA C 215 26.06 -6.94 37.55
C ALA C 215 27.33 -6.53 36.79
N TYR C 216 27.11 -5.93 35.64
CA TYR C 216 28.14 -5.91 34.62
C TYR C 216 28.72 -4.52 34.48
N GLY C 217 28.41 -3.63 35.42
CA GLY C 217 28.83 -2.24 35.26
C GLY C 217 30.32 -2.16 35.02
N TYR C 218 31.05 -2.83 35.89
CA TYR C 218 32.49 -2.73 35.91
C TYR C 218 33.08 -3.23 34.60
N TYR C 219 32.68 -4.43 34.22
CA TYR C 219 33.07 -5.03 32.95
C TYR C 219 32.64 -4.16 31.77
N GLU C 220 31.39 -3.75 31.72
CA GLU C 220 30.86 -3.02 30.59
C GLU C 220 31.57 -1.68 30.44
N LYS C 221 31.82 -0.98 31.56
CA LYS C 221 32.44 0.33 31.46
C LYS C 221 33.87 0.20 30.94
N HIS C 222 34.57 -0.78 31.47
CA HIS C 222 35.95 -1.06 31.12
C HIS C 222 36.13 -1.41 29.65
N TYR C 223 35.25 -2.20 29.06
CA TYR C 223 35.36 -2.55 27.64
C TYR C 223 34.51 -1.65 26.71
N GLY C 224 33.89 -0.64 27.33
CA GLY C 224 33.10 0.38 26.63
C GLY C 224 31.84 -0.12 25.98
N LEU C 225 31.13 -1.01 26.65
CA LEU C 225 29.86 -1.48 26.16
C LEU C 225 28.79 -0.43 26.47
N THR C 226 27.62 -0.61 25.86
CA THR C 226 26.62 0.44 25.69
C THR C 226 25.25 -0.04 26.11
N PRO C 227 25.13 -0.47 27.36
CA PRO C 227 23.90 -1.05 27.80
C PRO C 227 22.76 0.00 27.87
N LEU C 228 21.58 -0.30 27.30
CA LEU C 228 20.40 0.55 27.46
C LEU C 228 19.83 0.51 28.87
N GLY C 229 20.11 -0.56 29.61
CA GLY C 229 19.75 -0.61 31.03
C GLY C 229 19.45 -2.02 31.48
N HIS C 230 18.98 -2.12 32.72
CA HIS C 230 18.72 -3.41 33.35
C HIS C 230 17.26 -3.62 33.70
N PHE C 231 16.85 -4.89 33.82
CA PHE C 231 15.49 -5.22 34.27
C PHE C 231 15.34 -5.03 35.76
N THR C 232 16.23 -5.63 36.53
CA THR C 232 16.29 -5.39 37.97
C THR C 232 17.67 -4.97 38.43
N VAL C 233 17.80 -4.85 39.75
CA VAL C 233 19.08 -4.64 40.40
C VAL C 233 19.29 -5.80 41.34
N ASN C 234 18.51 -5.87 42.42
CA ASN C 234 18.30 -7.14 43.10
C ASN C 234 17.29 -7.93 42.27
N PRO C 235 17.65 -9.14 41.84
CA PRO C 235 16.74 -9.98 41.10
C PRO C 235 15.83 -10.87 41.96
N GLU C 236 15.71 -10.61 43.26
CA GLU C 236 14.54 -11.13 44.02
C GLU C 236 13.32 -10.19 43.90
N ILE C 237 13.53 -8.99 43.38
CA ILE C 237 12.43 -8.10 42.99
C ILE C 237 12.08 -8.44 41.54
N GLN C 238 10.87 -8.12 41.09
CA GLN C 238 10.28 -8.80 39.92
C GLN C 238 10.72 -8.44 38.48
N PRO C 239 10.72 -7.17 38.11
CA PRO C 239 10.37 -6.02 38.91
C PRO C 239 8.92 -5.66 38.77
N GLY C 240 8.37 -5.88 37.56
CA GLY C 240 7.16 -5.18 37.11
C GLY C 240 7.37 -3.69 37.25
N ALA C 241 6.36 -2.89 36.93
CA ALA C 241 5.30 -3.25 36.01
C ALA C 241 5.43 -2.18 34.95
N GLN C 242 5.67 -0.97 35.42
CA GLN C 242 6.15 0.14 34.60
C GLN C 242 7.53 -0.11 34.05
N ARG C 243 8.38 -0.73 34.85
CA ARG C 243 9.72 -1.13 34.41
C ARG C 243 9.62 -1.92 33.13
N LEU C 244 8.82 -2.97 33.19
CA LEU C 244 8.60 -3.82 32.04
C LEU C 244 7.95 -3.10 30.84
N HIS C 245 7.14 -2.08 31.09
CA HIS C 245 6.59 -1.25 30.00
C HIS C 245 7.69 -0.44 29.31
N GLU C 246 8.51 0.28 30.10
CA GLU C 246 9.53 1.16 29.52
C GLU C 246 10.54 0.41 28.65
N ILE C 247 10.80 -0.84 29.02
CA ILE C 247 11.63 -1.74 28.23
C ILE C 247 10.90 -2.12 26.95
N ARG C 248 9.68 -2.68 27.08
CA ARG C 248 8.89 -3.08 25.92
C ARG C 248 8.97 -1.97 24.86
N THR C 249 8.57 -0.75 25.23
CA THR C 249 8.44 0.33 24.26
C THR C 249 9.77 0.54 23.55
N GLN C 250 10.81 0.60 24.33
CA GLN C 250 12.15 0.72 23.78
C GLN C 250 12.46 -0.37 22.76
N LEU C 251 12.00 -1.59 22.99
CA LEU C 251 12.38 -2.71 22.11
C LEU C 251 11.62 -2.67 20.80
N VAL C 252 10.34 -2.33 20.89
CA VAL C 252 9.50 -2.25 19.69
C VAL C 252 9.77 -1.01 18.87
N GLU C 253 10.31 0.04 19.52
CA GLU C 253 10.75 1.24 18.82
C GLU C 253 12.22 1.03 18.33
N GLN C 254 12.42 -0.04 17.55
CA GLN C 254 13.71 -0.63 17.24
C GLN C 254 14.66 -0.47 18.44
N LYS C 255 15.68 0.37 18.35
CA LYS C 255 16.38 0.88 19.54
C LYS C 255 17.29 -0.09 20.35
N ALA C 256 16.96 -1.38 20.37
CA ALA C 256 17.75 -2.38 21.10
C ALA C 256 18.00 -3.56 20.22
N THR C 257 19.23 -4.08 20.28
CA THR C 257 19.65 -5.20 19.43
C THR C 257 19.44 -6.50 20.18
N CYS C 258 19.91 -6.56 21.43
CA CYS C 258 19.79 -7.79 22.21
C CYS C 258 19.16 -7.63 23.59
N VAL C 259 18.66 -8.75 24.12
CA VAL C 259 18.24 -8.83 25.49
C VAL C 259 18.90 -10.05 26.11
N PHE C 260 19.32 -9.91 27.36
CA PHE C 260 20.13 -10.92 28.04
C PHE C 260 19.51 -11.46 29.30
N ALA C 261 19.25 -12.76 29.25
CA ALA C 261 18.76 -13.52 30.40
C ALA C 261 19.89 -13.88 31.33
N GLU C 262 19.60 -14.68 32.34
CA GLU C 262 20.64 -15.29 33.14
C GLU C 262 20.21 -16.69 33.57
N PRO C 263 21.19 -17.55 33.73
CA PRO C 263 20.87 -18.92 33.93
C PRO C 263 20.40 -19.18 35.35
N GLN C 264 20.71 -18.30 36.29
CA GLN C 264 20.25 -18.56 37.65
C GLN C 264 18.90 -17.90 37.96
N PHE C 265 18.14 -17.57 36.90
CA PHE C 265 16.82 -16.97 37.02
C PHE C 265 16.00 -17.32 35.81
N ARG C 266 14.71 -17.52 36.01
CA ARG C 266 13.82 -17.87 34.92
C ARG C 266 13.75 -16.78 33.84
N PRO C 267 14.08 -17.17 32.61
CA PRO C 267 14.11 -16.23 31.48
C PRO C 267 12.70 -15.78 31.18
N ALA C 268 11.74 -16.62 31.58
CA ALA C 268 10.31 -16.31 31.61
C ALA C 268 9.99 -14.85 31.30
N VAL C 269 10.41 -13.92 32.16
CA VAL C 269 10.03 -12.47 32.05
C VAL C 269 10.62 -11.75 30.85
N VAL C 270 11.75 -12.26 30.38
CA VAL C 270 12.50 -11.65 29.30
C VAL C 270 11.94 -12.07 27.92
N GLU C 271 11.73 -13.36 27.65
CA GLU C 271 10.80 -13.73 26.58
C GLU C 271 9.55 -13.01 27.12
N ALA C 272 8.62 -12.60 26.27
CA ALA C 272 7.70 -11.53 26.66
C ALA C 272 8.55 -10.30 26.42
N VAL C 273 8.03 -9.12 26.72
CA VAL C 273 8.74 -7.87 26.40
C VAL C 273 9.76 -8.01 25.28
N ALA C 274 9.49 -8.85 24.28
CA ALA C 274 10.48 -9.21 23.26
C ALA C 274 9.80 -10.03 22.22
N ARG C 275 9.01 -11.01 22.64
CA ARG C 275 8.26 -11.79 21.67
C ARG C 275 7.42 -10.84 20.79
N GLY C 276 7.46 -11.08 19.49
CA GLY C 276 6.88 -10.17 18.52
C GLY C 276 7.90 -9.25 17.87
N THR C 277 8.91 -8.86 18.65
CA THR C 277 9.88 -7.88 18.22
C THR C 277 11.13 -8.44 17.52
N SER C 278 11.93 -7.56 16.93
CA SER C 278 13.11 -7.96 16.17
C SER C 278 14.37 -7.93 17.04
N VAL C 279 14.16 -7.88 18.34
CA VAL C 279 15.24 -8.09 19.29
C VAL C 279 15.70 -9.56 19.36
N ARG C 280 17.02 -9.75 19.35
CA ARG C 280 17.62 -11.07 19.50
C ARG C 280 17.74 -11.33 21.00
N MET C 281 17.94 -12.58 21.39
CA MET C 281 18.04 -12.92 22.81
C MET C 281 19.20 -13.83 23.15
N GLY C 282 19.84 -13.53 24.28
CA GLY C 282 21.00 -14.29 24.74
C GLY C 282 20.97 -14.47 26.25
N THR C 283 22.14 -14.84 26.77
CA THR C 283 22.33 -15.09 28.22
C THR C 283 23.71 -14.64 28.70
N LEU C 284 23.79 -14.16 29.92
CA LEU C 284 25.05 -13.78 30.56
C LEU C 284 25.10 -14.53 31.86
N ASP C 285 26.24 -15.13 32.15
CA ASP C 285 26.44 -15.85 33.39
C ASP C 285 27.57 -15.12 34.10
N PRO C 286 27.20 -14.29 35.07
CA PRO C 286 28.11 -13.55 35.91
C PRO C 286 28.77 -14.33 37.03
N LEU C 287 28.46 -15.61 37.16
CA LEU C 287 29.20 -16.45 38.10
C LEU C 287 29.99 -17.53 37.39
N GLY C 288 30.06 -17.49 36.06
CA GLY C 288 30.75 -18.54 35.28
C GLY C 288 30.50 -19.93 35.84
N THR C 289 29.24 -20.22 36.18
CA THR C 289 28.89 -21.44 36.88
C THR C 289 29.45 -22.71 36.24
N ASN C 290 29.74 -22.68 34.94
CA ASN C 290 30.10 -23.86 34.17
C ASN C 290 31.56 -23.92 33.81
N ILE C 291 32.39 -23.28 34.65
CA ILE C 291 33.84 -23.17 34.41
C ILE C 291 34.53 -23.74 35.63
N LYS C 292 35.53 -24.60 35.40
CA LYS C 292 36.16 -25.31 36.51
C LYS C 292 37.25 -24.45 37.09
N LEU C 293 37.33 -24.42 38.42
CA LEU C 293 38.45 -23.78 39.09
C LEU C 293 39.79 -24.23 38.50
N GLY C 294 40.77 -23.32 38.44
CA GLY C 294 42.04 -23.63 37.76
C GLY C 294 42.82 -22.37 37.54
N LYS C 295 44.02 -22.49 37.01
CA LYS C 295 44.87 -21.31 36.89
C LYS C 295 44.23 -20.36 35.89
N THR C 296 43.88 -20.94 34.76
CA THR C 296 43.35 -20.19 33.61
C THR C 296 41.87 -19.94 33.66
N SER C 297 41.25 -20.16 34.82
CA SER C 297 39.82 -20.14 34.95
C SER C 297 39.31 -18.74 34.91
N TYR C 298 40.00 -17.82 35.59
CA TYR C 298 39.46 -16.47 35.60
C TYR C 298 39.58 -15.82 34.22
N SER C 299 40.70 -16.04 33.56
CA SER C 299 40.85 -15.53 32.18
C SER C 299 39.76 -16.15 31.26
N ALA C 300 39.39 -17.39 31.51
CA ALA C 300 38.31 -18.05 30.78
C ALA C 300 36.96 -17.42 31.02
N PHE C 301 36.71 -17.11 32.29
CA PHE C 301 35.50 -16.37 32.69
C PHE C 301 35.29 -15.13 31.84
N LEU C 302 36.27 -14.24 31.81
CA LEU C 302 36.15 -13.00 31.00
C LEU C 302 35.91 -13.26 29.52
N ASN C 303 36.63 -14.25 28.98
CA ASN C 303 36.49 -14.62 27.58
C ASN C 303 35.13 -15.19 27.24
N GLN C 304 34.58 -15.92 28.23
CA GLN C 304 33.29 -16.57 28.06
C GLN C 304 32.26 -15.47 27.97
N LEU C 305 32.22 -14.70 29.04
CA LEU C 305 31.39 -13.53 29.12
C LEU C 305 31.43 -12.65 27.87
N ALA C 306 32.64 -12.39 27.36
CA ALA C 306 32.78 -11.59 26.16
C ALA C 306 32.03 -12.28 25.04
N ASN C 307 32.30 -13.57 24.85
CA ASN C 307 31.62 -14.33 23.83
C ASN C 307 30.09 -14.36 24.01
N GLN C 308 29.62 -14.37 25.27
CA GLN C 308 28.17 -14.36 25.55
C GLN C 308 27.54 -13.11 24.98
N TYR C 309 28.07 -11.95 25.38
CA TYR C 309 27.66 -10.61 24.85
C TYR C 309 27.71 -10.56 23.36
N ALA C 310 28.88 -10.93 22.84
CA ALA C 310 29.22 -10.78 21.42
C ALA C 310 28.46 -11.75 20.53
N SER C 311 28.16 -12.94 21.03
CA SER C 311 27.52 -13.92 20.18
C SER C 311 26.11 -13.50 19.75
N CYS C 312 25.49 -12.69 20.60
CA CYS C 312 24.18 -12.09 20.37
C CYS C 312 24.31 -10.74 19.62
N LEU C 313 25.22 -9.89 20.08
CA LEU C 313 25.36 -8.52 19.56
C LEU C 313 26.04 -8.34 18.19
N LYS C 314 26.92 -9.25 17.76
CA LYS C 314 27.59 -9.19 16.43
C LYS C 314 26.67 -8.76 15.28
N GLY C 315 27.16 -8.00 14.29
CA GLY C 315 26.31 -7.59 13.14
C GLY C 315 26.80 -6.40 12.33
N ALA D 32 -1.10 -49.73 13.41
CA ALA D 32 -0.46 -48.40 13.58
C ALA D 32 -0.13 -47.78 12.24
N VAL D 33 -0.02 -46.45 12.23
CA VAL D 33 0.51 -45.74 11.09
C VAL D 33 2.01 -45.64 11.28
N VAL D 34 2.78 -46.17 10.33
CA VAL D 34 4.22 -46.17 10.44
C VAL D 34 4.82 -45.21 9.45
N ALA D 35 5.32 -44.10 9.99
CA ALA D 35 5.98 -43.04 9.21
C ALA D 35 7.47 -43.25 9.18
N SER D 36 8.08 -42.87 8.09
CA SER D 36 9.49 -43.08 7.91
C SER D 36 10.27 -42.05 8.70
N LEU D 37 9.91 -40.78 8.55
CA LEU D 37 10.64 -39.67 9.22
C LEU D 37 9.73 -38.99 10.22
N LYS D 38 10.32 -38.35 11.20
CA LYS D 38 9.53 -37.86 12.29
C LYS D 38 8.53 -36.80 11.90
N PRO D 39 8.85 -35.95 10.91
CA PRO D 39 7.79 -34.97 10.67
C PRO D 39 6.64 -35.55 9.86
N LEU D 40 6.88 -36.64 9.15
CA LEU D 40 5.79 -37.37 8.53
C LEU D 40 4.98 -38.01 9.63
N GLY D 41 5.63 -38.42 10.69
CA GLY D 41 4.91 -38.81 11.88
C GLY D 41 3.99 -37.69 12.34
N PHE D 42 4.54 -36.48 12.52
CA PHE D 42 3.80 -35.37 13.07
C PHE D 42 2.47 -35.14 12.36
N ILE D 43 2.52 -35.40 11.04
CA ILE D 43 1.33 -35.29 10.19
C ILE D 43 0.36 -36.45 10.45
N ALA D 44 0.84 -37.66 10.21
CA ALA D 44 0.04 -38.82 10.51
C ALA D 44 -0.49 -38.80 11.93
N SER D 45 0.29 -38.35 12.89
CA SER D 45 -0.19 -38.34 14.28
C SER D 45 -1.42 -37.47 14.46
N ALA D 46 -1.57 -36.46 13.60
CA ALA D 46 -2.69 -35.52 13.67
C ALA D 46 -3.95 -36.10 13.09
N ILE D 47 -3.78 -36.88 12.03
CA ILE D 47 -4.90 -37.44 11.30
C ILE D 47 -5.40 -38.67 12.00
N ALA D 48 -4.48 -39.51 12.44
CA ALA D 48 -4.84 -40.77 13.10
C ALA D 48 -4.86 -40.63 14.63
N ASP D 49 -5.03 -39.40 15.09
CA ASP D 49 -5.17 -39.18 16.52
C ASP D 49 -6.46 -39.80 17.00
N GLY D 50 -6.38 -40.53 18.11
CA GLY D 50 -7.56 -41.22 18.62
C GLY D 50 -8.07 -42.41 17.83
N VAL D 51 -7.32 -42.87 16.85
CA VAL D 51 -7.80 -43.93 15.97
C VAL D 51 -6.80 -45.07 15.97
N THR D 52 -5.53 -44.70 15.90
CA THR D 52 -4.44 -45.64 15.99
C THR D 52 -3.24 -44.80 16.34
N ASP D 53 -2.22 -45.45 16.86
CA ASP D 53 -1.00 -44.73 17.17
C ASP D 53 -0.14 -44.60 15.93
N THR D 54 0.76 -43.64 15.99
CA THR D 54 1.69 -43.37 14.92
C THR D 54 3.09 -43.83 15.35
N GLN D 55 3.88 -44.27 14.39
CA GLN D 55 5.23 -44.74 14.66
C GLN D 55 6.24 -44.26 13.63
N VAL D 56 7.33 -43.71 14.12
CA VAL D 56 8.40 -43.23 13.30
C VAL D 56 9.53 -44.25 13.25
N LEU D 57 10.07 -44.51 12.07
CA LEU D 57 11.14 -45.52 11.89
C LEU D 57 12.49 -44.93 12.18
N LEU D 58 12.82 -43.85 11.49
CA LEU D 58 14.09 -43.16 11.67
C LEU D 58 14.18 -42.49 13.05
N PRO D 59 15.05 -43.02 13.92
CA PRO D 59 15.17 -42.57 15.30
C PRO D 59 15.76 -41.17 15.48
N ASP D 60 15.45 -40.56 16.62
CA ASP D 60 15.82 -39.17 16.84
C ASP D 60 17.32 -39.03 16.74
N GLY D 61 17.76 -38.07 15.95
CA GLY D 61 19.16 -37.77 15.90
C GLY D 61 19.90 -38.55 14.84
N ALA D 62 19.24 -39.49 14.19
CA ALA D 62 19.79 -40.06 12.98
C ALA D 62 19.45 -39.11 11.85
N SER D 63 20.15 -39.27 10.72
CA SER D 63 19.86 -38.52 9.51
C SER D 63 19.15 -39.38 8.49
N GLU D 64 18.16 -38.80 7.88
CA GLU D 64 17.57 -39.26 6.64
C GLU D 64 18.55 -39.86 5.57
N HIS D 65 19.69 -39.22 5.32
CA HIS D 65 20.74 -39.86 4.51
C HIS D 65 21.59 -40.52 5.56
N ASP D 66 21.71 -41.84 5.53
CA ASP D 66 22.47 -42.63 6.57
C ASP D 66 21.59 -43.25 7.65
N TYR D 67 20.66 -44.10 7.20
CA TYR D 67 19.99 -45.09 8.06
C TYR D 67 19.85 -46.37 7.24
N SER D 68 19.54 -47.46 7.95
CA SER D 68 19.11 -48.70 7.32
C SER D 68 18.25 -49.39 8.33
N LEU D 69 17.26 -50.12 7.84
CA LEU D 69 16.23 -50.63 8.70
C LEU D 69 16.68 -51.78 9.58
N ARG D 70 16.44 -51.61 10.88
CA ARG D 70 16.55 -52.71 11.82
C ARG D 70 15.60 -53.83 11.35
N PRO D 71 15.95 -55.09 11.63
CA PRO D 71 14.96 -56.17 11.62
C PRO D 71 13.64 -55.79 12.25
N SER D 72 13.67 -55.24 13.45
CA SER D 72 12.44 -54.85 14.18
C SER D 72 11.66 -53.70 13.53
N ASP D 73 12.36 -52.89 12.74
CA ASP D 73 11.74 -51.79 11.99
C ASP D 73 11.00 -52.35 10.79
N VAL D 74 11.51 -53.43 10.23
CA VAL D 74 10.81 -54.05 9.14
C VAL D 74 9.55 -54.77 9.66
N LYS D 75 9.61 -55.33 10.87
CA LYS D 75 8.41 -55.91 11.47
C LYS D 75 7.34 -54.86 11.53
N ARG D 76 7.68 -53.70 12.09
CA ARG D 76 6.72 -52.61 12.18
C ARG D 76 6.10 -52.28 10.83
N LEU D 77 6.88 -52.32 9.75
CA LEU D 77 6.36 -52.06 8.40
C LEU D 77 5.43 -53.15 7.90
N GLN D 78 5.82 -54.40 8.11
CA GLN D 78 5.05 -55.53 7.63
C GLN D 78 3.65 -55.51 8.27
N GLY D 79 3.57 -55.10 9.53
CA GLY D 79 2.31 -55.09 10.25
C GLY D 79 1.74 -53.72 10.49
N ALA D 80 2.08 -52.78 9.64
CA ALA D 80 1.52 -51.43 9.76
C ALA D 80 0.20 -51.46 9.06
N ASP D 81 -0.77 -50.68 9.57
CA ASP D 81 -2.05 -50.42 8.90
C ASP D 81 -1.79 -49.61 7.66
N LEU D 82 -1.05 -48.52 7.86
CA LEU D 82 -0.69 -47.60 6.78
C LEU D 82 0.77 -47.15 6.93
N VAL D 83 1.49 -47.17 5.80
CA VAL D 83 2.87 -46.74 5.76
C VAL D 83 2.94 -45.40 5.05
N VAL D 84 3.65 -44.45 5.62
CA VAL D 84 3.81 -43.15 5.00
C VAL D 84 5.28 -42.88 4.80
N TRP D 85 5.64 -42.56 3.56
CA TRP D 85 6.98 -42.15 3.25
C TRP D 85 6.98 -41.31 2.01
N ILE D 86 8.13 -40.77 1.67
CA ILE D 86 8.22 -39.82 0.57
C ILE D 86 8.33 -40.54 -0.74
N GLY D 87 9.33 -41.39 -0.86
CA GLY D 87 9.57 -42.02 -2.14
C GLY D 87 11.01 -42.41 -2.28
N PRO D 88 11.30 -43.22 -3.30
CA PRO D 88 12.59 -43.90 -3.35
C PRO D 88 13.76 -42.96 -3.56
N GLU D 89 13.53 -41.77 -4.08
CA GLU D 89 14.62 -40.80 -4.24
C GLU D 89 15.00 -40.16 -2.89
N MET D 90 14.20 -40.38 -1.83
CA MET D 90 14.52 -39.87 -0.51
C MET D 90 14.86 -41.04 0.38
N GLU D 91 13.88 -41.63 1.05
CA GLU D 91 14.16 -42.74 1.97
C GLU D 91 14.60 -44.02 1.22
N ALA D 92 15.78 -43.95 0.65
CA ALA D 92 16.32 -45.03 -0.12
C ALA D 92 16.16 -46.32 0.66
N PHE D 93 16.61 -46.25 1.91
CA PHE D 93 16.69 -47.41 2.79
C PHE D 93 15.43 -48.23 2.95
N MET D 94 14.32 -47.72 2.46
CA MET D 94 13.09 -48.48 2.58
C MET D 94 12.30 -48.71 1.33
N GLU D 95 12.84 -48.39 0.18
CA GLU D 95 12.21 -48.84 -1.02
C GLU D 95 12.09 -50.30 -0.75
N LYS D 96 13.26 -50.88 -0.57
CA LYS D 96 13.37 -52.27 -0.30
C LYS D 96 12.07 -52.90 0.18
N SER D 97 11.69 -52.59 1.41
CA SER D 97 10.66 -53.34 2.15
C SER D 97 9.25 -52.94 1.75
N VAL D 98 9.15 -51.82 1.05
CA VAL D 98 7.89 -51.24 0.68
C VAL D 98 7.31 -51.84 -0.61
N LYS D 99 8.08 -52.61 -1.36
CA LYS D 99 7.54 -53.26 -2.54
C LYS D 99 6.54 -54.35 -2.22
N ASN D 100 6.67 -54.98 -1.06
CA ASN D 100 5.70 -56.01 -0.61
C ASN D 100 4.35 -55.41 -0.21
N ILE D 101 4.38 -54.18 0.28
CA ILE D 101 3.18 -53.50 0.72
C ILE D 101 2.36 -53.05 -0.49
N PRO D 102 1.06 -53.37 -0.51
CA PRO D 102 0.19 -52.90 -1.59
C PRO D 102 -0.23 -51.43 -1.44
N ASP D 103 -0.69 -50.85 -2.56
CA ASP D 103 -0.98 -49.41 -2.67
C ASP D 103 -2.00 -48.84 -1.72
N GLY D 104 -2.95 -49.65 -1.26
CA GLY D 104 -4.00 -49.17 -0.35
C GLY D 104 -3.50 -49.01 1.08
N LYS D 105 -2.39 -49.70 1.37
CA LYS D 105 -1.75 -49.72 2.67
C LYS D 105 -0.52 -48.79 2.76
N GLN D 106 -0.33 -47.93 1.76
CA GLN D 106 0.76 -46.96 1.83
C GLN D 106 0.51 -45.64 1.09
N VAL D 107 1.23 -44.61 1.50
CA VAL D 107 1.13 -43.29 0.90
C VAL D 107 2.53 -42.83 0.55
N THR D 108 2.78 -42.63 -0.74
CA THR D 108 4.13 -42.31 -1.23
C THR D 108 4.13 -40.92 -1.76
N ILE D 109 4.58 -39.98 -0.93
CA ILE D 109 4.27 -38.54 -1.11
C ILE D 109 4.91 -37.86 -2.34
N ALA D 110 6.09 -38.31 -2.78
CA ALA D 110 6.72 -37.74 -3.97
C ALA D 110 5.91 -38.04 -5.23
N GLN D 111 5.13 -39.12 -5.21
CA GLN D 111 4.31 -39.54 -6.36
C GLN D 111 2.85 -39.37 -6.05
N LEU D 112 2.48 -38.20 -5.57
CA LEU D 112 1.08 -37.94 -5.36
C LEU D 112 0.61 -37.05 -6.48
N ALA D 113 -0.70 -37.06 -6.69
CA ALA D 113 -1.33 -36.19 -7.67
C ALA D 113 -0.92 -34.72 -7.50
N ASP D 114 -1.17 -34.14 -6.30
CA ASP D 114 -1.01 -32.70 -6.08
C ASP D 114 0.39 -32.26 -5.71
N VAL D 115 1.32 -33.19 -5.56
CA VAL D 115 2.67 -32.90 -5.08
C VAL D 115 3.67 -32.87 -6.24
N LYS D 116 3.66 -33.96 -7.00
CA LYS D 116 4.41 -34.08 -8.23
C LYS D 116 4.53 -32.71 -8.92
N PRO D 117 3.41 -32.05 -9.25
CA PRO D 117 3.55 -30.79 -9.98
C PRO D 117 4.48 -29.76 -9.35
N LEU D 118 4.67 -29.78 -8.02
CA LEU D 118 5.46 -28.71 -7.37
C LEU D 118 6.75 -29.18 -6.74
N LEU D 119 7.33 -30.23 -7.31
CA LEU D 119 8.70 -30.64 -6.96
C LEU D 119 9.75 -29.71 -7.52
N MET D 120 10.75 -29.35 -6.73
CA MET D 120 11.83 -28.43 -7.17
C MET D 120 13.08 -29.17 -7.65
N LYS D 121 14.03 -28.44 -8.22
CA LYS D 121 15.27 -29.03 -8.74
C LYS D 121 16.41 -28.90 -7.73
N GLY D 122 17.39 -29.81 -7.81
CA GLY D 122 18.49 -29.89 -6.82
C GLY D 122 19.76 -29.13 -7.19
N ALA D 123 19.98 -27.95 -6.61
CA ALA D 123 21.00 -26.99 -7.08
C ALA D 123 22.46 -27.35 -6.70
N ASP D 145 16.00 -34.52 -11.70
CA ASP D 145 16.50 -34.88 -10.38
C ASP D 145 16.12 -33.81 -9.35
N TYR D 146 15.14 -34.16 -8.51
CA TYR D 146 14.44 -33.18 -7.68
C TYR D 146 14.80 -33.23 -6.19
N ASN D 147 14.81 -32.07 -5.53
CA ASN D 147 14.91 -32.00 -4.06
C ASN D 147 13.73 -32.75 -3.44
N MET D 148 14.00 -33.55 -2.40
CA MET D 148 12.96 -34.37 -1.81
C MET D 148 12.67 -34.04 -0.36
N HIS D 149 13.16 -32.90 0.10
CA HIS D 149 12.94 -32.47 1.48
C HIS D 149 11.60 -31.75 1.53
N LEU D 150 10.57 -32.55 1.27
CA LEU D 150 9.21 -32.10 1.06
C LEU D 150 8.46 -31.80 2.35
N TRP D 151 8.79 -32.56 3.39
CA TRP D 151 8.06 -32.50 4.64
C TRP D 151 8.11 -31.10 5.26
N LEU D 152 8.90 -30.19 4.67
CA LEU D 152 8.90 -28.80 5.08
C LEU D 152 8.09 -27.86 4.17
N SER D 153 7.32 -28.42 3.24
CA SER D 153 6.43 -27.64 2.36
C SER D 153 5.02 -27.73 2.91
N PRO D 154 4.47 -26.60 3.36
CA PRO D 154 3.14 -26.69 3.96
C PRO D 154 2.09 -27.15 2.97
N GLU D 155 2.24 -26.72 1.71
CA GLU D 155 1.33 -27.14 0.64
C GLU D 155 1.41 -28.65 0.51
N ILE D 156 2.62 -29.20 0.57
CA ILE D 156 2.79 -30.65 0.43
C ILE D 156 2.29 -31.41 1.64
N ALA D 157 2.58 -30.90 2.83
CA ALA D 157 2.07 -31.48 4.04
C ALA D 157 0.53 -31.65 3.93
N ARG D 158 -0.13 -30.58 3.47
CA ARG D 158 -1.57 -30.56 3.29
C ARG D 158 -1.96 -31.78 2.46
N ALA D 159 -1.41 -31.84 1.25
CA ALA D 159 -1.71 -32.91 0.31
C ALA D 159 -1.51 -34.29 0.90
N SER D 160 -0.49 -34.41 1.73
CA SER D 160 -0.15 -35.68 2.39
C SER D 160 -1.20 -36.04 3.43
N ALA D 161 -1.64 -35.06 4.21
CA ALA D 161 -2.65 -35.30 5.26
C ALA D 161 -3.93 -35.83 4.66
N VAL D 162 -4.37 -35.13 3.62
CA VAL D 162 -5.46 -35.55 2.76
C VAL D 162 -5.32 -37.02 2.37
N ALA D 163 -4.19 -37.38 1.77
CA ALA D 163 -4.03 -38.72 1.20
C ALA D 163 -4.00 -39.81 2.28
N ILE D 164 -3.38 -39.49 3.40
CA ILE D 164 -3.38 -40.35 4.57
C ILE D 164 -4.84 -40.58 4.97
N HIS D 165 -5.55 -39.49 5.22
CA HIS D 165 -6.94 -39.54 5.64
C HIS D 165 -7.78 -40.42 4.72
N GLU D 166 -7.63 -40.19 3.42
CA GLU D 166 -8.32 -41.00 2.44
C GLU D 166 -8.10 -42.50 2.67
N LYS D 167 -6.83 -42.88 2.81
CA LYS D 167 -6.48 -44.29 2.94
C LYS D 167 -6.94 -44.87 4.27
N LEU D 168 -7.05 -44.03 5.29
CA LEU D 168 -7.45 -44.53 6.59
C LEU D 168 -8.96 -44.76 6.60
N VAL D 169 -9.71 -43.80 6.10
CA VAL D 169 -11.14 -43.97 5.91
C VAL D 169 -11.46 -45.31 5.23
N GLU D 170 -10.69 -45.62 4.17
CA GLU D 170 -10.79 -46.89 3.48
C GLU D 170 -10.60 -48.05 4.44
N LEU D 171 -9.48 -48.03 5.13
CA LEU D 171 -9.04 -49.18 5.95
C LEU D 171 -9.81 -49.28 7.23
N MET D 172 -10.20 -48.14 7.80
CA MET D 172 -10.83 -48.08 9.12
C MET D 172 -12.14 -47.29 9.02
N PRO D 173 -13.12 -47.87 8.30
CA PRO D 173 -14.32 -47.13 7.90
C PRO D 173 -15.24 -46.80 9.08
N GLN D 174 -15.15 -47.56 10.16
CA GLN D 174 -15.95 -47.27 11.35
C GLN D 174 -15.39 -46.08 12.17
N SER D 175 -14.27 -45.50 11.76
CA SER D 175 -13.74 -44.30 12.43
C SER D 175 -13.89 -42.99 11.61
N ARG D 176 -14.48 -43.08 10.42
CA ARG D 176 -14.71 -41.92 9.54
C ARG D 176 -15.06 -40.66 10.30
N ALA D 177 -15.88 -40.81 11.34
CA ALA D 177 -16.34 -39.70 12.14
C ALA D 177 -15.16 -38.85 12.55
N LYS D 178 -14.30 -39.50 13.33
CA LYS D 178 -13.14 -38.91 14.00
C LYS D 178 -12.10 -38.46 13.01
N LEU D 179 -11.76 -39.35 12.08
CA LEU D 179 -10.84 -39.02 11.00
C LEU D 179 -11.17 -37.70 10.28
N ASP D 180 -12.38 -37.60 9.74
CA ASP D 180 -12.83 -36.38 9.07
C ASP D 180 -12.55 -35.18 9.96
N ALA D 181 -12.88 -35.33 11.23
CA ALA D 181 -12.79 -34.23 12.20
C ALA D 181 -11.34 -33.90 12.58
N ASN D 182 -10.48 -34.92 12.66
CA ASN D 182 -9.03 -34.73 12.89
C ASN D 182 -8.36 -33.94 11.76
N LEU D 183 -8.79 -34.24 10.53
CA LEU D 183 -8.27 -33.63 9.32
C LEU D 183 -8.68 -32.17 9.23
N LYS D 184 -9.97 -31.91 9.39
CA LYS D 184 -10.45 -30.55 9.47
C LYS D 184 -9.57 -29.71 10.42
N ASP D 185 -9.29 -30.23 11.63
CA ASP D 185 -8.51 -29.50 12.65
C ASP D 185 -7.12 -29.24 12.20
N PHE D 186 -6.50 -30.27 11.63
CA PHE D 186 -5.20 -30.13 11.05
C PHE D 186 -5.15 -28.99 10.03
N GLU D 187 -6.00 -29.08 9.01
CA GLU D 187 -6.07 -28.02 8.00
C GLU D 187 -6.18 -26.64 8.63
N ALA D 188 -6.93 -26.54 9.74
CA ALA D 188 -7.09 -25.27 10.43
C ALA D 188 -5.83 -24.83 11.15
N GLN D 189 -5.23 -25.70 11.98
CA GLN D 189 -3.97 -25.36 12.68
C GLN D 189 -2.98 -24.94 11.61
N LEU D 190 -2.80 -25.84 10.64
CA LEU D 190 -1.79 -25.68 9.61
C LEU D 190 -1.93 -24.31 8.95
N ALA D 191 -3.14 -23.99 8.52
CA ALA D 191 -3.41 -22.71 7.90
C ALA D 191 -3.07 -21.56 8.82
N ALA D 192 -3.56 -21.62 10.05
CA ALA D 192 -3.30 -20.55 10.99
C ALA D 192 -1.79 -20.46 11.38
N THR D 193 -1.04 -21.56 11.26
CA THR D 193 0.40 -21.54 11.55
C THR D 193 1.09 -20.85 10.37
N ASP D 194 0.80 -21.33 9.17
CA ASP D 194 1.35 -20.72 7.94
C ASP D 194 1.25 -19.21 7.92
N LYS D 195 0.25 -18.68 8.62
CA LYS D 195 0.07 -17.28 8.73
C LYS D 195 1.11 -16.75 9.70
N GLN D 196 1.22 -17.36 10.88
CA GLN D 196 2.08 -16.79 11.95
C GLN D 196 3.55 -16.89 11.66
N VAL D 197 3.92 -18.02 11.07
CA VAL D 197 5.26 -18.20 10.54
C VAL D 197 5.56 -17.10 9.53
N GLY D 198 4.76 -17.07 8.46
CA GLY D 198 4.87 -16.04 7.43
C GLY D 198 5.25 -14.67 7.97
N ASN D 199 4.53 -14.23 8.98
CA ASN D 199 4.81 -12.94 9.60
C ASN D 199 6.16 -12.89 10.31
N GLU D 200 6.45 -13.91 11.11
CA GLU D 200 7.70 -13.99 11.83
C GLU D 200 8.90 -13.97 10.86
N LEU D 201 8.81 -14.71 9.75
CA LEU D 201 9.89 -14.82 8.78
C LEU D 201 9.92 -13.70 7.78
N ALA D 202 8.80 -13.05 7.55
CA ALA D 202 8.77 -11.96 6.59
C ALA D 202 9.95 -10.96 6.72
N PRO D 203 10.23 -10.44 7.95
CA PRO D 203 11.32 -9.43 8.04
C PRO D 203 12.73 -9.98 7.85
N LEU D 204 12.86 -11.25 7.52
CA LEU D 204 14.16 -11.86 7.32
C LEU D 204 14.42 -12.07 5.83
N LYS D 205 13.47 -11.64 5.00
CA LYS D 205 13.67 -11.60 3.58
C LYS D 205 14.82 -10.70 3.41
N GLY D 206 15.79 -11.14 2.60
CA GLY D 206 16.96 -10.32 2.25
C GLY D 206 18.21 -10.75 2.99
N LYS D 207 18.08 -10.85 4.31
CA LYS D 207 19.14 -11.39 5.15
C LYS D 207 19.57 -12.73 4.56
N GLY D 208 20.87 -12.80 4.22
CA GLY D 208 21.53 -13.99 3.70
C GLY D 208 22.27 -14.76 4.79
N TYR D 209 22.26 -16.07 4.67
CA TYR D 209 22.77 -16.99 5.71
C TYR D 209 23.24 -18.25 4.99
N PHE D 210 23.87 -19.17 5.71
CA PHE D 210 24.34 -20.43 5.12
C PHE D 210 23.85 -21.57 5.98
N VAL D 211 23.48 -22.66 5.32
CA VAL D 211 23.00 -23.81 6.05
C VAL D 211 23.95 -24.95 5.82
N PHE D 212 24.06 -25.82 6.81
CA PHE D 212 24.75 -27.07 6.66
C PHE D 212 23.72 -27.90 5.93
N HIS D 213 24.04 -28.52 4.77
CA HIS D 213 23.10 -29.53 4.19
C HIS D 213 21.79 -28.87 3.58
N ASP D 214 21.46 -29.22 2.34
CA ASP D 214 20.36 -28.58 1.59
C ASP D 214 18.96 -29.25 1.78
N ALA D 215 18.22 -28.83 2.81
CA ALA D 215 16.93 -29.45 3.20
C ALA D 215 15.73 -28.52 3.16
N TYR D 216 16.04 -27.24 3.06
CA TYR D 216 15.08 -26.25 3.42
C TYR D 216 14.51 -25.52 2.19
N GLY D 217 14.77 -26.03 1.00
CA GLY D 217 14.37 -25.33 -0.21
C GLY D 217 12.91 -24.98 -0.15
N TYR D 218 12.10 -25.99 0.14
CA TYR D 218 10.66 -25.89 0.02
C TYR D 218 10.11 -24.87 0.99
N TYR D 219 10.54 -25.02 2.24
CA TYR D 219 10.23 -24.06 3.31
C TYR D 219 10.74 -22.68 2.99
N GLU D 220 12.01 -22.57 2.62
CA GLU D 220 12.62 -21.25 2.37
C GLU D 220 11.91 -20.55 1.19
N LYS D 221 11.56 -21.27 0.13
CA LYS D 221 10.98 -20.62 -1.05
C LYS D 221 9.61 -20.13 -0.73
N HIS D 222 8.87 -20.96 0.00
CA HIS D 222 7.52 -20.67 0.40
C HIS D 222 7.42 -19.43 1.30
N TYR D 223 8.31 -19.29 2.28
CA TYR D 223 8.26 -18.11 3.16
C TYR D 223 9.15 -16.96 2.68
N GLY D 224 9.77 -17.15 1.52
CA GLY D 224 10.61 -16.16 0.88
C GLY D 224 11.91 -15.84 1.62
N LEU D 225 12.58 -16.85 2.14
CA LEU D 225 13.88 -16.65 2.74
C LEU D 225 14.93 -16.58 1.65
N THR D 226 16.13 -16.15 2.04
CA THR D 226 17.17 -15.67 1.12
C THR D 226 18.53 -16.31 1.35
N PRO D 227 18.62 -17.62 1.19
CA PRO D 227 19.80 -18.36 1.62
C PRO D 227 20.94 -18.10 0.63
N LEU D 228 22.14 -17.74 1.13
CA LEU D 228 23.35 -17.61 0.28
C LEU D 228 23.85 -18.93 -0.23
N GLY D 229 23.52 -20.01 0.47
CA GLY D 229 23.84 -21.35 -0.02
C GLY D 229 24.13 -22.32 1.10
N HIS D 230 24.55 -23.53 0.70
CA HIS D 230 24.70 -24.65 1.64
C HIS D 230 26.13 -25.17 1.73
N PHE D 231 26.49 -25.77 2.87
CA PHE D 231 27.81 -26.34 3.08
C PHE D 231 27.92 -27.62 2.31
N THR D 232 26.95 -28.51 2.51
CA THR D 232 26.85 -29.72 1.72
C THR D 232 25.48 -29.90 1.11
N VAL D 233 25.30 -31.06 0.47
CA VAL D 233 24.01 -31.50 -0.01
C VAL D 233 23.71 -32.80 0.68
N ASN D 234 24.45 -33.85 0.32
CA ASN D 234 24.56 -35.00 1.20
C ASN D 234 25.53 -34.61 2.29
N PRO D 235 25.12 -34.69 3.55
CA PRO D 235 26.02 -34.40 4.65
C PRO D 235 26.83 -35.61 5.17
N GLU D 236 26.89 -36.71 4.41
CA GLU D 236 27.99 -37.69 4.61
C GLU D 236 29.28 -37.25 3.88
N ILE D 237 29.18 -36.27 3.00
CA ILE D 237 30.35 -35.60 2.41
C ILE D 237 30.71 -34.43 3.35
N GLN D 238 31.95 -33.96 3.32
CA GLN D 238 32.49 -33.17 4.45
C GLN D 238 32.16 -31.67 4.63
N PRO D 239 32.28 -30.86 3.59
CA PRO D 239 32.71 -31.19 2.25
C PRO D 239 34.20 -31.00 2.06
N GLY D 240 34.80 -30.02 2.74
CA GLY D 240 36.06 -29.42 2.32
C GLY D 240 35.96 -28.96 0.87
N ALA D 241 37.04 -28.40 0.32
CA ALA D 241 38.10 -27.74 1.06
C ALA D 241 38.10 -26.33 0.48
N GLN D 242 37.92 -26.28 -0.85
CA GLN D 242 37.51 -25.09 -1.59
C GLN D 242 36.12 -24.61 -1.22
N ARG D 243 35.19 -25.55 -1.00
CA ARG D 243 33.84 -25.23 -0.51
C ARG D 243 33.94 -24.35 0.71
N LEU D 244 34.69 -24.82 1.70
CA LEU D 244 34.91 -24.10 2.96
C LEU D 244 35.64 -22.76 2.80
N HIS D 245 36.51 -22.65 1.79
CA HIS D 245 37.08 -21.36 1.45
C HIS D 245 36.04 -20.35 0.88
N GLU D 246 35.25 -20.76 -0.11
CA GLU D 246 34.27 -19.86 -0.76
C GLU D 246 33.24 -19.29 0.21
N ILE D 247 32.92 -20.09 1.22
CA ILE D 247 32.07 -19.67 2.32
C ILE D 247 32.83 -18.64 3.16
N ARG D 248 34.01 -19.03 3.65
CA ARG D 248 34.82 -18.16 4.51
C ARG D 248 34.85 -16.76 3.89
N THR D 249 35.30 -16.67 2.64
CA THR D 249 35.46 -15.36 1.99
C THR D 249 34.14 -14.56 2.00
N GLN D 250 33.06 -15.22 1.63
CA GLN D 250 31.73 -14.62 1.69
C GLN D 250 31.38 -14.06 3.07
N LEU D 251 31.77 -14.76 4.13
CA LEU D 251 31.42 -14.34 5.48
C LEU D 251 32.23 -13.14 5.95
N VAL D 252 33.53 -13.14 5.64
CA VAL D 252 34.42 -12.05 6.04
C VAL D 252 34.20 -10.82 5.18
N GLU D 253 33.67 -11.00 3.98
CA GLU D 253 33.31 -9.89 3.10
C GLU D 253 31.87 -9.45 3.43
N GLN D 254 31.67 -9.11 4.72
CA GLN D 254 30.34 -8.97 5.36
C GLN D 254 29.34 -9.97 4.76
N LYS D 255 28.34 -9.53 4.00
CA LYS D 255 27.64 -10.39 3.05
C LYS D 255 26.69 -11.44 3.65
N ALA D 256 26.98 -11.95 4.86
CA ALA D 256 26.16 -12.99 5.50
C ALA D 256 25.90 -12.60 6.93
N THR D 257 24.66 -12.79 7.40
CA THR D 257 24.28 -12.44 8.76
C THR D 257 24.44 -13.66 9.66
N CYS D 258 23.95 -14.81 9.22
CA CYS D 258 23.99 -16.01 10.07
C CYS D 258 24.55 -17.24 9.40
N VAL D 259 24.99 -18.18 10.23
CA VAL D 259 25.30 -19.51 9.78
C VAL D 259 24.59 -20.53 10.64
N PHE D 260 24.10 -21.60 10.00
CA PHE D 260 23.25 -22.59 10.66
C PHE D 260 23.81 -24.00 10.66
N ALA D 261 24.01 -24.50 11.88
CA ALA D 261 24.42 -25.87 12.12
C ALA D 261 23.26 -26.83 12.02
N GLU D 262 23.51 -28.10 12.37
CA GLU D 262 22.41 -29.03 12.62
C GLU D 262 22.76 -29.96 13.76
N PRO D 263 21.75 -30.36 14.51
CA PRO D 263 22.02 -31.17 15.64
C PRO D 263 22.41 -32.61 15.29
N GLN D 264 22.06 -33.11 14.10
CA GLN D 264 22.43 -34.50 13.78
C GLN D 264 23.80 -34.56 13.09
N PHE D 265 24.60 -33.50 13.22
CA PHE D 265 25.93 -33.43 12.62
C PHE D 265 26.79 -32.46 13.40
N ARG D 266 28.07 -32.79 13.51
CA ARG D 266 28.96 -31.99 14.35
C ARG D 266 29.06 -30.57 13.82
N PRO D 267 28.70 -29.59 14.67
CA PRO D 267 28.84 -28.18 14.30
C PRO D 267 30.29 -27.78 14.08
N ALA D 268 31.19 -28.51 14.73
CA ALA D 268 32.62 -28.46 14.48
C ALA D 268 32.99 -27.58 13.29
N VAL D 269 32.59 -28.00 12.09
CA VAL D 269 33.05 -27.37 10.82
C VAL D 269 32.56 -25.94 10.62
N VAL D 270 31.44 -25.64 11.25
CA VAL D 270 30.73 -24.38 11.08
C VAL D 270 31.30 -23.29 12.02
N GLU D 271 31.48 -23.58 13.31
CA GLU D 271 32.46 -22.80 14.10
C GLU D 271 33.69 -23.03 13.26
N ALA D 272 34.63 -22.10 13.24
CA ALA D 272 35.60 -22.05 12.14
C ALA D 272 34.82 -21.33 11.08
N VAL D 273 35.37 -21.17 9.88
CA VAL D 273 34.72 -20.40 8.80
C VAL D 273 33.73 -19.35 9.32
N ALA D 274 33.99 -18.77 10.48
CA ALA D 274 33.00 -17.92 11.17
C ALA D 274 33.62 -17.30 12.38
N ARG D 275 34.32 -18.10 13.19
CA ARG D 275 35.08 -17.53 14.29
C ARG D 275 36.00 -16.39 13.76
N GLY D 276 35.98 -15.27 14.47
CA GLY D 276 36.68 -14.06 14.01
C GLY D 276 35.75 -13.04 13.37
N THR D 277 34.75 -13.53 12.66
CA THR D 277 33.87 -12.71 11.81
C THR D 277 32.66 -12.20 12.55
N SER D 278 31.91 -11.30 11.91
CA SER D 278 30.74 -10.70 12.54
C SER D 278 29.45 -11.49 12.23
N VAL D 279 29.63 -12.70 11.74
CA VAL D 279 28.53 -13.62 11.56
C VAL D 279 28.05 -14.18 12.89
N ARG D 280 26.73 -14.22 13.06
CA ARG D 280 26.10 -14.87 14.20
C ARG D 280 25.88 -16.36 13.86
N MET D 281 25.64 -17.20 14.88
CA MET D 281 25.47 -18.63 14.64
C MET D 281 24.25 -19.25 15.29
N GLY D 282 23.59 -20.15 14.55
CA GLY D 282 22.41 -20.85 15.05
C GLY D 282 22.36 -22.30 14.57
N THR D 283 21.18 -22.89 14.70
CA THR D 283 20.94 -24.31 14.38
C THR D 283 19.57 -24.51 13.78
N LEU D 284 19.45 -25.45 12.86
CA LEU D 284 18.17 -25.80 12.26
C LEU D 284 18.02 -27.30 12.39
N ASP D 285 16.84 -27.75 12.82
CA ASP D 285 16.56 -29.18 12.99
C ASP D 285 15.43 -29.51 12.07
N PRO D 286 15.76 -30.12 10.92
CA PRO D 286 14.82 -30.47 9.89
C PRO D 286 14.07 -31.77 10.13
N LEU D 287 14.35 -32.44 11.25
CA LEU D 287 13.55 -33.57 11.66
C LEU D 287 12.77 -33.32 12.95
N GLY D 288 12.81 -32.09 13.47
CA GLY D 288 12.15 -31.75 14.75
C GLY D 288 12.34 -32.81 15.81
N THR D 289 13.56 -33.30 15.93
CA THR D 289 13.86 -34.49 16.73
C THR D 289 13.35 -34.38 18.16
N ASN D 290 13.15 -33.15 18.64
CA ASN D 290 12.82 -32.91 20.04
C ASN D 290 11.37 -32.51 20.24
N ILE D 291 10.51 -32.96 19.33
CA ILE D 291 9.09 -32.62 19.36
C ILE D 291 8.33 -33.93 19.43
N LYS D 292 7.34 -34.01 20.32
CA LYS D 292 6.58 -35.26 20.53
C LYS D 292 5.46 -35.39 19.52
N LEU D 293 5.28 -36.58 18.96
CA LEU D 293 4.13 -36.86 18.11
C LEU D 293 2.81 -36.45 18.78
N GLY D 294 1.86 -35.97 17.99
CA GLY D 294 0.64 -35.38 18.55
C GLY D 294 -0.11 -34.61 17.49
N LYS D 295 -1.27 -34.06 17.83
CA LYS D 295 -2.07 -33.39 16.82
C LYS D 295 -1.36 -32.12 16.35
N THR D 296 -0.95 -31.36 17.35
CA THR D 296 -0.35 -30.07 17.14
C THR D 296 1.18 -30.13 16.91
N SER D 297 1.71 -31.31 16.63
CA SER D 297 3.14 -31.50 16.49
C SER D 297 3.65 -30.92 15.20
N TYR D 298 2.93 -31.12 14.10
CA TYR D 298 3.49 -30.63 12.84
C TYR D 298 3.45 -29.11 12.80
N SER D 299 2.36 -28.52 13.28
CA SER D 299 2.32 -27.06 13.37
C SER D 299 3.44 -26.53 14.29
N ALA D 300 3.76 -27.27 15.35
CA ALA D 300 4.90 -26.95 16.22
C ALA D 300 6.28 -27.01 15.54
N PHE D 301 6.48 -28.07 14.77
CA PHE D 301 7.62 -28.19 13.90
C PHE D 301 7.86 -26.90 13.13
N LEU D 302 6.93 -26.47 12.32
CA LEU D 302 7.14 -25.29 11.48
C LEU D 302 7.49 -24.07 12.31
N ASN D 303 6.78 -23.92 13.44
CA ASN D 303 6.98 -22.78 14.32
C ASN D 303 8.34 -22.78 14.93
N GLN D 304 8.81 -23.98 15.20
CA GLN D 304 10.08 -24.17 15.86
C GLN D 304 11.13 -23.74 14.87
N LEU D 305 11.14 -24.42 13.75
CA LEU D 305 11.97 -24.06 12.63
C LEU D 305 12.01 -22.56 12.33
N ALA D 306 10.85 -21.92 12.30
CA ALA D 306 10.79 -20.47 12.04
C ALA D 306 11.59 -19.80 13.10
N ASN D 307 11.31 -20.14 14.36
CA ASN D 307 12.03 -19.54 15.48
C ASN D 307 13.53 -19.82 15.44
N GLN D 308 13.92 -20.98 14.95
CA GLN D 308 15.35 -21.32 14.81
C GLN D 308 16.06 -20.34 13.86
N TYR D 309 15.54 -20.22 12.63
CA TYR D 309 15.98 -19.24 11.64
C TYR D 309 15.98 -17.82 12.20
N ALA D 310 14.84 -17.42 12.73
CA ALA D 310 14.61 -16.06 13.14
C ALA D 310 15.40 -15.66 14.39
N SER D 311 15.69 -16.62 15.27
CA SER D 311 16.32 -16.26 16.54
C SER D 311 17.72 -15.77 16.35
N CYS D 312 18.30 -16.23 15.24
CA CYS D 312 19.59 -15.81 14.76
C CYS D 312 19.47 -14.57 13.85
N LEU D 313 18.57 -14.62 12.90
CA LEU D 313 18.52 -13.61 11.83
C LEU D 313 17.92 -12.23 12.21
N LYS D 314 17.05 -12.18 13.22
CA LYS D 314 16.42 -10.92 13.67
C LYS D 314 17.33 -9.73 13.66
N GLY D 315 16.78 -8.57 13.25
CA GLY D 315 17.46 -7.35 12.85
C GLY D 315 17.84 -6.21 13.76
N ASP D 316 18.22 -5.11 13.10
CA ASP D 316 19.06 -4.05 13.69
C ASP D 316 18.49 -2.68 13.36
N ALA E 32 -34.78 38.63 -5.45
CA ALA E 32 -33.64 37.87 -6.01
C ALA E 32 -32.52 37.74 -5.00
N VAL E 33 -31.72 36.70 -5.19
CA VAL E 33 -30.49 36.57 -4.42
C VAL E 33 -29.42 37.27 -5.22
N VAL E 34 -28.79 38.25 -4.61
CA VAL E 34 -27.76 39.02 -5.30
C VAL E 34 -26.39 38.65 -4.75
N ALA E 35 -25.64 37.93 -5.57
CA ALA E 35 -24.26 37.56 -5.25
C ALA E 35 -23.27 38.57 -5.80
N SER E 36 -22.19 38.75 -5.08
CA SER E 36 -21.20 39.70 -5.49
C SER E 36 -20.39 39.14 -6.65
N LEU E 37 -19.88 37.92 -6.52
CA LEU E 37 -19.01 37.36 -7.54
C LEU E 37 -19.67 36.19 -8.17
N LYS E 38 -19.27 35.86 -9.39
CA LYS E 38 -19.99 34.85 -10.13
C LYS E 38 -19.98 33.44 -9.51
N PRO E 39 -18.89 33.03 -8.86
CA PRO E 39 -19.03 31.69 -8.28
C PRO E 39 -19.86 31.65 -7.01
N LEU E 40 -20.00 32.78 -6.33
CA LEU E 40 -20.97 32.87 -5.26
C LEU E 40 -22.36 32.80 -5.84
N GLY E 41 -22.52 33.37 -7.02
CA GLY E 41 -23.75 33.13 -7.77
C GLY E 41 -23.99 31.64 -7.96
N PHE E 42 -23.01 30.94 -8.49
CA PHE E 42 -23.15 29.55 -8.78
C PHE E 42 -23.75 28.76 -7.62
N ILE E 43 -23.33 29.15 -6.43
CA ILE E 43 -23.76 28.49 -5.22
C ILE E 43 -25.21 28.87 -4.93
N ALA E 44 -25.44 30.17 -4.77
CA ALA E 44 -26.78 30.64 -4.53
C ALA E 44 -27.73 30.14 -5.61
N SER E 45 -27.29 30.06 -6.86
CA SER E 45 -28.19 29.63 -7.92
C SER E 45 -28.67 28.20 -7.68
N ALA E 46 -27.87 27.42 -6.95
CA ALA E 46 -28.20 26.02 -6.69
C ALA E 46 -29.23 25.88 -5.60
N ILE E 47 -29.11 26.75 -4.61
CA ILE E 47 -29.94 26.69 -3.44
C ILE E 47 -31.29 27.33 -3.72
N ALA E 48 -31.26 28.47 -4.39
CA ALA E 48 -32.48 29.22 -4.70
C ALA E 48 -33.04 28.86 -6.07
N ASP E 49 -32.67 27.69 -6.56
CA ASP E 49 -33.17 27.24 -7.84
C ASP E 49 -34.64 26.97 -7.68
N GLY E 50 -35.43 27.45 -8.62
CA GLY E 50 -36.88 27.30 -8.54
C GLY E 50 -37.60 28.11 -7.46
N VAL E 51 -36.92 29.05 -6.82
CA VAL E 51 -37.51 29.80 -5.71
C VAL E 51 -37.41 31.31 -5.97
N THR E 52 -36.24 31.72 -6.45
CA THR E 52 -36.02 33.09 -6.89
C THR E 52 -34.81 33.00 -7.80
N ASP E 53 -34.62 34.04 -8.61
CA ASP E 53 -33.46 34.08 -9.46
C ASP E 53 -32.25 34.62 -8.69
N THR E 54 -31.08 34.30 -9.22
CA THR E 54 -29.83 34.73 -8.65
C THR E 54 -29.23 35.82 -9.55
N GLN E 55 -28.51 36.76 -8.93
CA GLN E 55 -27.90 37.84 -9.68
C GLN E 55 -26.50 38.15 -9.21
N VAL E 56 -25.58 38.23 -10.17
CA VAL E 56 -24.20 38.52 -9.91
C VAL E 56 -23.92 40.00 -10.20
N LEU E 57 -23.19 40.67 -9.30
CA LEU E 57 -22.90 42.10 -9.46
C LEU E 57 -21.70 42.34 -10.34
N LEU E 58 -20.58 41.73 -9.96
CA LEU E 58 -19.34 41.83 -10.72
C LEU E 58 -19.42 41.12 -12.10
N PRO E 59 -19.39 41.90 -13.18
CA PRO E 59 -19.71 41.42 -14.53
C PRO E 59 -18.58 40.58 -15.12
N ASP E 60 -18.92 39.75 -16.10
CA ASP E 60 -17.98 38.77 -16.60
C ASP E 60 -16.77 39.49 -17.14
N GLY E 61 -15.59 39.04 -16.71
CA GLY E 61 -14.38 39.57 -17.26
C GLY E 61 -13.85 40.75 -16.50
N ALA E 62 -14.59 41.25 -15.53
CA ALA E 62 -14.02 42.20 -14.58
C ALA E 62 -13.30 41.41 -13.52
N SER E 63 -12.43 42.10 -12.76
CA SER E 63 -11.69 41.48 -11.64
C SER E 63 -12.20 41.94 -10.30
N GLU E 64 -12.31 40.99 -9.37
CA GLU E 64 -12.60 41.23 -7.90
C GLU E 64 -11.87 42.42 -7.38
N HIS E 65 -10.59 42.58 -7.74
CA HIS E 65 -9.85 43.81 -7.38
C HIS E 65 -9.99 44.68 -8.59
N ASP E 66 -10.61 45.84 -8.47
CA ASP E 66 -10.91 46.76 -9.63
C ASP E 66 -12.32 46.64 -10.18
N TYR E 67 -13.28 46.93 -9.30
CA TYR E 67 -14.64 47.24 -9.68
C TYR E 67 -15.10 48.33 -8.73
N SER E 68 -16.21 48.95 -9.09
CA SER E 68 -16.97 49.78 -8.18
C SER E 68 -18.39 49.70 -8.67
N LEU E 69 -19.33 49.84 -7.73
CA LEU E 69 -20.72 49.56 -8.03
C LEU E 69 -21.39 50.63 -8.89
N ARG E 70 -21.97 50.17 -9.99
CA ARG E 70 -22.85 51.02 -10.77
C ARG E 70 -23.98 51.49 -9.83
N PRO E 71 -24.48 52.71 -10.03
CA PRO E 71 -25.79 53.03 -9.52
C PRO E 71 -26.82 51.88 -9.60
N SER E 72 -26.98 51.30 -10.78
CA SER E 72 -27.97 50.23 -11.00
C SER E 72 -27.65 48.96 -10.23
N ASP E 73 -26.38 48.78 -9.87
CA ASP E 73 -25.94 47.63 -9.08
C ASP E 73 -26.30 47.84 -7.64
N VAL E 74 -26.29 49.08 -7.21
CA VAL E 74 -26.73 49.35 -5.87
C VAL E 74 -28.25 49.18 -5.75
N LYS E 75 -29.00 49.50 -6.80
CA LYS E 75 -30.43 49.24 -6.80
C LYS E 75 -30.64 47.77 -6.54
N ARG E 76 -29.97 46.93 -7.31
CA ARG E 76 -30.11 45.50 -7.15
C ARG E 76 -29.86 45.05 -5.71
N LEU E 77 -28.86 45.64 -5.06
CA LEU E 77 -28.58 45.35 -3.63
C LEU E 77 -29.68 45.80 -2.67
N GLN E 78 -30.18 47.02 -2.87
CA GLN E 78 -31.20 47.60 -2.02
C GLN E 78 -32.47 46.73 -2.05
N GLY E 79 -32.79 46.16 -3.21
CA GLY E 79 -33.99 45.36 -3.37
C GLY E 79 -33.71 43.89 -3.55
N ALA E 80 -32.60 43.41 -3.01
CA ALA E 80 -32.34 42.00 -3.02
C ALA E 80 -33.06 41.39 -1.82
N ASP E 81 -33.56 40.17 -1.98
CA ASP E 81 -34.08 39.34 -0.88
C ASP E 81 -32.93 39.01 0.04
N LEU E 82 -31.88 38.47 -0.56
CA LEU E 82 -30.69 38.04 0.16
C LEU E 82 -29.43 38.46 -0.61
N VAL E 83 -28.47 39.01 0.13
CA VAL E 83 -27.20 39.41 -0.44
C VAL E 83 -26.12 38.47 0.02
N VAL E 84 -25.30 37.99 -0.91
CA VAL E 84 -24.23 37.07 -0.56
C VAL E 84 -22.93 37.68 -1.02
N TRP E 85 -21.98 37.75 -0.10
CA TRP E 85 -20.65 38.20 -0.42
C TRP E 85 -19.70 37.64 0.63
N ILE E 86 -18.43 37.89 0.43
CA ILE E 86 -17.40 37.35 1.29
C ILE E 86 -17.22 38.18 2.52
N GLY E 87 -16.89 39.45 2.33
CA GLY E 87 -16.54 40.27 3.46
C GLY E 87 -15.66 41.42 3.06
N PRO E 88 -15.47 42.38 3.98
CA PRO E 88 -14.87 43.65 3.62
C PRO E 88 -13.39 43.55 3.25
N GLU E 89 -12.71 42.50 3.67
CA GLU E 89 -11.35 42.30 3.25
C GLU E 89 -11.25 41.79 1.79
N MET E 90 -12.38 41.42 1.17
CA MET E 90 -12.39 41.00 -0.23
C MET E 90 -13.13 42.04 -1.03
N GLU E 91 -14.44 41.90 -1.19
CA GLU E 91 -15.21 42.84 -2.03
C GLU E 91 -15.28 44.23 -1.40
N ALA E 92 -14.15 44.90 -1.38
CA ALA E 92 -14.03 46.18 -0.76
C ALA E 92 -15.16 47.08 -1.24
N PHE E 93 -15.30 47.10 -2.56
CA PHE E 93 -16.23 47.96 -3.26
C PHE E 93 -17.69 47.93 -2.78
N MET E 94 -18.05 46.96 -1.95
CA MET E 94 -19.41 46.89 -1.48
C MET E 94 -19.61 46.82 -0.01
N GLU E 95 -18.55 47.00 0.75
CA GLU E 95 -18.67 47.23 2.16
C GLU E 95 -19.71 48.31 2.24
N LYS E 96 -19.35 49.39 1.61
CA LYS E 96 -20.16 50.57 1.47
C LYS E 96 -21.64 50.30 1.63
N SER E 97 -22.24 49.66 0.64
CA SER E 97 -23.68 49.62 0.48
C SER E 97 -24.34 48.59 1.37
N VAL E 98 -23.52 47.70 1.91
CA VAL E 98 -24.00 46.56 2.67
C VAL E 98 -24.25 46.93 4.13
N LYS E 99 -23.81 48.10 4.57
CA LYS E 99 -24.08 48.52 5.94
C LYS E 99 -25.55 48.82 6.20
N ASN E 100 -26.28 49.24 5.16
CA ASN E 100 -27.73 49.48 5.27
C ASN E 100 -28.54 48.20 5.37
N ILE E 101 -28.03 47.13 4.77
CA ILE E 101 -28.71 45.85 4.78
C ILE E 101 -28.56 45.17 6.17
N PRO E 102 -29.68 44.71 6.73
CA PRO E 102 -29.64 44.01 8.01
C PRO E 102 -29.24 42.54 7.89
N ASP E 103 -28.80 41.97 9.01
CA ASP E 103 -28.17 40.63 9.06
C ASP E 103 -28.98 39.47 8.54
N GLY E 104 -30.30 39.57 8.60
CA GLY E 104 -31.18 38.48 8.15
C GLY E 104 -31.31 38.44 6.64
N LYS E 105 -30.99 39.58 6.00
CA LYS E 105 -31.01 39.78 4.56
C LYS E 105 -29.62 39.69 3.89
N GLN E 106 -28.60 39.22 4.60
CA GLN E 106 -27.31 38.98 3.99
C GLN E 106 -26.49 37.83 4.61
N VAL E 107 -25.56 37.30 3.82
CA VAL E 107 -24.66 36.25 4.24
C VAL E 107 -23.24 36.70 3.95
N THR E 108 -22.43 36.84 4.99
CA THR E 108 -21.07 37.37 4.85
C THR E 108 -20.09 36.28 5.18
N ILE E 109 -19.56 35.64 4.15
CA ILE E 109 -18.94 34.34 4.25
C ILE E 109 -17.61 34.30 5.02
N ALA E 110 -16.84 35.38 5.01
CA ALA E 110 -15.58 35.42 5.77
C ALA E 110 -15.84 35.40 7.27
N GLN E 111 -17.01 35.88 7.70
CA GLN E 111 -17.39 35.93 9.13
C GLN E 111 -18.50 34.94 9.40
N LEU E 112 -18.32 33.70 8.99
CA LEU E 112 -19.29 32.69 9.33
C LEU E 112 -18.70 31.82 10.42
N ALA E 113 -19.58 31.13 11.14
CA ALA E 113 -19.20 30.21 12.19
C ALA E 113 -18.18 29.17 11.72
N ASP E 114 -18.53 28.40 10.68
CA ASP E 114 -17.68 27.28 10.22
C ASP E 114 -16.53 27.64 9.27
N VAL E 115 -16.41 28.90 8.87
CA VAL E 115 -15.45 29.33 7.85
C VAL E 115 -14.25 29.99 8.51
N LYS E 116 -14.54 31.00 9.33
CA LYS E 116 -13.58 31.68 10.16
C LYS E 116 -12.46 30.70 10.58
N PRO E 117 -12.80 29.58 11.27
CA PRO E 117 -11.74 28.68 11.70
C PRO E 117 -10.75 28.18 10.63
N LEU E 118 -11.13 28.15 9.36
CA LEU E 118 -10.22 27.65 8.33
C LEU E 118 -9.79 28.69 7.27
N LEU E 119 -9.71 29.95 7.69
CA LEU E 119 -9.07 30.99 6.87
C LEU E 119 -7.55 30.85 6.85
N MET E 120 -6.91 31.02 5.69
CA MET E 120 -5.44 30.92 5.56
C MET E 120 -4.72 32.27 5.58
N LYS E 121 -3.40 32.27 5.61
CA LYS E 121 -2.62 33.50 5.68
C LYS E 121 -2.10 33.89 4.30
N GLY E 122 -1.86 35.19 4.09
CA GLY E 122 -1.47 35.74 2.77
C GLY E 122 0.03 35.82 2.51
N ALA E 123 0.58 34.92 1.69
CA ALA E 123 2.04 34.78 1.50
C ALA E 123 2.64 35.84 0.54
N ASP E 145 -4.02 38.83 8.76
CA ASP E 145 -4.32 39.23 7.40
C ASP E 145 -4.39 38.01 6.48
N TYR E 146 -5.64 37.65 6.14
CA TYR E 146 -5.93 36.34 5.55
C TYR E 146 -6.28 36.40 4.05
N ASN E 147 -5.89 35.37 3.31
CA ASN E 147 -6.35 35.16 1.92
C ASN E 147 -7.86 35.03 1.90
N MET E 148 -8.51 35.71 0.95
CA MET E 148 -9.97 35.75 0.93
C MET E 148 -10.58 35.14 -0.33
N HIS E 149 -9.76 34.42 -1.10
CA HIS E 149 -10.23 33.76 -2.28
C HIS E 149 -10.83 32.43 -1.86
N LEU E 150 -11.95 32.56 -1.12
CA LEU E 150 -12.63 31.46 -0.44
C LEU E 150 -13.54 30.64 -1.33
N TRP E 151 -14.13 31.29 -2.31
CA TRP E 151 -15.08 30.67 -3.18
C TRP E 151 -14.50 29.46 -3.94
N LEU E 152 -13.20 29.23 -3.83
CA LEU E 152 -12.61 28.02 -4.39
C LEU E 152 -12.32 26.91 -3.33
N SER E 153 -12.82 27.07 -2.11
CA SER E 153 -12.68 26.07 -1.06
C SER E 153 -13.96 25.28 -0.97
N PRO E 154 -13.90 23.98 -1.26
CA PRO E 154 -15.18 23.25 -1.29
C PRO E 154 -15.80 23.20 0.07
N GLU E 155 -14.96 23.10 1.10
CA GLU E 155 -15.45 23.08 2.48
C GLU E 155 -16.18 24.39 2.81
N ILE E 156 -15.64 25.50 2.30
CA ILE E 156 -16.26 26.79 2.53
C ILE E 156 -17.52 26.98 1.72
N ALA E 157 -17.48 26.55 0.47
CA ALA E 157 -18.67 26.58 -0.35
C ALA E 157 -19.85 25.88 0.36
N ARG E 158 -19.57 24.69 0.88
CA ARG E 158 -20.54 23.92 1.66
C ARG E 158 -21.16 24.81 2.73
N ALA E 159 -20.32 25.34 3.61
CA ALA E 159 -20.75 26.22 4.72
C ALA E 159 -21.61 27.38 4.26
N SER E 160 -21.26 27.91 3.09
CA SER E 160 -21.95 29.06 2.52
C SER E 160 -23.33 28.64 2.06
N ALA E 161 -23.42 27.47 1.42
CA ALA E 161 -24.69 26.97 0.89
C ALA E 161 -25.70 26.78 2.00
N VAL E 162 -25.22 26.12 3.05
CA VAL E 162 -25.91 26.00 4.32
C VAL E 162 -26.48 27.33 4.79
N ALA E 163 -25.62 28.34 4.90
CA ALA E 163 -26.01 29.62 5.51
C ALA E 163 -27.01 30.39 4.65
N ILE E 164 -26.83 30.30 3.35
CA ILE E 164 -27.76 30.85 2.40
C ILE E 164 -29.12 30.18 2.63
N HIS E 165 -29.13 28.85 2.58
CA HIS E 165 -30.35 28.08 2.77
C HIS E 165 -31.08 28.48 4.03
N GLU E 166 -30.33 28.54 5.12
CA GLU E 166 -30.90 28.99 6.38
C GLU E 166 -31.65 30.31 6.26
N LYS E 167 -30.99 31.31 5.68
CA LYS E 167 -31.57 32.64 5.57
C LYS E 167 -32.73 32.67 4.61
N LEU E 168 -32.75 31.77 3.64
CA LEU E 168 -33.86 31.76 2.69
C LEU E 168 -35.10 31.12 3.32
N VAL E 169 -34.93 29.99 3.99
CA VAL E 169 -35.99 29.38 4.77
C VAL E 169 -36.68 30.39 5.67
N GLU E 170 -35.88 31.21 6.35
CA GLU E 170 -36.36 32.34 7.15
C GLU E 170 -37.25 33.28 6.35
N LEU E 171 -36.70 33.79 5.25
CA LEU E 171 -37.34 34.85 4.45
C LEU E 171 -38.48 34.31 3.59
N MET E 172 -38.35 33.07 3.12
CA MET E 172 -39.32 32.47 2.17
C MET E 172 -39.79 31.11 2.71
N PRO E 173 -40.52 31.14 3.84
CA PRO E 173 -40.83 29.94 4.60
C PRO E 173 -41.78 29.01 3.87
N GLN E 174 -42.57 29.53 2.94
CA GLN E 174 -43.47 28.68 2.18
C GLN E 174 -42.73 27.90 1.08
N SER E 175 -41.42 28.10 0.94
CA SER E 175 -40.65 27.30 -0.03
C SER E 175 -39.73 26.26 0.61
N ARG E 176 -39.76 26.16 1.94
CA ARG E 176 -38.93 25.20 2.70
C ARG E 176 -38.78 23.85 2.02
N ALA E 177 -39.88 23.39 1.44
CA ALA E 177 -39.89 22.12 0.74
C ALA E 177 -38.72 22.01 -0.23
N LYS E 178 -38.77 22.90 -1.23
CA LYS E 178 -37.87 22.98 -2.36
C LYS E 178 -36.44 23.32 -1.92
N LEU E 179 -36.31 24.38 -1.12
CA LEU E 179 -35.04 24.76 -0.56
C LEU E 179 -34.26 23.60 0.09
N ASP E 180 -34.87 22.93 1.05
CA ASP E 180 -34.26 21.76 1.70
C ASP E 180 -33.76 20.80 0.64
N ALA E 181 -34.58 20.56 -0.37
CA ALA E 181 -34.28 19.59 -1.43
C ALA E 181 -33.19 20.06 -2.40
N ASN E 182 -33.16 21.36 -2.70
CA ASN E 182 -32.07 21.96 -3.50
C ASN E 182 -30.69 21.84 -2.86
N LEU E 183 -30.69 22.01 -1.54
CA LEU E 183 -29.49 21.95 -0.74
C LEU E 183 -28.96 20.55 -0.67
N LYS E 184 -29.82 19.61 -0.30
CA LYS E 184 -29.44 18.22 -0.33
C LYS E 184 -28.72 17.87 -1.65
N ASP E 185 -29.29 18.28 -2.79
CA ASP E 185 -28.72 17.96 -4.13
C ASP E 185 -27.37 18.58 -4.32
N PHE E 186 -27.26 19.84 -3.92
CA PHE E 186 -25.99 20.53 -3.92
C PHE E 186 -24.92 19.76 -3.15
N GLU E 187 -25.17 19.52 -1.88
CA GLU E 187 -24.24 18.73 -1.07
C GLU E 187 -23.82 17.42 -1.74
N ALA E 188 -24.74 16.77 -2.44
CA ALA E 188 -24.44 15.55 -3.18
C ALA E 188 -23.56 15.79 -4.41
N GLN E 189 -23.94 16.71 -5.32
CA GLN E 189 -23.11 17.03 -6.51
C GLN E 189 -21.74 17.37 -5.98
N LEU E 190 -21.71 18.36 -5.07
CA LEU E 190 -20.46 18.92 -4.55
C LEU E 190 -19.54 17.82 -4.05
N ALA E 191 -20.09 16.94 -3.22
CA ALA E 191 -19.34 15.79 -2.71
C ALA E 191 -18.78 14.92 -3.82
N ALA E 192 -19.64 14.56 -4.77
CA ALA E 192 -19.22 13.69 -5.85
C ALA E 192 -18.25 14.37 -6.79
N THR E 193 -18.28 15.70 -6.89
CA THR E 193 -17.33 16.45 -7.71
C THR E 193 -15.96 16.45 -6.99
N ASP E 194 -15.96 16.86 -5.72
CA ASP E 194 -14.77 16.80 -4.90
C ASP E 194 -13.98 15.50 -5.03
N LYS E 195 -14.70 14.43 -5.34
CA LYS E 195 -14.06 13.17 -5.55
C LYS E 195 -13.38 13.16 -6.91
N GLN E 196 -14.11 13.55 -7.94
CA GLN E 196 -13.60 13.42 -9.33
C GLN E 196 -12.47 14.36 -9.64
N VAL E 197 -12.58 15.57 -9.09
CA VAL E 197 -11.50 16.52 -9.16
C VAL E 197 -10.28 15.89 -8.51
N GLY E 198 -10.42 15.56 -7.22
CA GLY E 198 -9.34 14.94 -6.45
C GLY E 198 -8.51 13.96 -7.25
N ASN E 199 -9.18 13.08 -7.97
CA ASN E 199 -8.53 12.08 -8.81
C ASN E 199 -7.80 12.69 -10.00
N GLU E 200 -8.48 13.59 -10.71
CA GLU E 200 -7.89 14.27 -11.85
C GLU E 200 -6.62 15.04 -11.46
N LEU E 201 -6.66 15.73 -10.32
CA LEU E 201 -5.54 16.55 -9.88
C LEU E 201 -4.48 15.77 -9.15
N ALA E 202 -4.85 14.64 -8.57
CA ALA E 202 -3.89 13.87 -7.80
C ALA E 202 -2.53 13.67 -8.51
N PRO E 203 -2.52 13.22 -9.78
CA PRO E 203 -1.21 13.03 -10.44
C PRO E 203 -0.41 14.30 -10.76
N LEU E 204 -0.88 15.47 -10.36
CA LEU E 204 -0.20 16.72 -10.64
C LEU E 204 0.44 17.24 -9.34
N LYS E 205 0.32 16.44 -8.26
CA LYS E 205 1.06 16.72 -7.06
C LYS E 205 2.50 16.65 -7.47
N GLY E 206 3.28 17.65 -7.07
CA GLY E 206 4.72 17.69 -7.34
C GLY E 206 5.09 18.63 -8.45
N LYS E 207 4.41 18.46 -9.58
CA LYS E 207 4.56 19.38 -10.69
C LYS E 207 4.36 20.82 -10.17
N GLY E 208 5.39 21.64 -10.40
CA GLY E 208 5.40 23.06 -10.04
C GLY E 208 5.07 23.96 -11.23
N TYR E 209 4.37 25.06 -10.94
CA TYR E 209 3.85 25.95 -11.97
C TYR E 209 3.77 27.35 -11.36
N PHE E 210 3.45 28.36 -12.16
CA PHE E 210 3.31 29.74 -11.67
C PHE E 210 1.99 30.28 -12.11
N VAL E 211 1.34 31.04 -11.23
CA VAL E 211 0.04 31.63 -11.55
C VAL E 211 0.21 33.14 -11.58
N PHE E 212 -0.56 33.78 -12.43
CA PHE E 212 -0.71 35.22 -12.41
C PHE E 212 -1.66 35.45 -11.26
N HIS E 213 -1.34 36.28 -10.27
CA HIS E 213 -2.35 36.64 -9.22
C HIS E 213 -2.70 35.45 -8.22
N ASP E 214 -2.61 35.72 -6.91
CA ASP E 214 -2.75 34.66 -5.87
C ASP E 214 -4.19 34.40 -5.39
N ALA E 215 -4.91 33.51 -6.09
CA ALA E 215 -6.34 33.26 -5.82
C ALA E 215 -6.67 31.82 -5.38
N TYR E 216 -5.71 30.95 -5.57
CA TYR E 216 -6.03 29.56 -5.63
C TYR E 216 -5.58 28.80 -4.39
N GLY E 217 -5.19 29.53 -3.35
CA GLY E 217 -4.57 28.88 -2.19
C GLY E 217 -5.47 27.78 -1.68
N TYR E 218 -6.74 28.14 -1.48
CA TYR E 218 -7.71 27.27 -0.83
C TYR E 218 -7.95 26.01 -1.63
N TYR E 219 -8.19 26.20 -2.92
CA TYR E 219 -8.27 25.11 -3.87
C TYR E 219 -7.01 24.28 -3.98
N GLU E 220 -5.87 24.94 -4.18
CA GLU E 220 -4.60 24.24 -4.33
C GLU E 220 -4.26 23.42 -3.07
N LYS E 221 -4.48 23.97 -1.88
CA LYS E 221 -4.09 23.27 -0.68
C LYS E 221 -4.95 22.04 -0.50
N HIS E 222 -6.23 22.20 -0.77
CA HIS E 222 -7.23 21.17 -0.59
C HIS E 222 -7.00 20.01 -1.52
N TYR E 223 -6.63 20.25 -2.77
CA TYR E 223 -6.34 19.13 -3.68
C TYR E 223 -4.84 18.77 -3.77
N GLY E 224 -4.04 19.42 -2.92
CA GLY E 224 -2.62 19.16 -2.77
C GLY E 224 -1.77 19.53 -3.97
N LEU E 225 -2.06 20.66 -4.59
CA LEU E 225 -1.25 21.12 -5.71
C LEU E 225 -0.02 21.80 -5.17
N THR E 226 0.94 22.06 -6.07
CA THR E 226 2.32 22.36 -5.70
C THR E 226 2.86 23.61 -6.39
N PRO E 227 2.24 24.75 -6.13
CA PRO E 227 2.53 25.96 -6.90
C PRO E 227 3.90 26.52 -6.51
N LEU E 228 4.75 26.83 -7.49
CA LEU E 228 6.03 27.51 -7.19
C LEU E 228 5.85 28.95 -6.76
N GLY E 229 4.72 29.55 -7.11
CA GLY E 229 4.41 30.90 -6.64
C GLY E 229 3.66 31.71 -7.67
N HIS E 230 3.47 32.99 -7.35
CA HIS E 230 2.62 33.84 -8.16
C HIS E 230 3.36 35.03 -8.76
N PHE E 231 2.82 35.58 -9.86
CA PHE E 231 3.37 36.78 -10.49
C PHE E 231 3.03 38.01 -9.68
N THR E 232 1.75 38.18 -9.38
CA THR E 232 1.30 39.21 -8.46
C THR E 232 0.44 38.68 -7.33
N VAL E 233 -0.07 39.62 -6.54
CA VAL E 233 -1.07 39.32 -5.53
C VAL E 233 -2.30 40.14 -5.88
N ASN E 234 -2.20 41.46 -5.72
CA ASN E 234 -3.11 42.35 -6.42
C ASN E 234 -2.60 42.43 -7.85
N PRO E 235 -3.46 42.11 -8.84
CA PRO E 235 -3.06 42.20 -10.23
C PRO E 235 -3.33 43.58 -10.89
N GLU E 236 -3.60 44.62 -10.10
CA GLU E 236 -3.43 45.99 -10.61
C GLU E 236 -1.95 46.43 -10.52
N ILE E 237 -1.14 45.69 -9.78
CA ILE E 237 0.30 45.89 -9.77
C ILE E 237 0.84 45.02 -10.91
N GLN E 238 2.02 45.34 -11.44
CA GLN E 238 2.44 44.85 -12.77
C GLN E 238 2.94 43.39 -12.99
N PRO E 239 3.90 42.93 -12.18
CA PRO E 239 4.55 43.61 -11.08
C PRO E 239 5.82 44.32 -11.52
N GLY E 240 6.53 43.76 -12.49
CA GLY E 240 7.95 44.03 -12.69
C GLY E 240 8.71 43.81 -11.39
N ALA E 241 10.02 44.02 -11.40
CA ALA E 241 10.87 43.96 -12.58
C ALA E 241 11.89 42.87 -12.22
N GLN E 242 12.32 42.91 -10.96
CA GLN E 242 12.98 41.81 -10.27
C GLN E 242 12.08 40.59 -10.11
N ARG E 243 10.79 40.81 -9.81
CA ARG E 243 9.79 39.74 -9.75
C ARG E 243 9.88 38.90 -11.01
N LEU E 244 9.77 39.58 -12.15
CA LEU E 244 9.82 38.93 -13.46
C LEU E 244 11.16 38.26 -13.76
N HIS E 245 12.23 38.79 -13.20
CA HIS E 245 13.49 38.09 -13.28
C HIS E 245 13.51 36.77 -12.48
N GLU E 246 13.12 36.81 -11.20
CA GLU E 246 13.18 35.60 -10.33
C GLU E 246 12.36 34.43 -10.87
N ILE E 247 11.28 34.77 -11.56
CA ILE E 247 10.47 33.80 -12.26
C ILE E 247 11.28 33.27 -13.45
N ARG E 248 11.73 34.18 -14.33
CA ARG E 248 12.47 33.80 -15.55
C ARG E 248 13.51 32.74 -15.17
N THR E 249 14.38 33.08 -14.21
CA THR E 249 15.48 32.19 -13.84
C THR E 249 14.96 30.79 -13.42
N GLN E 250 13.95 30.78 -12.57
CA GLN E 250 13.30 29.55 -12.17
C GLN E 250 12.79 28.72 -13.35
N LEU E 251 12.27 29.37 -14.38
CA LEU E 251 11.72 28.66 -15.53
C LEU E 251 12.81 28.05 -16.43
N VAL E 252 13.87 28.82 -16.67
CA VAL E 252 14.97 28.36 -17.53
C VAL E 252 15.83 27.34 -16.81
N GLU E 253 15.82 27.36 -15.47
CA GLU E 253 16.52 26.36 -14.67
C GLU E 253 15.57 25.16 -14.47
N GLN E 254 15.10 24.60 -15.59
CA GLN E 254 13.96 23.66 -15.67
C GLN E 254 12.89 24.01 -14.62
N LYS E 255 12.72 23.19 -13.57
CA LYS E 255 12.11 23.64 -12.32
C LYS E 255 10.60 23.90 -12.34
N ALA E 256 10.05 24.32 -13.49
CA ALA E 256 8.62 24.61 -13.62
C ALA E 256 8.09 23.95 -14.86
N THR E 257 6.90 23.36 -14.76
CA THR E 257 6.26 22.66 -15.89
C THR E 257 5.34 23.63 -16.62
N CYS E 258 4.50 24.35 -15.89
CA CYS E 258 3.54 25.24 -16.52
C CYS E 258 3.55 26.67 -15.99
N VAL E 259 3.04 27.58 -16.81
CA VAL E 259 2.70 28.92 -16.38
C VAL E 259 1.25 29.26 -16.78
N PHE E 260 0.53 29.95 -15.88
CA PHE E 260 -0.91 30.15 -16.00
C PHE E 260 -1.28 31.60 -16.04
N ALA E 261 -1.88 31.96 -17.18
CA ALA E 261 -2.43 33.29 -17.40
C ALA E 261 -3.79 33.44 -16.73
N GLU E 262 -4.45 34.58 -16.96
CA GLU E 262 -5.86 34.70 -16.63
C GLU E 262 -6.58 35.50 -17.67
N PRO E 263 -7.84 35.18 -17.88
CA PRO E 263 -8.54 35.81 -18.95
C PRO E 263 -8.92 37.25 -18.63
N GLN E 264 -8.97 37.65 -17.36
CA GLN E 264 -9.35 39.05 -17.07
C GLN E 264 -8.13 39.95 -16.98
N PHE E 265 -7.02 39.50 -17.55
CA PHE E 265 -5.77 40.27 -17.55
C PHE E 265 -4.90 39.84 -18.73
N ARG E 266 -4.21 40.81 -19.30
CA ARG E 266 -3.43 40.53 -20.51
C ARG E 266 -2.35 39.51 -20.24
N PRO E 267 -2.38 38.39 -21.01
CA PRO E 267 -1.36 37.35 -20.87
C PRO E 267 0.01 37.88 -21.29
N ALA E 268 0.00 38.90 -22.15
CA ALA E 268 1.16 39.68 -22.50
C ALA E 268 2.39 39.34 -21.66
N VAL E 269 2.34 39.63 -20.35
CA VAL E 269 3.53 39.53 -19.46
C VAL E 269 4.05 38.10 -19.24
N VAL E 270 3.15 37.14 -19.39
CA VAL E 270 3.42 35.75 -19.11
C VAL E 270 4.07 35.04 -20.33
N GLU E 271 3.53 35.19 -21.55
CA GLU E 271 4.36 34.98 -22.74
C GLU E 271 5.46 35.98 -22.44
N ALA E 272 6.68 35.76 -22.93
CA ALA E 272 7.84 36.41 -22.30
C ALA E 272 8.08 35.54 -21.10
N VAL E 273 9.05 35.88 -20.25
CA VAL E 273 9.45 35.02 -19.11
C VAL E 273 9.08 33.54 -19.32
N ALA E 274 9.14 33.06 -20.56
CA ALA E 274 8.63 31.72 -20.90
C ALA E 274 8.99 31.41 -22.32
N ARG E 275 8.75 32.34 -23.23
CA ARG E 275 9.20 32.16 -24.60
C ARG E 275 10.69 31.81 -24.63
N GLY E 276 11.01 30.78 -25.41
CA GLY E 276 12.36 30.23 -25.43
C GLY E 276 12.48 28.95 -24.63
N THR E 277 11.75 28.90 -23.51
CA THR E 277 11.91 27.84 -22.49
C THR E 277 11.02 26.63 -22.75
N SER E 278 11.24 25.56 -22.01
CA SER E 278 10.45 24.35 -22.19
C SER E 278 9.20 24.32 -21.29
N VAL E 279 8.85 25.47 -20.73
CA VAL E 279 7.62 25.63 -19.99
C VAL E 279 6.42 25.67 -20.93
N ARG E 280 5.38 24.93 -20.57
CA ARG E 280 4.11 24.95 -21.29
C ARG E 280 3.26 26.10 -20.70
N MET E 281 2.21 26.51 -21.42
CA MET E 281 1.40 27.59 -20.94
C MET E 281 -0.11 27.30 -20.97
N GLY E 282 -0.81 27.78 -19.93
CA GLY E 282 -2.26 27.65 -19.84
C GLY E 282 -2.92 28.86 -19.22
N THR E 283 -4.18 28.66 -18.81
CA THR E 283 -5.01 29.74 -18.23
C THR E 283 -5.89 29.22 -17.11
N LEU E 284 -6.13 30.05 -16.10
CA LEU E 284 -7.01 29.72 -14.99
C LEU E 284 -8.01 30.85 -14.89
N ASP E 285 -9.29 30.50 -14.76
CA ASP E 285 -10.35 31.49 -14.61
C ASP E 285 -10.99 31.26 -13.28
N PRO E 286 -10.63 32.11 -12.30
CA PRO E 286 -11.10 32.01 -10.95
C PRO E 286 -12.47 32.62 -10.72
N LEU E 287 -13.08 33.17 -11.78
CA LEU E 287 -14.44 33.60 -11.67
C LEU E 287 -15.38 32.79 -12.54
N GLY E 288 -14.88 31.72 -13.17
CA GLY E 288 -15.69 30.90 -14.10
C GLY E 288 -16.56 31.75 -15.02
N THR E 289 -16.00 32.82 -15.55
CA THR E 289 -16.76 33.84 -16.24
C THR E 289 -17.64 33.27 -17.33
N ASN E 290 -17.28 32.09 -17.83
CA ASN E 290 -17.93 31.51 -19.01
C ASN E 290 -18.83 30.36 -18.66
N ILE E 291 -19.37 30.39 -17.45
CA ILE E 291 -20.24 29.33 -16.95
C ILE E 291 -21.55 29.97 -16.54
N LYS E 292 -22.67 29.35 -16.93
CA LYS E 292 -23.97 29.95 -16.67
C LYS E 292 -24.45 29.56 -15.28
N LEU E 293 -25.03 30.53 -14.58
CA LEU E 293 -25.70 30.24 -13.32
C LEU E 293 -26.70 29.07 -13.46
N GLY E 294 -26.81 28.26 -12.41
CA GLY E 294 -27.61 27.04 -12.47
C GLY E 294 -27.33 26.15 -11.28
N LYS E 295 -28.03 25.03 -11.18
CA LYS E 295 -27.82 24.17 -10.04
C LYS E 295 -26.40 23.59 -10.05
N THR E 296 -26.06 23.04 -11.22
CA THR E 296 -24.83 22.32 -11.43
C THR E 296 -23.68 23.23 -11.85
N SER E 297 -23.84 24.53 -11.66
CA SER E 297 -22.85 25.50 -12.09
C SER E 297 -21.61 25.49 -11.17
N TYR E 298 -21.81 25.41 -9.86
CA TYR E 298 -20.64 25.47 -9.02
C TYR E 298 -19.81 24.21 -9.15
N SER E 299 -20.45 23.05 -9.20
CA SER E 299 -19.70 21.82 -9.44
C SER E 299 -18.95 21.89 -10.79
N ALA E 300 -19.56 22.52 -11.79
CA ALA E 300 -18.91 22.74 -13.09
C ALA E 300 -17.67 23.63 -12.99
N PHE E 301 -17.80 24.70 -12.22
CA PHE E 301 -16.68 25.61 -11.92
C PHE E 301 -15.45 24.81 -11.46
N LEU E 302 -15.59 24.01 -10.39
CA LEU E 302 -14.46 23.24 -9.87
C LEU E 302 -13.86 22.28 -10.91
N ASN E 303 -14.74 21.61 -11.66
CA ASN E 303 -14.31 20.70 -12.69
C ASN E 303 -13.58 21.39 -13.84
N GLN E 304 -14.01 22.61 -14.12
CA GLN E 304 -13.44 23.37 -15.20
C GLN E 304 -12.04 23.72 -14.75
N LEU E 305 -11.96 24.44 -13.65
CA LEU E 305 -10.70 24.79 -13.02
C LEU E 305 -9.72 23.63 -12.93
N ALA E 306 -10.21 22.46 -12.53
CA ALA E 306 -9.36 21.27 -12.48
C ALA E 306 -8.81 20.99 -13.86
N ASN E 307 -9.70 20.94 -14.83
CA ASN E 307 -9.29 20.72 -16.20
C ASN E 307 -8.33 21.78 -16.73
N GLN E 308 -8.50 23.02 -16.30
CA GLN E 308 -7.59 24.11 -16.71
C GLN E 308 -6.16 23.80 -16.26
N TYR E 309 -5.99 23.58 -14.95
CA TYR E 309 -4.71 23.17 -14.33
C TYR E 309 -4.11 21.94 -15.02
N ALA E 310 -4.93 20.91 -15.10
CA ALA E 310 -4.50 19.63 -15.56
C ALA E 310 -4.18 19.58 -17.05
N SER E 311 -4.88 20.37 -17.85
CA SER E 311 -4.74 20.25 -19.30
C SER E 311 -3.36 20.67 -19.75
N CYS E 312 -2.76 21.54 -18.93
CA CYS E 312 -1.39 21.99 -19.05
C CYS E 312 -0.40 21.09 -18.32
N LEU E 313 -0.71 20.77 -17.06
CA LEU E 313 0.22 20.02 -16.20
C LEU E 313 0.40 18.47 -16.44
N LYS E 314 -0.60 17.80 -17.01
CA LYS E 314 -0.50 16.39 -17.36
C LYS E 314 0.80 15.92 -17.98
N GLY E 315 1.12 14.64 -17.76
CA GLY E 315 1.89 13.88 -18.72
C GLY E 315 3.21 13.48 -18.21
N ASP E 316 4.06 13.09 -19.15
CA ASP E 316 5.49 12.88 -18.89
C ASP E 316 5.78 12.05 -17.62
N ALA F 32 -4.49 37.85 -61.80
CA ALA F 32 -4.15 37.37 -60.43
C ALA F 32 -3.52 35.98 -60.47
N VAL F 33 -2.75 35.68 -59.43
CA VAL F 33 -2.28 34.34 -59.21
C VAL F 33 -3.35 33.64 -58.38
N VAL F 34 -3.91 32.55 -58.90
CA VAL F 34 -4.93 31.80 -58.21
C VAL F 34 -4.37 30.46 -57.68
N ALA F 35 -4.16 30.42 -56.37
CA ALA F 35 -3.70 29.24 -55.67
C ALA F 35 -4.88 28.40 -55.23
N SER F 36 -4.69 27.10 -55.21
CA SER F 36 -5.73 26.20 -54.77
C SER F 36 -5.89 26.20 -53.25
N LEU F 37 -4.79 26.05 -52.53
CA LEU F 37 -4.83 25.98 -51.06
C LEU F 37 -4.14 27.17 -50.46
N LYS F 38 -4.49 27.49 -49.23
CA LYS F 38 -4.01 28.72 -48.65
C LYS F 38 -2.49 28.78 -48.48
N PRO F 39 -1.82 27.66 -48.17
CA PRO F 39 -0.36 27.85 -48.03
C PRO F 39 0.38 27.93 -49.38
N LEU F 40 -0.22 27.41 -50.44
CA LEU F 40 0.25 27.72 -51.77
C LEU F 40 0.03 29.22 -52.07
N GLY F 41 -1.06 29.79 -51.57
CA GLY F 41 -1.24 31.23 -51.64
C GLY F 41 -0.07 31.91 -50.97
N PHE F 42 0.23 31.53 -49.73
CA PHE F 42 1.31 32.18 -48.96
C PHE F 42 2.61 32.33 -49.74
N ILE F 43 2.88 31.31 -50.53
CA ILE F 43 4.07 31.24 -51.36
C ILE F 43 3.90 32.20 -52.52
N ALA F 44 2.90 31.96 -53.34
CA ALA F 44 2.63 32.85 -54.44
C ALA F 44 2.52 34.32 -53.97
N SER F 45 1.91 34.58 -52.81
CA SER F 45 1.75 35.96 -52.36
C SER F 45 3.11 36.64 -52.15
N ALA F 46 4.15 35.83 -51.87
CA ALA F 46 5.51 36.34 -51.63
C ALA F 46 6.22 36.69 -52.91
N ILE F 47 5.98 35.89 -53.93
CA ILE F 47 6.65 36.04 -55.22
C ILE F 47 5.97 37.13 -56.04
N ALA F 48 4.64 37.13 -56.07
CA ALA F 48 3.88 38.09 -56.86
C ALA F 48 3.49 39.30 -56.04
N ASP F 49 4.22 39.54 -54.95
CA ASP F 49 3.96 40.72 -54.13
C ASP F 49 4.30 41.94 -54.96
N GLY F 50 3.42 42.93 -54.94
CA GLY F 50 3.64 44.14 -55.73
C GLY F 50 3.52 43.98 -57.24
N VAL F 51 3.05 42.85 -57.73
CA VAL F 51 2.99 42.61 -59.17
C VAL F 51 1.57 42.23 -59.60
N THR F 52 0.95 41.38 -58.81
CA THR F 52 -0.45 41.04 -58.98
C THR F 52 -0.89 40.48 -57.63
N ASP F 53 -2.19 40.41 -57.41
CA ASP F 53 -2.69 39.87 -56.17
C ASP F 53 -2.79 38.36 -56.30
N THR F 54 -2.82 37.72 -55.14
CA THR F 54 -2.92 36.27 -55.02
C THR F 54 -4.32 35.90 -54.54
N GLN F 55 -4.84 34.77 -55.01
CA GLN F 55 -6.19 34.33 -54.64
C GLN F 55 -6.26 32.84 -54.35
N VAL F 56 -6.85 32.51 -53.20
CA VAL F 56 -6.96 31.14 -52.74
C VAL F 56 -8.37 30.66 -53.03
N LEU F 57 -8.49 29.46 -53.57
CA LEU F 57 -9.80 28.93 -53.92
C LEU F 57 -10.50 28.28 -52.73
N LEU F 58 -9.81 27.33 -52.11
CA LEU F 58 -10.32 26.59 -50.96
C LEU F 58 -10.42 27.52 -49.74
N PRO F 59 -11.67 27.80 -49.30
CA PRO F 59 -11.96 28.80 -48.28
C PRO F 59 -11.54 28.36 -46.89
N ASP F 60 -11.33 29.33 -46.02
CA ASP F 60 -10.78 29.03 -44.69
C ASP F 60 -11.69 28.09 -43.95
N GLY F 61 -11.11 27.03 -43.41
CA GLY F 61 -11.87 26.10 -42.60
C GLY F 61 -12.49 24.97 -43.41
N ALA F 62 -12.37 24.99 -44.73
CA ALA F 62 -12.72 23.82 -45.53
C ALA F 62 -11.51 22.94 -45.55
N SER F 63 -11.72 21.68 -45.93
CA SER F 63 -10.63 20.72 -46.04
C SER F 63 -10.32 20.44 -47.47
N GLU F 64 -9.03 20.41 -47.76
CA GLU F 64 -8.46 19.84 -48.98
C GLU F 64 -9.15 18.54 -49.52
N HIS F 65 -9.49 17.59 -48.67
CA HIS F 65 -10.36 16.47 -49.08
C HIS F 65 -11.76 16.91 -48.70
N ASP F 66 -12.68 17.05 -49.65
CA ASP F 66 -14.04 17.58 -49.39
C ASP F 66 -14.17 19.10 -49.68
N TYR F 67 -13.94 19.45 -50.94
CA TYR F 67 -14.41 20.70 -51.55
C TYR F 67 -14.87 20.36 -52.97
N SER F 68 -15.59 21.28 -53.59
CA SER F 68 -15.86 21.29 -55.03
C SER F 68 -16.09 22.73 -55.43
N LEU F 69 -15.70 23.04 -56.66
CA LEU F 69 -15.52 24.41 -57.06
C LEU F 69 -16.84 25.07 -57.28
N ARG F 70 -17.02 26.22 -56.63
CA ARG F 70 -18.11 27.12 -56.95
C ARG F 70 -18.02 27.52 -58.43
N PRO F 71 -19.14 27.76 -59.07
CA PRO F 71 -19.11 28.46 -60.33
C PRO F 71 -18.14 29.62 -60.32
N SER F 72 -18.25 30.49 -59.31
CA SER F 72 -17.43 31.70 -59.24
C SER F 72 -15.95 31.40 -59.06
N ASP F 73 -15.65 30.22 -58.53
CA ASP F 73 -14.27 29.79 -58.35
C ASP F 73 -13.69 29.36 -59.67
N VAL F 74 -14.54 28.84 -60.53
CA VAL F 74 -14.06 28.46 -61.83
C VAL F 74 -13.82 29.72 -62.67
N LYS F 75 -14.64 30.75 -62.48
CA LYS F 75 -14.37 32.02 -63.14
C LYS F 75 -12.98 32.47 -62.78
N ARG F 76 -12.67 32.52 -61.47
CA ARG F 76 -11.34 32.93 -61.02
C ARG F 76 -10.20 32.13 -61.68
N LEU F 77 -10.40 30.82 -61.88
CA LEU F 77 -9.43 30.00 -62.63
C LEU F 77 -9.29 30.34 -64.12
N GLN F 78 -10.43 30.53 -64.79
CA GLN F 78 -10.46 30.80 -66.22
C GLN F 78 -9.71 32.11 -66.50
N GLY F 79 -9.84 33.08 -65.61
CA GLY F 79 -9.20 34.38 -65.80
C GLY F 79 -8.02 34.62 -64.87
N ALA F 80 -7.36 33.57 -64.44
CA ALA F 80 -6.15 33.75 -63.66
C ALA F 80 -5.01 33.94 -64.63
N ASP F 81 -4.03 34.76 -64.23
CA ASP F 81 -2.73 34.88 -64.93
C ASP F 81 -1.97 33.57 -64.80
N LEU F 82 -1.85 33.11 -63.56
CA LEU F 82 -1.16 31.89 -63.23
C LEU F 82 -1.96 31.10 -62.18
N VAL F 83 -2.07 29.81 -62.41
CA VAL F 83 -2.71 28.90 -61.48
C VAL F 83 -1.68 28.04 -60.78
N VAL F 84 -1.80 27.89 -59.47
CA VAL F 84 -0.86 27.08 -58.74
C VAL F 84 -1.63 26.06 -58.00
N TRP F 85 -1.21 24.80 -58.16
CA TRP F 85 -1.78 23.71 -57.40
C TRP F 85 -0.80 22.60 -57.35
N ILE F 86 -1.15 21.57 -56.60
CA ILE F 86 -0.24 20.45 -56.38
C ILE F 86 -0.33 19.44 -57.51
N GLY F 87 -1.51 18.90 -57.76
CA GLY F 87 -1.64 17.87 -58.76
C GLY F 87 -2.83 17.02 -58.49
N PRO F 88 -3.20 16.20 -59.45
CA PRO F 88 -4.51 15.58 -59.41
C PRO F 88 -4.66 14.58 -58.27
N GLU F 89 -3.54 14.08 -57.75
CA GLU F 89 -3.60 13.13 -56.65
C GLU F 89 -3.92 13.86 -55.35
N MET F 90 -3.88 15.18 -55.37
CA MET F 90 -4.27 15.98 -54.20
C MET F 90 -5.58 16.73 -54.48
N GLU F 91 -5.52 17.94 -55.04
CA GLU F 91 -6.73 18.73 -55.31
C GLU F 91 -7.60 18.13 -56.41
N ALA F 92 -8.20 16.98 -56.09
CA ALA F 92 -8.99 16.25 -57.04
C ALA F 92 -9.98 17.17 -57.71
N PHE F 93 -10.68 17.91 -56.88
CA PHE F 93 -11.76 18.80 -57.30
C PHE F 93 -11.44 19.82 -58.41
N MET F 94 -10.17 19.97 -58.74
CA MET F 94 -9.85 20.90 -59.79
C MET F 94 -9.03 20.37 -60.94
N GLU F 95 -8.82 19.07 -60.97
CA GLU F 95 -8.25 18.46 -62.12
C GLU F 95 -9.13 19.06 -63.18
N LYS F 96 -10.38 18.69 -63.03
CA LYS F 96 -11.45 19.11 -63.90
C LYS F 96 -11.12 20.35 -64.74
N SER F 97 -11.09 21.50 -64.08
CA SER F 97 -11.08 22.78 -64.75
C SER F 97 -9.70 23.17 -65.28
N VAL F 98 -8.68 22.46 -64.81
CA VAL F 98 -7.30 22.79 -65.10
C VAL F 98 -6.84 22.20 -66.43
N LYS F 99 -7.62 21.30 -67.01
CA LYS F 99 -7.27 20.78 -68.34
C LYS F 99 -7.38 21.81 -69.47
N ASN F 100 -8.28 22.80 -69.33
CA ASN F 100 -8.37 23.90 -70.31
C ASN F 100 -7.20 24.88 -70.26
N ILE F 101 -6.61 25.01 -69.07
CA ILE F 101 -5.48 25.92 -68.90
C ILE F 101 -4.21 25.30 -69.49
N PRO F 102 -3.49 26.08 -70.29
CA PRO F 102 -2.23 25.62 -70.86
C PRO F 102 -1.04 25.73 -69.90
N ASP F 103 0.03 24.99 -70.21
CA ASP F 103 1.20 24.80 -69.32
C ASP F 103 1.95 26.05 -68.89
N GLY F 104 1.92 27.10 -69.69
CA GLY F 104 2.62 28.34 -69.36
C GLY F 104 1.87 29.18 -68.35
N LYS F 105 0.56 28.89 -68.25
CA LYS F 105 -0.36 29.55 -67.31
C LYS F 105 -0.64 28.74 -66.02
N GLN F 106 0.13 27.69 -65.75
CA GLN F 106 -0.02 26.95 -64.51
C GLN F 106 1.22 26.25 -63.98
N VAL F 107 1.21 25.97 -62.70
CA VAL F 107 2.32 25.32 -62.02
C VAL F 107 1.75 24.18 -61.24
N THR F 108 2.15 22.97 -61.59
CA THR F 108 1.62 21.75 -60.99
C THR F 108 2.70 21.07 -60.18
N ILE F 109 2.70 21.31 -58.88
CA ILE F 109 3.86 21.09 -58.02
C ILE F 109 4.28 19.62 -57.81
N ALA F 110 3.34 18.68 -57.89
CA ALA F 110 3.66 17.26 -57.76
C ALA F 110 4.45 16.74 -58.95
N GLN F 111 4.27 17.39 -60.11
CA GLN F 111 5.00 17.04 -61.33
C GLN F 111 6.05 18.09 -61.70
N LEU F 112 6.89 18.46 -60.76
CA LEU F 112 7.95 19.39 -61.07
C LEU F 112 9.23 18.61 -61.14
N ALA F 113 10.20 19.18 -61.85
CA ALA F 113 11.52 18.61 -61.96
C ALA F 113 12.14 18.27 -60.59
N ASP F 114 12.27 19.26 -59.70
CA ASP F 114 12.99 19.08 -58.42
C ASP F 114 12.18 18.47 -57.29
N VAL F 115 10.89 18.24 -57.51
CA VAL F 115 9.97 17.83 -56.43
C VAL F 115 9.74 16.33 -56.54
N LYS F 116 9.33 15.92 -57.73
CA LYS F 116 9.16 14.53 -58.09
C LYS F 116 10.20 13.65 -57.32
N PRO F 117 11.50 13.93 -57.48
CA PRO F 117 12.47 13.06 -56.81
C PRO F 117 12.31 12.87 -55.31
N LEU F 118 11.70 13.83 -54.60
CA LEU F 118 11.56 13.67 -53.13
C LEU F 118 10.12 13.52 -52.58
N LEU F 119 9.24 12.94 -53.39
CA LEU F 119 7.91 12.51 -52.94
C LEU F 119 8.00 11.29 -52.04
N MET F 120 7.25 11.27 -50.95
CA MET F 120 7.24 10.12 -49.99
C MET F 120 6.05 9.16 -50.23
N LYS F 121 6.04 8.03 -49.53
CA LYS F 121 4.99 7.02 -49.71
C LYS F 121 3.93 7.14 -48.63
N GLY F 122 2.70 6.69 -48.95
CA GLY F 122 1.53 6.86 -48.07
C GLY F 122 1.22 5.66 -47.17
N ALA F 123 1.61 5.75 -45.88
CA ALA F 123 1.68 4.58 -44.98
C ALA F 123 0.31 4.14 -44.41
N ASP F 145 2.03 5.24 -55.01
CA ASP F 145 1.02 6.10 -54.39
C ASP F 145 1.62 6.93 -53.26
N TYR F 146 1.80 8.22 -53.54
CA TYR F 146 2.62 9.10 -52.71
C TYR F 146 1.83 10.10 -51.88
N ASN F 147 2.33 10.42 -50.69
CA ASN F 147 1.78 11.51 -49.85
C ASN F 147 1.90 12.82 -50.60
N MET F 148 0.85 13.63 -50.59
CA MET F 148 0.80 14.84 -51.39
C MET F 148 0.67 16.11 -50.56
N HIS F 149 0.88 16.00 -49.26
CA HIS F 149 0.82 17.16 -48.39
C HIS F 149 2.17 17.87 -48.40
N LEU F 150 2.46 18.42 -49.59
CA LEU F 150 3.78 18.90 -49.96
C LEU F 150 4.05 20.28 -49.47
N TRP F 151 2.98 21.07 -49.41
CA TRP F 151 3.11 22.45 -49.03
C TRP F 151 3.75 22.66 -47.64
N LEU F 152 3.97 21.58 -46.90
CA LEU F 152 4.68 21.66 -45.62
C LEU F 152 6.15 21.24 -45.71
N SER F 153 6.65 21.02 -46.93
CA SER F 153 8.06 20.69 -47.16
C SER F 153 8.79 21.96 -47.54
N PRO F 154 9.72 22.42 -46.69
CA PRO F 154 10.43 23.65 -47.07
C PRO F 154 11.21 23.54 -48.39
N GLU F 155 11.82 22.37 -48.62
CA GLU F 155 12.53 22.12 -49.87
C GLU F 155 11.57 22.22 -51.05
N ILE F 156 10.37 21.68 -50.90
CA ILE F 156 9.40 21.74 -51.98
C ILE F 156 8.85 23.14 -52.17
N ALA F 157 8.57 23.82 -51.08
CA ALA F 157 8.11 25.20 -51.17
C ALA F 157 9.10 26.01 -52.02
N ARG F 158 10.39 25.82 -51.72
CA ARG F 158 11.46 26.49 -52.44
C ARG F 158 11.28 26.25 -53.94
N ALA F 159 11.29 24.97 -54.33
CA ALA F 159 11.11 24.56 -55.73
C ALA F 159 9.87 25.16 -56.40
N SER F 160 8.79 25.28 -55.63
CA SER F 160 7.53 25.84 -56.09
C SER F 160 7.67 27.36 -56.35
N ALA F 161 8.33 28.06 -55.42
CA ALA F 161 8.51 29.51 -55.53
C ALA F 161 9.27 29.83 -56.80
N VAL F 162 10.36 29.10 -56.97
CA VAL F 162 11.16 29.11 -58.19
C VAL F 162 10.30 28.99 -59.43
N ALA F 163 9.48 27.95 -59.49
CA ALA F 163 8.73 27.66 -60.71
C ALA F 163 7.65 28.69 -60.97
N ILE F 164 7.04 29.21 -59.91
CA ILE F 164 6.09 30.31 -59.99
C ILE F 164 6.80 31.52 -60.59
N HIS F 165 7.89 31.91 -59.96
CA HIS F 165 8.70 33.04 -60.44
C HIS F 165 9.05 32.93 -61.91
N GLU F 166 9.55 31.77 -62.30
CA GLU F 166 9.83 31.53 -63.70
C GLU F 166 8.63 31.86 -64.60
N LYS F 167 7.47 31.32 -64.27
CA LYS F 167 6.29 31.47 -65.12
C LYS F 167 5.80 32.89 -65.12
N LEU F 168 6.07 33.63 -64.04
CA LEU F 168 5.59 35.01 -63.97
C LEU F 168 6.48 35.91 -64.81
N VAL F 169 7.79 35.73 -64.68
CA VAL F 169 8.74 36.41 -65.55
C VAL F 169 8.34 36.26 -67.01
N GLU F 170 7.97 35.05 -67.40
CA GLU F 170 7.46 34.74 -68.76
C GLU F 170 6.26 35.58 -69.12
N LEU F 171 5.24 35.51 -68.27
CA LEU F 171 3.96 36.17 -68.53
C LEU F 171 4.01 37.68 -68.32
N MET F 172 4.81 38.15 -67.34
CA MET F 172 4.85 39.54 -66.94
C MET F 172 6.31 40.04 -66.97
N PRO F 173 6.88 40.10 -68.19
CA PRO F 173 8.31 40.34 -68.36
C PRO F 173 8.75 41.73 -67.95
N GLN F 174 7.84 42.70 -67.96
CA GLN F 174 8.17 44.05 -67.54
C GLN F 174 8.28 44.17 -66.01
N SER F 175 8.00 43.10 -65.27
CA SER F 175 8.14 43.14 -63.81
C SER F 175 9.32 42.31 -63.29
N ARG F 176 10.08 41.71 -64.20
CA ARG F 176 11.29 40.95 -63.84
C ARG F 176 12.12 41.53 -62.68
N ALA F 177 12.23 42.86 -62.67
CA ALA F 177 12.95 43.57 -61.62
C ALA F 177 12.52 43.10 -60.24
N LYS F 178 11.25 43.37 -59.96
CA LYS F 178 10.58 43.14 -58.70
C LYS F 178 10.51 41.65 -58.40
N LEU F 179 10.03 40.87 -59.37
CA LEU F 179 9.93 39.41 -59.22
C LEU F 179 11.23 38.76 -58.73
N ASP F 180 12.32 38.99 -59.47
CA ASP F 180 13.63 38.50 -59.05
C ASP F 180 13.90 38.87 -57.58
N ALA F 181 13.60 40.12 -57.22
CA ALA F 181 13.86 40.62 -55.88
C ALA F 181 12.92 40.04 -54.79
N ASN F 182 11.67 39.79 -55.15
CA ASN F 182 10.71 39.13 -54.27
C ASN F 182 11.11 37.71 -53.91
N LEU F 183 11.65 37.04 -54.91
CA LEU F 183 12.10 35.66 -54.80
C LEU F 183 13.32 35.56 -53.92
N LYS F 184 14.33 36.36 -54.23
CA LYS F 184 15.49 36.44 -53.36
C LYS F 184 15.07 36.56 -51.88
N ASP F 185 14.14 37.47 -51.58
CA ASP F 185 13.72 37.73 -50.17
C ASP F 185 13.07 36.51 -49.58
N PHE F 186 12.20 35.90 -50.37
CA PHE F 186 11.56 34.67 -49.96
C PHE F 186 12.62 33.64 -49.56
N GLU F 187 13.50 33.31 -50.50
CA GLU F 187 14.54 32.33 -50.22
C GLU F 187 15.28 32.66 -48.93
N ALA F 188 15.46 33.94 -48.65
CA ALA F 188 16.13 34.37 -47.42
C ALA F 188 15.31 34.17 -46.15
N GLN F 189 14.06 34.68 -46.14
CA GLN F 189 13.17 34.44 -45.00
C GLN F 189 13.13 32.93 -44.78
N LEU F 190 12.76 32.20 -45.85
CA LEU F 190 12.52 30.77 -45.78
C LEU F 190 13.69 30.05 -45.14
N ALA F 191 14.89 30.35 -45.63
CA ALA F 191 16.12 29.78 -45.09
C ALA F 191 16.28 30.10 -43.61
N ALA F 192 16.14 31.37 -43.25
CA ALA F 192 16.28 31.78 -41.85
C ALA F 192 15.16 31.23 -40.94
N THR F 193 13.98 30.93 -41.51
CA THR F 193 12.90 30.33 -40.73
C THR F 193 13.31 28.85 -40.48
N ASP F 194 13.64 28.13 -41.56
CA ASP F 194 14.05 26.72 -41.48
C ASP F 194 15.10 26.47 -40.40
N LYS F 195 15.85 27.50 -40.08
CA LYS F 195 16.77 27.45 -38.99
C LYS F 195 16.01 27.53 -37.64
N GLN F 196 15.16 28.52 -37.48
CA GLN F 196 14.55 28.80 -36.16
C GLN F 196 13.60 27.71 -35.76
N VAL F 197 12.85 27.23 -36.74
CA VAL F 197 11.96 26.11 -36.54
C VAL F 197 12.81 24.96 -36.05
N GLY F 198 13.74 24.54 -36.88
CA GLY F 198 14.64 23.45 -36.55
C GLY F 198 15.04 23.41 -35.09
N ASN F 199 15.45 24.56 -34.57
CA ASN F 199 15.86 24.67 -33.17
C ASN F 199 14.72 24.48 -32.21
N GLU F 200 13.59 25.16 -32.49
CA GLU F 200 12.40 25.02 -31.65
C GLU F 200 11.94 23.56 -31.56
N LEU F 201 11.95 22.85 -32.70
CA LEU F 201 11.45 21.48 -32.76
C LEU F 201 12.47 20.42 -32.37
N ALA F 202 13.75 20.76 -32.47
CA ALA F 202 14.81 19.82 -32.11
C ALA F 202 14.59 19.08 -30.74
N PRO F 203 14.32 19.81 -29.65
CA PRO F 203 14.10 19.08 -28.37
C PRO F 203 12.80 18.21 -28.26
N LEU F 204 12.01 18.11 -29.33
CA LEU F 204 10.78 17.33 -29.32
C LEU F 204 11.00 16.03 -30.07
N LYS F 205 12.24 15.85 -30.55
CA LYS F 205 12.63 14.58 -31.12
C LYS F 205 12.43 13.61 -29.98
N GLY F 206 11.77 12.50 -30.28
CA GLY F 206 11.58 11.43 -29.31
C GLY F 206 10.19 11.40 -28.74
N LYS F 207 9.74 12.54 -28.25
CA LYS F 207 8.35 12.69 -27.82
C LYS F 207 7.43 12.22 -28.95
N GLY F 208 6.60 11.25 -28.59
CA GLY F 208 5.59 10.68 -29.48
C GLY F 208 4.20 11.25 -29.22
N TYR F 209 3.44 11.37 -30.30
CA TYR F 209 2.15 12.03 -30.29
C TYR F 209 1.31 11.40 -31.39
N PHE F 210 0.03 11.76 -31.48
CA PHE F 210 -0.86 11.27 -32.55
C PHE F 210 -1.50 12.46 -33.23
N VAL F 211 -1.66 12.38 -34.55
CA VAL F 211 -2.31 13.45 -35.30
C VAL F 211 -3.57 12.91 -35.93
N PHE F 212 -4.54 13.78 -36.08
CA PHE F 212 -5.78 13.46 -36.76
C PHE F 212 -5.33 13.62 -38.17
N HIS F 213 -5.53 12.65 -39.06
CA HIS F 213 -5.28 12.92 -40.49
C HIS F 213 -3.77 13.09 -40.87
N ASP F 214 -3.30 12.34 -41.87
CA ASP F 214 -1.86 12.26 -42.21
C ASP F 214 -1.37 13.33 -43.20
N ALA F 215 -0.97 14.49 -42.71
CA ALA F 215 -0.62 15.66 -43.56
C ALA F 215 0.84 16.11 -43.40
N TYR F 216 1.46 15.65 -42.35
CA TYR F 216 2.61 16.34 -41.81
C TYR F 216 3.88 15.55 -42.08
N GLY F 217 3.79 14.52 -42.93
CA GLY F 217 4.93 13.66 -43.14
C GLY F 217 6.17 14.48 -43.48
N TYR F 218 5.99 15.34 -44.48
CA TYR F 218 7.09 16.07 -45.07
C TYR F 218 7.75 16.95 -44.04
N TYR F 219 6.93 17.72 -43.36
CA TYR F 219 7.37 18.59 -42.28
C TYR F 219 8.00 17.81 -41.16
N GLU F 220 7.31 16.78 -40.70
CA GLU F 220 7.78 15.99 -39.56
C GLU F 220 9.11 15.33 -39.89
N LYS F 221 9.25 14.77 -41.11
CA LYS F 221 10.49 14.05 -41.43
C LYS F 221 11.66 15.00 -41.50
N HIS F 222 11.42 16.14 -42.12
CA HIS F 222 12.41 17.19 -42.28
C HIS F 222 12.93 17.78 -40.95
N TYR F 223 12.06 18.00 -39.97
CA TYR F 223 12.50 18.50 -38.67
C TYR F 223 12.71 17.39 -37.61
N GLY F 224 12.59 16.15 -38.06
CA GLY F 224 12.88 14.96 -37.25
C GLY F 224 11.92 14.73 -36.11
N LEU F 225 10.64 14.96 -36.35
CA LEU F 225 9.64 14.69 -35.32
C LEU F 225 9.33 13.23 -35.32
N THR F 226 8.63 12.79 -34.28
CA THR F 226 8.54 11.39 -33.91
C THR F 226 7.11 10.93 -33.69
N PRO F 227 6.29 11.03 -34.72
CA PRO F 227 4.89 10.78 -34.58
C PRO F 227 4.62 9.30 -34.34
N LEU F 228 3.81 8.96 -33.32
CA LEU F 228 3.39 7.56 -33.10
C LEU F 228 2.40 7.11 -34.18
N GLY F 229 1.74 8.07 -34.84
CA GLY F 229 0.89 7.74 -35.98
C GLY F 229 -0.29 8.67 -36.10
N HIS F 230 -1.18 8.32 -37.02
CA HIS F 230 -2.35 9.13 -37.30
C HIS F 230 -3.69 8.43 -37.03
N PHE F 231 -4.74 9.22 -36.81
CA PHE F 231 -6.09 8.66 -36.63
C PHE F 231 -6.67 8.24 -37.96
N THR F 232 -6.67 9.14 -38.93
CA THR F 232 -7.07 8.78 -40.27
C THR F 232 -6.01 9.15 -41.29
N VAL F 233 -6.38 8.96 -42.55
CA VAL F 233 -5.62 9.44 -43.66
C VAL F 233 -6.50 10.42 -44.44
N ASN F 234 -7.52 9.90 -45.10
CA ASN F 234 -8.63 10.75 -45.50
C ASN F 234 -9.46 10.93 -44.26
N PRO F 235 -9.67 12.18 -43.84
CA PRO F 235 -10.52 12.43 -42.69
C PRO F 235 -12.04 12.53 -42.97
N GLU F 236 -12.50 12.09 -44.14
CA GLU F 236 -13.93 11.81 -44.33
C GLU F 236 -14.27 10.38 -43.85
N ILE F 237 -13.25 9.56 -43.63
CA ILE F 237 -13.41 8.26 -42.96
C ILE F 237 -13.29 8.52 -41.46
N GLN F 238 -13.82 7.61 -40.63
CA GLN F 238 -14.15 7.97 -39.25
C GLN F 238 -13.06 8.08 -38.16
N PRO F 239 -12.20 7.08 -37.99
CA PRO F 239 -12.14 5.85 -38.75
C PRO F 239 -12.93 4.76 -38.11
N GLY F 240 -12.97 4.76 -36.77
CA GLY F 240 -13.26 3.56 -35.99
C GLY F 240 -12.32 2.43 -36.38
N ALA F 241 -12.47 1.25 -35.78
CA ALA F 241 -13.11 1.06 -34.48
C ALA F 241 -12.02 0.37 -33.68
N GLN F 242 -11.36 -0.54 -34.36
CA GLN F 242 -10.05 -1.05 -33.97
C GLN F 242 -8.96 0.01 -33.98
N ARG F 243 -9.00 0.90 -34.98
CA ARG F 243 -8.07 2.03 -35.06
C ARG F 243 -8.09 2.76 -33.77
N LEU F 244 -9.30 3.16 -33.36
CA LEU F 244 -9.49 3.86 -32.11
C LEU F 244 -9.07 3.06 -30.83
N HIS F 245 -9.18 1.74 -30.88
CA HIS F 245 -8.66 0.92 -29.81
C HIS F 245 -7.14 0.96 -29.72
N GLU F 246 -6.46 0.73 -30.83
CA GLU F 246 -4.99 0.68 -30.82
C GLU F 246 -4.35 1.95 -30.31
N ILE F 247 -5.01 3.05 -30.59
CA ILE F 247 -4.60 4.35 -30.08
C ILE F 247 -4.81 4.34 -28.56
N ARG F 248 -6.04 4.06 -28.12
CA ARG F 248 -6.40 4.13 -26.71
C ARG F 248 -5.32 3.42 -25.92
N THR F 249 -5.08 2.16 -26.27
CA THR F 249 -4.15 1.34 -25.49
C THR F 249 -2.78 2.02 -25.39
N GLN F 250 -2.32 2.50 -26.54
CA GLN F 250 -1.08 3.24 -26.59
C GLN F 250 -1.06 4.43 -25.62
N LEU F 251 -2.16 5.13 -25.49
CA LEU F 251 -2.18 6.35 -24.67
C LEU F 251 -2.19 6.06 -23.18
N VAL F 252 -2.96 5.04 -22.80
CA VAL F 252 -3.03 4.63 -21.39
C VAL F 252 -1.80 3.90 -20.94
N GLU F 253 -1.07 3.27 -21.88
CA GLU F 253 0.21 2.63 -21.57
C GLU F 253 1.35 3.67 -21.64
N GLN F 254 1.20 4.75 -20.86
CA GLN F 254 1.92 6.02 -21.04
C GLN F 254 2.22 6.31 -22.51
N LYS F 255 3.47 6.23 -22.95
CA LYS F 255 3.78 6.04 -24.38
C LYS F 255 3.56 7.23 -25.34
N ALA F 256 2.57 8.08 -25.06
CA ALA F 256 2.28 9.25 -25.91
C ALA F 256 2.13 10.48 -25.05
N THR F 257 2.70 11.59 -25.51
CA THR F 257 2.72 12.84 -24.75
C THR F 257 1.56 13.69 -25.16
N CYS F 258 1.38 13.85 -26.47
CA CYS F 258 0.30 14.69 -26.98
C CYS F 258 -0.61 14.00 -28.01
N VAL F 259 -1.82 14.54 -28.13
CA VAL F 259 -2.70 14.22 -29.21
C VAL F 259 -3.15 15.53 -29.88
N PHE F 260 -3.25 15.52 -31.21
CA PHE F 260 -3.48 16.72 -32.00
C PHE F 260 -4.74 16.64 -32.85
N ALA F 261 -5.64 17.56 -32.55
CA ALA F 261 -6.87 17.75 -33.30
C ALA F 261 -6.59 18.57 -34.56
N GLU F 262 -7.66 18.92 -35.25
CA GLU F 262 -7.56 19.93 -36.29
C GLU F 262 -8.78 20.80 -36.29
N PRO F 263 -8.60 22.06 -36.71
CA PRO F 263 -9.69 23.00 -36.65
C PRO F 263 -10.73 22.82 -37.77
N GLN F 264 -10.39 22.17 -38.85
CA GLN F 264 -11.44 21.91 -39.85
C GLN F 264 -12.20 20.57 -39.66
N PHE F 265 -12.14 19.99 -38.45
CA PHE F 265 -12.78 18.70 -38.14
C PHE F 265 -13.08 18.62 -36.64
N ARG F 266 -14.21 17.98 -36.31
CA ARG F 266 -14.63 17.88 -34.93
C ARG F 266 -13.64 17.10 -34.07
N PRO F 267 -13.12 17.78 -33.04
CA PRO F 267 -12.17 17.16 -32.12
C PRO F 267 -12.83 16.04 -31.36
N ALA F 268 -14.16 16.14 -31.24
CA ALA F 268 -15.02 15.08 -30.73
C ALA F 268 -14.28 13.75 -30.49
N VAL F 269 -13.80 13.12 -31.58
CA VAL F 269 -13.25 11.75 -31.52
C VAL F 269 -11.96 11.63 -30.74
N VAL F 270 -11.24 12.74 -30.68
CA VAL F 270 -9.92 12.80 -30.08
C VAL F 270 -10.03 13.00 -28.55
N GLU F 271 -10.81 13.96 -28.07
CA GLU F 271 -11.30 13.85 -26.67
C GLU F 271 -12.01 12.47 -26.75
N ALA F 272 -12.11 11.72 -25.67
CA ALA F 272 -12.34 10.25 -25.81
C ALA F 272 -10.94 9.78 -26.06
N VAL F 273 -10.75 8.48 -26.28
CA VAL F 273 -9.41 7.92 -26.43
C VAL F 273 -8.29 8.71 -25.76
N ALA F 274 -8.58 9.35 -24.64
CA ALA F 274 -7.68 10.36 -24.06
C ALA F 274 -8.23 10.79 -22.75
N ARG F 275 -9.51 11.10 -22.72
CA ARG F 275 -10.14 11.41 -21.44
C ARG F 275 -9.87 10.29 -20.42
N GLY F 276 -9.46 10.70 -19.22
CA GLY F 276 -8.96 9.76 -18.22
C GLY F 276 -7.43 9.76 -18.12
N THR F 277 -6.77 9.90 -19.28
CA THR F 277 -5.33 9.66 -19.43
C THR F 277 -4.49 10.88 -19.22
N SER F 278 -3.18 10.69 -19.10
CA SER F 278 -2.26 11.80 -18.82
C SER F 278 -1.73 12.45 -20.11
N VAL F 279 -2.36 12.11 -21.23
CA VAL F 279 -2.05 12.75 -22.49
C VAL F 279 -2.55 14.18 -22.52
N ARG F 280 -1.69 15.09 -23.00
CA ARG F 280 -2.04 16.49 -23.22
C ARG F 280 -2.68 16.58 -24.60
N MET F 281 -3.41 17.66 -24.86
CA MET F 281 -4.07 17.79 -26.14
C MET F 281 -3.86 19.14 -26.79
N GLY F 282 -3.69 19.12 -28.11
CA GLY F 282 -3.45 20.34 -28.89
C GLY F 282 -4.13 20.29 -30.24
N THR F 283 -3.69 21.20 -31.13
CA THR F 283 -4.26 21.36 -32.49
C THR F 283 -3.19 21.72 -33.52
N LEU F 284 -3.34 21.20 -34.74
CA LEU F 284 -2.44 21.51 -35.85
C LEU F 284 -3.31 21.97 -36.98
N ASP F 285 -2.93 23.07 -37.61
CA ASP F 285 -3.71 23.61 -38.72
C ASP F 285 -2.78 23.60 -39.91
N PRO F 286 -2.98 22.62 -40.78
CA PRO F 286 -2.18 22.41 -41.97
C PRO F 286 -2.58 23.29 -43.15
N LEU F 287 -3.58 24.14 -42.98
CA LEU F 287 -3.86 25.13 -44.00
C LEU F 287 -3.62 26.56 -43.51
N GLY F 288 -3.03 26.72 -42.32
CA GLY F 288 -2.80 28.06 -41.73
C GLY F 288 -3.98 28.99 -41.91
N THR F 289 -5.19 28.48 -41.69
CA THR F 289 -6.44 29.16 -42.07
C THR F 289 -6.53 30.57 -41.51
N ASN F 290 -5.79 30.83 -40.43
CA ASN F 290 -5.87 32.11 -39.73
C ASN F 290 -4.67 33.04 -39.97
N ILE F 291 -4.04 32.93 -41.13
CA ILE F 291 -2.84 33.69 -41.49
C ILE F 291 -3.15 34.41 -42.78
N LYS F 292 -2.80 35.71 -42.84
CA LYS F 292 -3.16 36.54 -44.01
C LYS F 292 -2.10 36.42 -45.10
N LEU F 293 -2.53 36.31 -46.35
CA LEU F 293 -1.63 36.30 -47.49
C LEU F 293 -0.68 37.50 -47.42
N GLY F 294 0.57 37.31 -47.86
CA GLY F 294 1.60 38.33 -47.67
C GLY F 294 2.98 37.76 -47.92
N LYS F 295 4.00 38.61 -47.87
CA LYS F 295 5.31 38.14 -48.24
C LYS F 295 5.75 37.11 -47.20
N THR F 296 5.60 37.52 -45.95
CA THR F 296 6.10 36.76 -44.81
C THR F 296 5.10 35.73 -44.31
N SER F 297 4.09 35.42 -45.12
CA SER F 297 3.02 34.56 -44.69
C SER F 297 3.48 33.13 -44.65
N TYR F 298 4.23 32.69 -45.65
CA TYR F 298 4.60 31.27 -45.65
C TYR F 298 5.60 30.95 -44.55
N SER F 299 6.55 31.83 -44.34
CA SER F 299 7.44 31.65 -43.20
C SER F 299 6.64 31.64 -41.86
N ALA F 300 5.58 32.45 -41.76
CA ALA F 300 4.73 32.48 -40.58
C ALA F 300 4.00 31.18 -40.36
N PHE F 301 3.49 30.62 -41.46
CA PHE F 301 2.87 29.30 -41.45
C PHE F 301 3.76 28.27 -40.75
N LEU F 302 5.00 28.11 -41.22
CA LEU F 302 5.90 27.11 -40.65
C LEU F 302 6.14 27.36 -39.15
N ASN F 303 6.31 28.62 -38.80
CA ASN F 303 6.55 28.99 -37.41
C ASN F 303 5.38 28.74 -36.52
N GLN F 304 4.20 28.91 -37.09
CA GLN F 304 2.95 28.73 -36.36
C GLN F 304 2.82 27.26 -36.05
N LEU F 305 2.80 26.47 -37.12
CA LEU F 305 2.83 25.02 -37.04
C LEU F 305 3.85 24.47 -36.05
N ALA F 306 5.07 25.02 -36.08
CA ALA F 306 6.10 24.62 -35.11
C ALA F 306 5.59 24.89 -33.71
N ASN F 307 5.13 26.11 -33.49
CA ASN F 307 4.61 26.48 -32.20
C ASN F 307 3.40 25.63 -31.77
N GLN F 308 2.57 25.24 -32.74
CA GLN F 308 1.42 24.38 -32.43
C GLN F 308 1.90 23.06 -31.81
N TYR F 309 2.77 22.35 -32.53
CA TYR F 309 3.41 21.10 -32.09
C TYR F 309 4.02 21.30 -30.72
N ALA F 310 4.89 22.32 -30.65
CA ALA F 310 5.79 22.51 -29.54
C ALA F 310 5.05 22.98 -28.30
N SER F 311 3.96 23.71 -28.49
CA SER F 311 3.26 24.27 -27.34
C SER F 311 2.63 23.20 -26.44
N CYS F 312 2.33 22.07 -27.07
CA CYS F 312 1.81 20.88 -26.43
C CYS F 312 2.95 19.99 -25.97
N LEU F 313 3.91 19.73 -26.89
CA LEU F 313 4.99 18.75 -26.66
C LEU F 313 6.15 19.15 -25.69
N LYS F 314 6.45 20.44 -25.52
CA LYS F 314 7.46 20.91 -24.56
C LYS F 314 7.49 20.19 -23.22
N GLY F 315 8.68 20.02 -22.62
CA GLY F 315 8.78 19.38 -21.29
C GLY F 315 10.20 18.98 -20.86
#